data_2K5W
#
_entry.id   2K5W
#
_entity_poly.entity_id   1
_entity_poly.type   'polypeptide(L)'
_entity_poly.pdbx_seq_one_letter_code
;MERASLNRIGKDVYYMQIKGEGTIEKVDGRNLRNYTLPAYDEDGVKKQITFRSTKKENDHKLNKYAFLRLYVDQDDNSKN
EISSIEVKSYEEIQKADLPEKVKDKFTIKLEHHHHHH
;
_entity_poly.pdbx_strand_id   A
#
# COMPACT_ATOMS: atom_id res chain seq x y z
N MET A 1 -15.34 31.59 -1.74
CA MET A 1 -15.13 31.31 -0.29
C MET A 1 -15.86 30.04 0.17
N GLU A 2 -16.56 29.36 -0.75
CA GLU A 2 -17.29 28.13 -0.40
C GLU A 2 -17.58 27.26 -1.65
N ARG A 3 -17.55 25.94 -1.45
CA ARG A 3 -17.90 24.97 -2.51
C ARG A 3 -18.82 23.87 -1.97
N ALA A 4 -19.76 23.42 -2.80
CA ALA A 4 -20.68 22.33 -2.44
C ALA A 4 -20.05 20.94 -2.73
N SER A 5 -18.74 20.84 -2.56
CA SER A 5 -18.01 19.59 -2.82
C SER A 5 -18.00 18.68 -1.58
N LEU A 6 -19.10 18.70 -0.82
CA LEU A 6 -19.19 17.97 0.45
C LEU A 6 -19.24 16.45 0.22
N ASN A 7 -18.23 15.73 0.73
CA ASN A 7 -18.19 14.27 0.70
C ASN A 7 -17.43 13.74 1.92
N ARG A 8 -18.09 12.90 2.72
CA ARG A 8 -17.53 12.45 4.00
C ARG A 8 -17.28 10.93 4.03
N ILE A 9 -17.46 10.26 2.89
CA ILE A 9 -17.33 8.79 2.83
C ILE A 9 -16.07 8.35 2.07
N GLY A 10 -15.30 7.45 2.71
CA GLY A 10 -14.10 6.88 2.07
C GLY A 10 -14.14 5.35 2.01
N LYS A 11 -13.04 4.74 1.61
CA LYS A 11 -12.96 3.27 1.51
C LYS A 11 -11.66 2.73 2.14
N ASP A 12 -11.69 1.48 2.60
CA ASP A 12 -10.52 0.83 3.20
C ASP A 12 -9.52 0.35 2.12
N VAL A 13 -9.05 1.28 1.29
CA VAL A 13 -8.11 0.95 0.19
C VAL A 13 -6.86 1.85 0.24
N TYR A 14 -5.69 1.23 0.09
CA TYR A 14 -4.40 1.95 0.14
C TYR A 14 -3.63 1.81 -1.18
N TYR A 15 -2.68 2.71 -1.42
CA TYR A 15 -1.90 2.70 -2.67
C TYR A 15 -0.40 2.92 -2.40
N MET A 16 0.45 2.08 -3.00
CA MET A 16 1.90 2.09 -2.72
C MET A 16 2.72 2.16 -4.04
N GLN A 17 3.99 2.56 -3.95
CA GLN A 17 4.88 2.58 -5.13
C GLN A 17 6.18 1.80 -4.88
N ILE A 18 6.64 1.05 -5.89
CA ILE A 18 7.86 0.24 -5.77
C ILE A 18 9.14 1.09 -5.83
N LYS A 19 9.96 1.01 -4.78
CA LYS A 19 11.24 1.75 -4.72
C LYS A 19 12.45 0.82 -4.94
N GLY A 20 12.39 -0.37 -4.36
CA GLY A 20 13.48 -1.34 -4.50
C GLY A 20 13.01 -2.79 -4.30
N GLU A 21 13.95 -3.71 -4.06
CA GLU A 21 13.62 -5.13 -3.90
C GLU A 21 14.46 -5.80 -2.80
N GLY A 22 15.73 -6.07 -3.10
CA GLY A 22 16.60 -6.86 -2.22
C GLY A 22 16.75 -6.28 -0.80
N THR A 23 15.79 -6.58 0.07
CA THR A 23 15.79 -6.09 1.45
C THR A 23 15.72 -7.25 2.46
N ILE A 24 16.71 -7.34 3.35
CA ILE A 24 16.76 -8.41 4.36
C ILE A 24 16.70 -7.85 5.79
N GLU A 25 16.02 -8.57 6.68
CA GLU A 25 15.99 -8.24 8.10
C GLU A 25 16.16 -9.52 8.94
N LYS A 26 17.23 -9.57 9.74
CA LYS A 26 17.58 -10.79 10.46
C LYS A 26 16.89 -10.90 11.84
N VAL A 27 15.87 -11.75 11.92
CA VAL A 27 15.13 -11.98 13.18
C VAL A 27 15.36 -13.41 13.69
N ASP A 28 15.58 -13.56 15.01
CA ASP A 28 15.91 -14.86 15.61
C ASP A 28 17.21 -15.45 15.04
N GLY A 29 18.09 -14.58 14.54
CA GLY A 29 19.31 -15.03 13.89
C GLY A 29 19.07 -15.57 12.48
N ARG A 30 17.85 -15.35 11.97
CA ARG A 30 17.45 -15.84 10.65
C ARG A 30 17.12 -14.67 9.70
N ASN A 31 17.67 -14.70 8.50
CA ASN A 31 17.49 -13.62 7.53
C ASN A 31 16.11 -13.70 6.84
N LEU A 32 15.23 -12.75 7.15
CA LEU A 32 13.91 -12.67 6.53
C LEU A 32 13.92 -11.71 5.34
N ARG A 33 13.12 -12.02 4.32
CA ARG A 33 13.03 -11.18 3.12
C ARG A 33 11.69 -10.42 3.07
N ASN A 34 11.72 -9.12 3.38
CA ASN A 34 10.51 -8.30 3.43
C ASN A 34 10.68 -6.98 2.67
N TYR A 35 9.56 -6.34 2.32
CA TYR A 35 9.58 -5.08 1.56
C TYR A 35 8.83 -3.97 2.32
N THR A 36 9.51 -2.85 2.59
CA THR A 36 8.89 -1.71 3.29
C THR A 36 8.80 -0.49 2.37
N LEU A 37 7.59 -0.10 2.00
CA LEU A 37 7.38 0.98 1.04
C LEU A 37 6.32 2.00 1.52
N PRO A 38 6.41 3.27 1.06
CA PRO A 38 5.42 4.30 1.38
C PRO A 38 4.08 4.09 0.66
N ALA A 39 2.99 4.41 1.35
CA ALA A 39 1.65 4.26 0.78
C ALA A 39 0.77 5.47 1.05
N TYR A 40 -0.39 5.52 0.41
CA TYR A 40 -1.39 6.57 0.64
C TYR A 40 -2.81 5.97 0.59
N ASP A 41 -3.68 6.40 1.50
CA ASP A 41 -5.08 5.94 1.48
C ASP A 41 -5.88 6.74 0.44
N GLU A 42 -7.18 6.43 0.30
CA GLU A 42 -8.03 7.09 -0.69
C GLU A 42 -8.07 8.62 -0.52
N ASP A 43 -7.90 9.10 0.71
CA ASP A 43 -7.89 10.55 0.97
C ASP A 43 -6.51 11.16 0.65
N GLY A 44 -5.50 10.30 0.53
CA GLY A 44 -4.17 10.75 0.14
C GLY A 44 -3.23 10.99 1.33
N VAL A 45 -3.64 10.56 2.53
CA VAL A 45 -2.81 10.73 3.72
C VAL A 45 -1.66 9.71 3.72
N LYS A 46 -0.44 10.17 3.99
CA LYS A 46 0.75 9.32 3.88
C LYS A 46 0.72 8.15 4.88
N LYS A 47 1.16 6.99 4.41
CA LYS A 47 1.24 5.76 5.20
C LYS A 47 2.56 5.04 4.92
N GLN A 48 2.91 4.06 5.74
CA GLN A 48 4.09 3.22 5.50
C GLN A 48 3.78 1.76 5.80
N ILE A 49 3.82 0.91 4.77
CA ILE A 49 3.40 -0.49 4.90
C ILE A 49 4.49 -1.47 4.46
N THR A 50 4.60 -2.60 5.17
CA THR A 50 5.58 -3.65 4.85
C THR A 50 4.90 -4.94 4.40
N PHE A 51 5.22 -5.40 3.19
CA PHE A 51 4.63 -6.64 2.64
C PHE A 51 5.71 -7.68 2.30
N ARG A 52 5.28 -8.88 1.94
CA ARG A 52 6.20 -9.96 1.58
C ARG A 52 5.59 -10.87 0.49
N SER A 53 6.44 -11.48 -0.33
CA SER A 53 5.99 -12.40 -1.38
C SER A 53 5.43 -13.70 -0.80
N THR A 54 4.12 -13.92 -0.93
CA THR A 54 3.47 -15.14 -0.43
C THR A 54 3.58 -16.29 -1.45
N LYS A 55 3.09 -17.47 -1.07
CA LYS A 55 3.10 -18.62 -1.99
C LYS A 55 2.12 -18.43 -3.15
N LYS A 56 1.33 -17.37 -3.09
CA LYS A 56 0.36 -17.03 -4.14
C LYS A 56 0.96 -16.08 -5.18
N GLU A 57 2.12 -15.52 -4.89
CA GLU A 57 2.69 -14.44 -5.71
C GLU A 57 3.80 -14.92 -6.65
N ASN A 58 3.55 -14.77 -7.96
CA ASN A 58 4.57 -15.03 -8.98
C ASN A 58 5.55 -13.85 -9.07
N ASP A 59 6.77 -14.13 -9.52
CA ASP A 59 7.81 -13.10 -9.66
C ASP A 59 7.65 -12.33 -10.99
N HIS A 60 8.74 -11.68 -11.45
CA HIS A 60 8.77 -10.92 -12.71
C HIS A 60 8.08 -9.54 -12.58
N LYS A 61 6.93 -9.51 -11.91
CA LYS A 61 6.19 -8.25 -11.73
C LYS A 61 6.90 -7.32 -10.72
N LEU A 62 6.16 -6.31 -10.24
CA LEU A 62 6.71 -5.30 -9.32
C LEU A 62 7.78 -4.46 -10.02
N ASN A 63 7.31 -3.53 -10.86
CA ASN A 63 8.19 -2.67 -11.64
C ASN A 63 8.60 -1.42 -10.84
N LYS A 64 9.90 -1.15 -10.79
CA LYS A 64 10.44 -0.03 -9.99
C LYS A 64 10.04 1.33 -10.59
N TYR A 65 8.75 1.67 -10.43
CA TYR A 65 8.15 2.92 -10.92
C TYR A 65 6.62 2.78 -10.91
N ALA A 66 6.17 1.54 -11.04
CA ALA A 66 4.73 1.22 -11.05
C ALA A 66 4.11 1.35 -9.65
N PHE A 67 2.78 1.30 -9.59
CA PHE A 67 2.06 1.52 -8.35
C PHE A 67 1.40 0.23 -7.84
N LEU A 68 0.93 0.27 -6.60
CA LEU A 68 0.31 -0.88 -5.95
C LEU A 68 -1.00 -0.47 -5.27
N ARG A 69 -1.88 -1.45 -5.10
CA ARG A 69 -3.19 -1.25 -4.47
C ARG A 69 -3.38 -2.28 -3.36
N LEU A 70 -3.46 -1.82 -2.12
CA LEU A 70 -3.53 -2.72 -0.97
C LEU A 70 -4.94 -2.76 -0.37
N TYR A 71 -5.45 -3.97 -0.18
CA TYR A 71 -6.79 -4.19 0.38
C TYR A 71 -6.72 -4.60 1.84
N VAL A 72 -7.37 -3.84 2.71
CA VAL A 72 -7.46 -4.18 4.13
C VAL A 72 -8.91 -4.47 4.53
N ASP A 73 -9.11 -5.46 5.39
CA ASP A 73 -10.45 -5.89 5.77
C ASP A 73 -10.79 -5.39 7.19
N GLN A 74 -12.08 -5.31 7.49
CA GLN A 74 -12.54 -4.78 8.78
C GLN A 74 -12.61 -5.90 9.82
N ASP A 75 -12.07 -5.64 11.01
CA ASP A 75 -11.92 -6.65 12.09
C ASP A 75 -13.21 -7.49 12.28
N ASP A 76 -14.36 -6.83 12.30
CA ASP A 76 -15.64 -7.53 12.31
C ASP A 76 -16.35 -7.28 10.96
N ASN A 77 -16.23 -8.23 10.04
CA ASN A 77 -16.75 -8.07 8.68
C ASN A 77 -18.30 -8.16 8.65
N SER A 78 -18.84 -9.18 9.30
CA SER A 78 -20.30 -9.40 9.30
C SER A 78 -20.73 -10.43 10.36
N LYS A 79 -20.38 -11.71 10.12
CA LYS A 79 -20.75 -12.79 11.03
C LYS A 79 -19.55 -13.36 11.79
N ASN A 80 -18.36 -13.26 11.18
CA ASN A 80 -17.14 -13.82 11.78
C ASN A 80 -16.43 -12.81 12.68
N GLU A 81 -16.12 -13.24 13.91
CA GLU A 81 -15.40 -12.39 14.88
C GLU A 81 -13.98 -12.08 14.42
N ILE A 82 -13.35 -13.04 13.75
CA ILE A 82 -11.99 -12.85 13.22
C ILE A 82 -12.00 -12.43 11.75
N SER A 83 -11.25 -11.38 11.42
CA SER A 83 -11.13 -10.91 10.04
C SER A 83 -9.75 -10.33 9.78
N SER A 84 -9.44 -10.05 8.52
CA SER A 84 -8.12 -9.56 8.13
C SER A 84 -7.97 -8.06 8.41
N ILE A 85 -7.71 -7.72 9.67
CA ILE A 85 -7.51 -6.33 10.08
C ILE A 85 -6.22 -5.75 9.47
N GLU A 86 -5.33 -6.65 9.04
CA GLU A 86 -4.12 -6.28 8.33
C GLU A 86 -4.30 -6.48 6.81
N VAL A 87 -3.31 -6.06 6.01
CA VAL A 87 -3.41 -6.14 4.54
C VAL A 87 -3.64 -7.58 4.07
N LYS A 88 -4.82 -7.84 3.49
CA LYS A 88 -5.19 -9.20 3.07
C LYS A 88 -4.69 -9.51 1.65
N SER A 89 -4.57 -8.49 0.80
CA SER A 89 -4.11 -8.67 -0.59
C SER A 89 -3.59 -7.35 -1.18
N TYR A 90 -2.86 -7.45 -2.30
CA TYR A 90 -2.37 -6.26 -3.01
C TYR A 90 -2.48 -6.45 -4.53
N GLU A 91 -2.42 -5.34 -5.27
CA GLU A 91 -2.60 -5.35 -6.73
C GLU A 91 -1.63 -4.36 -7.41
N GLU A 92 -1.03 -4.76 -8.53
CA GLU A 92 -0.11 -3.88 -9.27
C GLU A 92 -0.89 -3.03 -10.28
N ILE A 93 -0.78 -1.70 -10.17
CA ILE A 93 -1.60 -0.78 -10.97
C ILE A 93 -0.80 0.38 -11.57
N GLN A 94 -1.49 1.20 -12.37
CA GLN A 94 -0.91 2.39 -12.99
C GLN A 94 -1.46 3.67 -12.34
N LYS A 95 -0.92 4.82 -12.71
CA LYS A 95 -1.37 6.11 -12.14
C LYS A 95 -2.86 6.36 -12.40
N ALA A 96 -3.39 5.77 -13.47
CA ALA A 96 -4.82 5.90 -13.81
C ALA A 96 -5.73 5.26 -12.75
N ASP A 97 -5.28 4.18 -12.13
CA ASP A 97 -6.06 3.49 -11.08
C ASP A 97 -6.10 4.33 -9.79
N LEU A 98 -5.14 5.23 -9.63
CA LEU A 98 -5.04 6.08 -8.45
C LEU A 98 -6.10 7.19 -8.49
N PRO A 99 -6.78 7.47 -7.35
CA PRO A 99 -7.68 8.62 -7.24
C PRO A 99 -6.93 9.96 -7.34
N GLU A 100 -7.65 11.02 -7.71
CA GLU A 100 -7.04 12.33 -8.00
C GLU A 100 -6.08 12.80 -6.90
N LYS A 101 -6.46 12.62 -5.64
CA LYS A 101 -5.63 13.07 -4.53
C LYS A 101 -4.32 12.26 -4.44
N VAL A 102 -4.45 10.93 -4.52
CA VAL A 102 -3.30 10.03 -4.39
C VAL A 102 -2.25 10.24 -5.50
N LYS A 103 -2.70 10.33 -6.74
CA LYS A 103 -1.79 10.51 -7.88
C LYS A 103 -0.91 11.76 -7.70
N ASP A 104 -1.51 12.86 -7.23
CA ASP A 104 -0.76 14.08 -6.93
C ASP A 104 0.17 13.89 -5.72
N LYS A 105 -0.22 13.03 -4.77
CA LYS A 105 0.62 12.74 -3.59
C LYS A 105 1.89 11.96 -3.97
N PHE A 106 1.82 11.17 -5.03
CA PHE A 106 3.00 10.44 -5.53
C PHE A 106 3.91 11.32 -6.41
N THR A 107 3.30 12.02 -7.38
CA THR A 107 4.07 12.80 -8.35
C THR A 107 4.48 14.18 -7.80
N ILE A 108 3.80 14.64 -6.75
CA ILE A 108 4.06 15.96 -6.15
C ILE A 108 3.88 17.09 -7.20
N LYS A 109 2.85 16.93 -8.04
CA LYS A 109 2.52 17.90 -9.10
C LYS A 109 3.66 18.07 -10.13
N LEU A 110 4.56 17.09 -10.21
CA LEU A 110 5.71 17.18 -11.12
C LEU A 110 5.32 16.95 -12.59
N GLU A 111 4.25 16.19 -12.81
CA GLU A 111 3.78 15.88 -14.17
C GLU A 111 2.63 16.82 -14.60
N MET A 1 4.60 21.09 -3.22
CA MET A 1 3.57 20.54 -2.31
C MET A 1 2.16 21.08 -2.64
N GLU A 2 1.28 20.17 -3.07
CA GLU A 2 -0.13 20.51 -3.30
C GLU A 2 -0.95 20.38 -2.02
N ARG A 3 -2.23 20.72 -2.09
CA ARG A 3 -3.11 20.67 -0.92
C ARG A 3 -3.53 19.21 -0.62
N ALA A 4 -3.00 18.65 0.47
CA ALA A 4 -3.20 17.23 0.79
C ALA A 4 -4.54 16.96 1.48
N SER A 5 -4.75 15.71 1.88
CA SER A 5 -5.97 15.29 2.59
C SER A 5 -6.22 16.11 3.86
N LEU A 6 -7.39 16.75 3.92
CA LEU A 6 -7.76 17.59 5.06
C LEU A 6 -8.73 16.84 6.01
N ASN A 7 -9.33 15.75 5.51
CA ASN A 7 -10.35 15.02 6.27
C ASN A 7 -9.72 13.99 7.23
N ARG A 8 -10.42 13.69 8.32
CA ARG A 8 -10.02 12.61 9.22
C ARG A 8 -10.62 11.27 8.75
N ILE A 9 -10.74 11.11 7.43
CA ILE A 9 -11.36 9.92 6.83
C ILE A 9 -10.33 9.10 6.03
N GLY A 10 -10.59 7.80 5.89
CA GLY A 10 -9.74 6.96 5.06
C GLY A 10 -10.49 5.74 4.52
N LYS A 11 -9.78 4.82 3.87
CA LYS A 11 -10.39 3.62 3.29
C LYS A 11 -9.47 2.39 3.41
N ASP A 12 -10.05 1.20 3.24
CA ASP A 12 -9.30 -0.07 3.34
C ASP A 12 -8.60 -0.42 2.01
N VAL A 13 -8.62 0.52 1.06
CA VAL A 13 -7.92 0.35 -0.23
C VAL A 13 -6.77 1.35 -0.33
N TYR A 14 -5.54 0.85 -0.35
CA TYR A 14 -4.34 1.69 -0.36
C TYR A 14 -3.59 1.62 -1.71
N TYR A 15 -2.87 2.68 -2.03
CA TYR A 15 -2.07 2.76 -3.26
C TYR A 15 -0.58 3.02 -2.93
N MET A 16 0.30 2.09 -3.30
CA MET A 16 1.72 2.18 -2.94
C MET A 16 2.64 2.17 -4.18
N GLN A 17 3.65 3.04 -4.18
CA GLN A 17 4.69 2.98 -5.22
C GLN A 17 5.91 2.20 -4.71
N ILE A 18 6.20 1.07 -5.35
CA ILE A 18 7.35 0.25 -4.95
C ILE A 18 8.68 0.97 -5.26
N LYS A 19 9.63 0.84 -4.32
CA LYS A 19 10.98 1.38 -4.51
C LYS A 19 12.00 0.50 -3.78
N GLY A 20 12.70 -0.35 -4.53
CA GLY A 20 13.72 -1.22 -3.94
C GLY A 20 13.99 -2.48 -4.75
N GLU A 21 14.55 -3.49 -4.10
CA GLU A 21 14.93 -4.75 -4.76
C GLU A 21 14.76 -5.94 -3.82
N GLY A 22 15.55 -5.95 -2.75
CA GLY A 22 15.49 -7.03 -1.77
C GLY A 22 16.26 -6.70 -0.50
N THR A 23 15.67 -6.97 0.65
CA THR A 23 16.34 -6.71 1.94
C THR A 23 16.41 -7.96 2.81
N ILE A 24 17.59 -8.26 3.33
CA ILE A 24 17.78 -9.38 4.26
C ILE A 24 17.93 -8.86 5.69
N GLU A 25 16.90 -9.08 6.51
CA GLU A 25 16.93 -8.66 7.91
C GLU A 25 17.01 -9.89 8.82
N LYS A 26 18.12 -10.04 9.53
CA LYS A 26 18.32 -11.20 10.41
C LYS A 26 17.55 -11.00 11.72
N VAL A 27 16.42 -11.70 11.84
CA VAL A 27 15.54 -11.60 13.01
C VAL A 27 15.26 -12.99 13.61
N ASP A 28 15.27 -13.09 14.94
CA ASP A 28 15.11 -14.38 15.63
C ASP A 28 16.17 -15.40 15.16
N GLY A 29 17.30 -14.89 14.68
CA GLY A 29 18.34 -15.73 14.12
C GLY A 29 17.93 -16.36 12.78
N ARG A 30 17.04 -15.70 12.06
CA ARG A 30 16.59 -16.14 10.74
C ARG A 30 16.82 -15.03 9.71
N ASN A 31 17.06 -15.40 8.45
CA ASN A 31 17.15 -14.42 7.36
C ASN A 31 15.76 -14.14 6.78
N LEU A 32 15.16 -13.03 7.18
CA LEU A 32 13.80 -12.68 6.76
C LEU A 32 13.80 -11.52 5.75
N ARG A 33 12.69 -11.38 5.01
CA ARG A 33 12.53 -10.29 4.06
C ARG A 33 11.25 -9.50 4.33
N ASN A 34 11.40 -8.31 4.91
CA ASN A 34 10.27 -7.45 5.27
C ASN A 34 10.43 -6.04 4.67
N TYR A 35 9.45 -5.63 3.87
CA TYR A 35 9.52 -4.35 3.15
C TYR A 35 8.46 -3.36 3.66
N THR A 36 8.90 -2.18 4.09
CA THR A 36 7.98 -1.14 4.58
C THR A 36 8.00 0.09 3.66
N LEU A 37 6.90 0.31 2.94
CA LEU A 37 6.81 1.40 1.95
C LEU A 37 5.54 2.25 2.17
N PRO A 38 5.57 3.54 1.79
CA PRO A 38 4.41 4.45 1.96
C PRO A 38 3.25 4.13 0.99
N ALA A 39 2.03 4.29 1.49
CA ALA A 39 0.82 4.07 0.68
C ALA A 39 -0.26 5.10 1.01
N TYR A 40 -0.94 5.61 -0.02
CA TYR A 40 -2.01 6.60 0.15
C TYR A 40 -3.38 5.96 -0.09
N ASP A 41 -4.40 6.39 0.66
CA ASP A 41 -5.76 5.92 0.42
C ASP A 41 -6.40 6.76 -0.71
N GLU A 42 -7.68 6.54 -0.98
CA GLU A 42 -8.36 7.22 -2.09
C GLU A 42 -8.48 8.74 -1.85
N ASP A 43 -8.53 9.17 -0.60
CA ASP A 43 -8.62 10.61 -0.27
C ASP A 43 -7.22 11.27 -0.30
N GLY A 44 -6.17 10.46 -0.18
CA GLY A 44 -4.80 10.97 -0.26
C GLY A 44 -4.12 11.12 1.09
N VAL A 45 -4.52 10.31 2.07
CA VAL A 45 -3.89 10.30 3.38
C VAL A 45 -2.54 9.55 3.33
N LYS A 46 -1.48 10.18 3.86
CA LYS A 46 -0.13 9.59 3.80
C LYS A 46 0.09 8.54 4.90
N LYS A 47 -0.05 7.27 4.53
CA LYS A 47 0.19 6.14 5.44
C LYS A 47 1.43 5.33 5.00
N GLN A 48 1.85 4.38 5.82
CA GLN A 48 2.97 3.51 5.44
C GLN A 48 2.69 2.03 5.83
N ILE A 49 2.83 1.13 4.87
CA ILE A 49 2.46 -0.28 5.06
C ILE A 49 3.69 -1.20 5.05
N THR A 50 3.61 -2.31 5.79
CA THR A 50 4.70 -3.30 5.85
C THR A 50 4.27 -4.65 5.29
N PHE A 51 5.02 -5.16 4.31
CA PHE A 51 4.72 -6.44 3.67
C PHE A 51 6.01 -7.24 3.38
N ARG A 52 5.95 -8.55 3.57
CA ARG A 52 7.11 -9.44 3.34
C ARG A 52 7.23 -9.87 1.87
N SER A 53 6.74 -9.02 0.97
CA SER A 53 6.79 -9.24 -0.49
C SER A 53 5.67 -10.18 -0.95
N THR A 54 5.73 -10.64 -2.19
CA THR A 54 4.75 -11.58 -2.72
C THR A 54 4.58 -12.77 -1.77
N LYS A 55 3.34 -13.05 -1.39
CA LYS A 55 3.05 -14.11 -0.39
C LYS A 55 3.29 -15.52 -0.95
N LYS A 56 3.40 -15.64 -2.28
CA LYS A 56 3.89 -16.86 -2.92
C LYS A 56 5.41 -16.76 -3.20
N GLU A 57 5.94 -15.55 -3.00
CA GLU A 57 7.34 -15.22 -3.25
C GLU A 57 7.72 -15.29 -4.74
N ASN A 58 7.64 -14.15 -5.42
CA ASN A 58 8.09 -14.01 -6.81
C ASN A 58 9.04 -12.80 -6.92
N ASP A 59 10.33 -13.08 -6.94
CA ASP A 59 11.36 -12.02 -6.85
C ASP A 59 11.27 -10.99 -7.98
N HIS A 60 11.03 -11.45 -9.21
CA HIS A 60 10.97 -10.56 -10.37
C HIS A 60 9.64 -9.82 -10.48
N LYS A 61 8.59 -10.38 -9.87
CA LYS A 61 7.24 -9.83 -9.97
C LYS A 61 7.13 -8.44 -9.33
N LEU A 62 7.87 -8.20 -8.24
CA LEU A 62 7.86 -6.87 -7.61
C LEU A 62 8.52 -5.82 -8.50
N ASN A 63 7.69 -5.13 -9.27
CA ASN A 63 8.11 -3.98 -10.09
C ASN A 63 8.88 -2.96 -9.25
N LYS A 64 10.17 -2.77 -9.57
CA LYS A 64 11.07 -1.91 -8.78
C LYS A 64 10.57 -0.46 -8.70
N TYR A 65 9.93 0.00 -9.78
CA TYR A 65 9.32 1.34 -9.80
C TYR A 65 7.98 1.33 -10.55
N ALA A 66 6.89 1.15 -9.80
CA ALA A 66 5.53 1.15 -10.35
C ALA A 66 4.48 1.22 -9.24
N PHE A 67 3.21 1.33 -9.61
CA PHE A 67 2.13 1.51 -8.63
C PHE A 67 1.33 0.23 -8.39
N LEU A 68 1.18 -0.13 -7.11
CA LEU A 68 0.37 -1.30 -6.71
C LEU A 68 -0.82 -0.86 -5.84
N ARG A 69 -1.87 -1.68 -5.83
CA ARG A 69 -3.06 -1.42 -5.01
C ARG A 69 -3.20 -2.49 -3.93
N LEU A 70 -3.12 -2.09 -2.65
CA LEU A 70 -3.16 -3.04 -1.53
C LEU A 70 -4.55 -3.09 -0.87
N TYR A 71 -5.07 -4.30 -0.73
CA TYR A 71 -6.35 -4.53 -0.03
C TYR A 71 -6.10 -5.12 1.37
N VAL A 72 -6.64 -4.46 2.39
CA VAL A 72 -6.54 -4.95 3.77
C VAL A 72 -7.90 -5.54 4.22
N ASP A 73 -7.86 -6.43 5.21
CA ASP A 73 -9.09 -7.08 5.71
C ASP A 73 -9.53 -6.42 7.01
N GLN A 74 -10.84 -6.29 7.22
CA GLN A 74 -11.38 -5.46 8.29
C GLN A 74 -11.57 -6.22 9.62
N ASP A 75 -11.68 -5.47 10.71
CA ASP A 75 -11.96 -6.03 12.04
C ASP A 75 -13.28 -6.82 12.05
N ASP A 76 -14.25 -6.34 11.26
CA ASP A 76 -15.52 -7.04 11.11
C ASP A 76 -15.34 -8.30 10.22
N ASN A 77 -15.49 -9.47 10.83
CA ASN A 77 -15.29 -10.74 10.12
C ASN A 77 -16.44 -11.72 10.41
N SER A 78 -16.77 -12.55 9.43
CA SER A 78 -17.89 -13.50 9.54
C SER A 78 -17.73 -14.46 10.72
N LYS A 79 -16.52 -14.96 10.92
CA LYS A 79 -16.26 -15.97 11.97
C LYS A 79 -15.21 -15.48 12.98
N ASN A 80 -14.97 -16.29 14.01
CA ASN A 80 -13.97 -15.97 15.05
C ASN A 80 -12.54 -15.94 14.46
N GLU A 81 -12.40 -16.49 13.26
CA GLU A 81 -11.14 -16.45 12.51
C GLU A 81 -10.79 -15.01 12.07
N ILE A 82 -10.16 -14.26 12.96
CA ILE A 82 -9.77 -12.87 12.67
C ILE A 82 -8.27 -12.76 12.36
N SER A 83 -7.95 -12.40 11.12
CA SER A 83 -6.56 -12.30 10.65
C SER A 83 -6.53 -11.70 9.23
N SER A 84 -5.48 -12.01 8.45
CA SER A 84 -5.34 -11.55 7.05
C SER A 84 -5.32 -10.02 6.93
N ILE A 85 -5.03 -9.34 8.04
CA ILE A 85 -4.92 -7.88 8.05
C ILE A 85 -3.62 -7.44 7.37
N GLU A 86 -2.70 -8.39 7.21
CA GLU A 86 -1.40 -8.14 6.56
C GLU A 86 -1.54 -8.10 5.03
N VAL A 87 -2.41 -7.20 4.54
CA VAL A 87 -2.70 -7.08 3.10
C VAL A 87 -3.21 -8.41 2.52
N LYS A 88 -4.53 -8.59 2.55
CA LYS A 88 -5.14 -9.85 2.09
C LYS A 88 -4.84 -10.10 0.60
N SER A 89 -4.62 -9.03 -0.16
CA SER A 89 -4.25 -9.13 -1.59
C SER A 89 -3.68 -7.79 -2.11
N TYR A 90 -2.80 -7.86 -3.10
CA TYR A 90 -2.32 -6.64 -3.78
C TYR A 90 -2.45 -6.79 -5.30
N GLU A 91 -2.74 -5.69 -5.98
CA GLU A 91 -3.00 -5.70 -7.43
C GLU A 91 -2.00 -4.81 -8.19
N GLU A 92 -1.63 -5.25 -9.38
CA GLU A 92 -0.73 -4.48 -10.26
C GLU A 92 -1.54 -3.55 -11.16
N ILE A 93 -1.51 -2.25 -10.87
CA ILE A 93 -2.38 -1.28 -11.52
C ILE A 93 -1.61 -0.27 -12.38
N GLN A 94 -2.36 0.63 -13.04
CA GLN A 94 -1.78 1.72 -13.82
C GLN A 94 -2.01 3.06 -13.11
N LYS A 95 -1.34 4.12 -13.57
CA LYS A 95 -1.46 5.45 -12.96
C LYS A 95 -2.92 5.94 -12.96
N ALA A 96 -3.71 5.46 -13.93
CA ALA A 96 -5.15 5.81 -14.01
C ALA A 96 -5.93 5.28 -12.80
N ASP A 97 -5.48 4.16 -12.22
CA ASP A 97 -6.12 3.59 -11.03
C ASP A 97 -5.86 4.46 -9.79
N LEU A 98 -4.93 5.40 -9.91
CA LEU A 98 -4.65 6.37 -8.85
C LEU A 98 -5.57 7.59 -9.00
N PRO A 99 -6.60 7.73 -8.15
CA PRO A 99 -7.52 8.88 -8.22
C PRO A 99 -6.76 10.22 -8.08
N GLU A 100 -7.46 11.33 -8.33
CA GLU A 100 -6.82 12.64 -8.45
C GLU A 100 -5.95 12.99 -7.23
N LYS A 101 -6.50 12.90 -6.03
CA LYS A 101 -5.75 13.33 -4.84
C LYS A 101 -4.56 12.40 -4.55
N VAL A 102 -4.68 11.16 -4.97
CA VAL A 102 -3.58 10.20 -4.87
C VAL A 102 -2.43 10.58 -5.81
N LYS A 103 -2.74 10.83 -7.09
CA LYS A 103 -1.72 11.25 -8.05
C LYS A 103 -1.12 12.61 -7.65
N ASP A 104 -1.94 13.49 -7.05
CA ASP A 104 -1.44 14.75 -6.49
C ASP A 104 -0.39 14.50 -5.40
N LYS A 105 -0.61 13.47 -4.59
CA LYS A 105 0.33 13.10 -3.53
C LYS A 105 1.58 12.38 -4.09
N PHE A 106 1.47 11.84 -5.31
CA PHE A 106 2.62 11.21 -5.99
C PHE A 106 3.39 12.22 -6.86
N THR A 107 2.73 13.29 -7.30
CA THR A 107 3.41 14.35 -8.08
C THR A 107 3.93 15.47 -7.17
N ILE A 108 3.12 15.87 -6.18
CA ILE A 108 3.50 16.90 -5.20
C ILE A 108 3.70 18.29 -5.86
N LYS A 109 3.55 18.34 -7.18
CA LYS A 109 3.84 19.54 -7.97
C LYS A 109 2.58 20.37 -8.24
N LEU A 110 2.64 21.66 -7.92
CA LEU A 110 1.62 22.61 -8.36
C LEU A 110 2.12 23.35 -9.61
N GLU A 111 1.31 23.34 -10.67
CA GLU A 111 1.73 23.85 -12.00
C GLU A 111 2.73 22.87 -12.67
N MET A 1 2.46 26.10 7.57
CA MET A 1 1.26 25.73 6.76
C MET A 1 0.99 24.22 6.82
N GLU A 2 -0.27 23.83 6.66
CA GLU A 2 -0.65 22.42 6.74
C GLU A 2 -1.87 22.08 5.86
N ARG A 3 -1.81 20.92 5.19
CA ARG A 3 -2.95 20.38 4.45
C ARG A 3 -3.74 19.39 5.32
N ALA A 4 -4.77 19.88 6.00
CA ALA A 4 -5.61 19.04 6.86
C ALA A 4 -7.02 18.86 6.27
N SER A 5 -7.24 17.75 5.58
CA SER A 5 -8.55 17.46 4.95
C SER A 5 -9.70 17.58 5.97
N LEU A 6 -10.80 18.20 5.54
CA LEU A 6 -11.95 18.44 6.41
C LEU A 6 -12.84 17.19 6.52
N ASN A 7 -12.73 16.31 5.53
CA ASN A 7 -13.49 15.06 5.52
C ASN A 7 -12.83 13.99 6.41
N ARG A 8 -13.54 13.57 7.46
CA ARG A 8 -13.04 12.52 8.36
C ARG A 8 -13.22 11.12 7.72
N ILE A 9 -12.73 10.97 6.48
CA ILE A 9 -13.01 9.78 5.68
C ILE A 9 -11.72 9.02 5.30
N GLY A 10 -11.85 7.71 5.08
CA GLY A 10 -10.74 6.89 4.61
C GLY A 10 -11.23 5.62 3.93
N LYS A 11 -10.31 4.71 3.58
CA LYS A 11 -10.69 3.46 2.90
C LYS A 11 -9.84 2.26 3.32
N ASP A 12 -10.36 1.06 3.05
CA ASP A 12 -9.60 -0.18 3.17
C ASP A 12 -8.78 -0.44 1.90
N VAL A 13 -8.94 0.47 0.92
CA VAL A 13 -8.15 0.45 -0.31
C VAL A 13 -6.96 1.40 -0.21
N TYR A 14 -5.74 0.85 -0.20
CA TYR A 14 -4.52 1.67 -0.08
C TYR A 14 -3.68 1.62 -1.37
N TYR A 15 -3.22 2.78 -1.82
CA TYR A 15 -2.38 2.87 -3.02
C TYR A 15 -0.89 3.03 -2.62
N MET A 16 -0.07 2.06 -3.02
CA MET A 16 1.36 2.05 -2.63
C MET A 16 2.29 2.04 -3.85
N GLN A 17 3.47 2.65 -3.73
CA GLN A 17 4.48 2.61 -4.79
C GLN A 17 5.61 1.61 -4.45
N ILE A 18 5.79 0.61 -5.31
CA ILE A 18 6.89 -0.35 -5.13
C ILE A 18 8.21 0.24 -5.65
N LYS A 19 9.24 0.21 -4.81
CA LYS A 19 10.56 0.71 -5.18
C LYS A 19 11.62 -0.39 -5.08
N GLY A 20 12.84 -0.10 -5.55
CA GLY A 20 13.93 -1.09 -5.49
C GLY A 20 14.43 -1.33 -4.08
N GLU A 21 13.61 -1.99 -3.26
CA GLU A 21 13.93 -2.24 -1.85
C GLU A 21 14.84 -3.46 -1.69
N GLY A 22 14.28 -4.65 -1.88
CA GLY A 22 15.02 -5.90 -1.69
C GLY A 22 15.77 -5.95 -0.37
N THR A 23 15.14 -5.46 0.69
CA THR A 23 15.78 -5.38 2.01
C THR A 23 15.55 -6.64 2.85
N ILE A 24 16.61 -7.11 3.51
CA ILE A 24 16.54 -8.30 4.36
C ILE A 24 16.66 -7.91 5.84
N GLU A 25 15.74 -8.39 6.67
CA GLU A 25 15.83 -8.19 8.12
C GLU A 25 16.15 -9.51 8.81
N LYS A 26 17.37 -9.61 9.34
CA LYS A 26 17.85 -10.87 9.91
C LYS A 26 17.58 -10.94 11.43
N VAL A 27 16.58 -11.73 11.80
CA VAL A 27 16.15 -11.85 13.20
C VAL A 27 16.69 -13.13 13.85
N ASP A 28 17.45 -12.98 14.94
CA ASP A 28 18.09 -14.10 15.66
C ASP A 28 19.04 -14.90 14.75
N GLY A 29 19.43 -14.32 13.61
CA GLY A 29 20.33 -15.00 12.68
C GLY A 29 19.63 -15.48 11.41
N ARG A 30 18.30 -15.47 11.41
CA ARG A 30 17.52 -15.92 10.23
C ARG A 30 17.16 -14.72 9.33
N ASN A 31 17.45 -14.85 8.04
CA ASN A 31 17.22 -13.77 7.07
C ASN A 31 15.76 -13.71 6.58
N LEU A 32 14.98 -12.78 7.13
CA LEU A 32 13.57 -12.60 6.74
C LEU A 32 13.42 -11.57 5.61
N ARG A 33 12.44 -11.80 4.72
CA ARG A 33 12.22 -10.92 3.57
C ARG A 33 10.94 -10.07 3.77
N ASN A 34 11.12 -8.77 3.99
CA ASN A 34 9.99 -7.84 4.19
C ASN A 34 10.15 -6.55 3.39
N TYR A 35 9.05 -5.88 3.09
CA TYR A 35 9.07 -4.60 2.37
C TYR A 35 8.22 -3.54 3.10
N THR A 36 8.82 -2.40 3.42
CA THR A 36 8.10 -1.30 4.11
C THR A 36 8.01 -0.07 3.21
N LEU A 37 6.80 0.22 2.73
CA LEU A 37 6.59 1.31 1.75
C LEU A 37 5.35 2.16 2.11
N PRO A 38 5.35 3.45 1.71
CA PRO A 38 4.21 4.36 1.96
C PRO A 38 2.98 4.06 1.10
N ALA A 39 1.80 4.15 1.72
CA ALA A 39 0.52 3.93 1.02
C ALA A 39 -0.45 5.08 1.31
N TYR A 40 -1.37 5.35 0.38
CA TYR A 40 -2.31 6.47 0.53
C TYR A 40 -3.76 6.04 0.34
N ASP A 41 -4.66 6.61 1.17
CA ASP A 41 -6.11 6.45 0.98
C ASP A 41 -6.57 7.17 -0.31
N GLU A 42 -7.87 7.14 -0.61
CA GLU A 42 -8.39 7.77 -1.84
C GLU A 42 -8.08 9.28 -1.89
N ASP A 43 -8.17 9.94 -0.74
CA ASP A 43 -7.94 11.40 -0.67
C ASP A 43 -6.44 11.71 -0.52
N GLY A 44 -5.61 10.67 -0.50
CA GLY A 44 -4.16 10.87 -0.39
C GLY A 44 -3.65 10.96 1.04
N VAL A 45 -4.38 10.36 1.98
CA VAL A 45 -3.95 10.30 3.38
C VAL A 45 -2.70 9.41 3.51
N LYS A 46 -1.61 9.98 4.04
CA LYS A 46 -0.31 9.30 4.05
C LYS A 46 -0.22 8.20 5.12
N LYS A 47 -0.02 6.97 4.67
CA LYS A 47 0.18 5.79 5.54
C LYS A 47 1.55 5.14 5.26
N GLN A 48 1.93 4.18 6.11
CA GLN A 48 3.14 3.38 5.88
C GLN A 48 2.85 1.90 6.18
N ILE A 49 2.98 1.04 5.17
CA ILE A 49 2.61 -0.38 5.30
C ILE A 49 3.83 -1.31 5.09
N THR A 50 3.99 -2.28 5.98
CA THR A 50 5.02 -3.32 5.84
C THR A 50 4.40 -4.65 5.41
N PHE A 51 4.73 -5.13 4.22
CA PHE A 51 4.15 -6.36 3.68
C PHE A 51 5.22 -7.42 3.36
N ARG A 52 4.77 -8.62 3.02
CA ARG A 52 5.66 -9.76 2.73
C ARG A 52 5.40 -10.33 1.33
N SER A 53 6.36 -11.07 0.79
CA SER A 53 6.21 -11.71 -0.52
C SER A 53 5.30 -12.95 -0.41
N THR A 54 4.74 -13.39 -1.54
CA THR A 54 3.84 -14.55 -1.55
C THR A 54 4.60 -15.86 -1.83
N LYS A 55 4.67 -16.27 -3.10
CA LYS A 55 5.32 -17.52 -3.49
C LYS A 55 6.14 -17.30 -4.78
N LYS A 56 6.48 -18.39 -5.48
CA LYS A 56 7.07 -18.26 -6.82
C LYS A 56 5.98 -17.86 -7.83
N GLU A 57 4.72 -18.08 -7.45
CA GLU A 57 3.56 -17.63 -8.24
C GLU A 57 3.55 -16.10 -8.37
N ASN A 58 2.84 -15.60 -9.39
CA ASN A 58 2.70 -14.15 -9.63
C ASN A 58 4.05 -13.45 -9.82
N ASP A 59 5.05 -14.18 -10.31
CA ASP A 59 6.38 -13.61 -10.54
C ASP A 59 6.33 -12.49 -11.61
N HIS A 60 7.33 -11.60 -11.57
CA HIS A 60 7.39 -10.39 -12.40
C HIS A 60 6.46 -9.28 -11.88
N LYS A 61 5.64 -9.59 -10.87
CA LYS A 61 4.86 -8.58 -10.17
C LYS A 61 5.67 -8.02 -8.99
N LEU A 62 5.38 -6.78 -8.58
CA LEU A 62 6.19 -6.05 -7.59
C LEU A 62 7.48 -5.51 -8.24
N ASN A 63 7.32 -4.75 -9.32
CA ASN A 63 8.44 -4.18 -10.07
C ASN A 63 9.09 -3.01 -9.32
N LYS A 64 10.40 -2.83 -9.54
CA LYS A 64 11.20 -1.79 -8.84
C LYS A 64 10.60 -0.37 -8.95
N TYR A 65 9.69 -0.18 -9.90
CA TYR A 65 8.94 1.08 -10.02
C TYR A 65 7.52 0.80 -10.55
N ALA A 66 6.60 0.59 -9.63
CA ALA A 66 5.20 0.31 -9.97
C ALA A 66 4.26 0.71 -8.83
N PHE A 67 2.96 0.60 -9.05
CA PHE A 67 1.97 0.95 -8.02
C PHE A 67 1.03 -0.22 -7.73
N LEU A 68 0.75 -0.45 -6.45
CA LEU A 68 -0.17 -1.50 -6.03
C LEU A 68 -1.50 -0.93 -5.53
N ARG A 69 -2.55 -1.70 -5.69
CA ARG A 69 -3.85 -1.39 -5.11
C ARG A 69 -4.19 -2.46 -4.06
N LEU A 70 -4.26 -2.06 -2.79
CA LEU A 70 -4.38 -3.00 -1.68
C LEU A 70 -5.81 -3.07 -1.13
N TYR A 71 -6.20 -4.24 -0.65
CA TYR A 71 -7.52 -4.44 -0.04
C TYR A 71 -7.39 -5.15 1.31
N VAL A 72 -7.88 -4.52 2.37
CA VAL A 72 -7.81 -5.10 3.72
C VAL A 72 -9.20 -5.17 4.40
N ASP A 73 -9.49 -6.30 5.05
CA ASP A 73 -10.77 -6.48 5.74
C ASP A 73 -10.54 -6.77 7.24
N GLN A 74 -10.96 -5.84 8.10
CA GLN A 74 -10.70 -5.94 9.54
C GLN A 74 -11.81 -6.70 10.27
N ASP A 75 -11.44 -7.36 11.38
CA ASP A 75 -12.35 -8.27 12.09
C ASP A 75 -13.47 -7.51 12.85
N ASP A 76 -13.08 -6.50 13.63
CA ASP A 76 -14.03 -5.72 14.46
C ASP A 76 -14.62 -6.56 15.62
N ASN A 77 -14.25 -7.85 15.67
CA ASN A 77 -14.79 -8.77 16.67
C ASN A 77 -13.98 -8.74 17.98
N SER A 78 -14.63 -9.09 19.08
CA SER A 78 -14.00 -9.08 20.42
C SER A 78 -13.68 -10.49 20.92
N LYS A 79 -13.70 -11.47 20.02
CA LYS A 79 -13.43 -12.88 20.38
C LYS A 79 -11.92 -13.16 20.52
N ASN A 80 -11.59 -14.43 20.73
CA ASN A 80 -10.20 -14.91 20.79
C ASN A 80 -9.68 -15.30 19.39
N GLU A 81 -10.29 -14.76 18.35
CA GLU A 81 -9.93 -15.10 16.97
C GLU A 81 -8.58 -14.48 16.55
N ILE A 82 -8.13 -14.82 15.34
CA ILE A 82 -6.88 -14.26 14.80
C ILE A 82 -7.20 -13.05 13.92
N SER A 83 -6.57 -11.91 14.22
CA SER A 83 -6.88 -10.64 13.54
C SER A 83 -6.34 -10.61 12.10
N SER A 84 -7.18 -10.11 11.18
CA SER A 84 -6.79 -9.97 9.76
C SER A 84 -6.68 -8.49 9.36
N ILE A 85 -6.15 -7.65 10.26
CA ILE A 85 -5.94 -6.24 9.96
C ILE A 85 -4.83 -6.05 8.90
N GLU A 86 -4.03 -7.10 8.68
CA GLU A 86 -3.08 -7.10 7.57
C GLU A 86 -3.82 -7.24 6.22
N VAL A 87 -3.31 -6.57 5.19
CA VAL A 87 -3.94 -6.56 3.87
C VAL A 87 -4.20 -7.99 3.34
N LYS A 88 -5.48 -8.32 3.09
CA LYS A 88 -5.84 -9.67 2.65
C LYS A 88 -5.32 -9.99 1.24
N SER A 89 -5.28 -8.99 0.37
CA SER A 89 -4.79 -9.19 -1.01
C SER A 89 -4.52 -7.85 -1.71
N TYR A 90 -3.77 -7.91 -2.81
CA TYR A 90 -3.40 -6.71 -3.57
C TYR A 90 -3.16 -7.04 -5.04
N GLU A 91 -3.11 -6.01 -5.89
CA GLU A 91 -2.82 -6.18 -7.32
C GLU A 91 -1.93 -5.04 -7.83
N GLU A 92 -1.16 -5.29 -8.88
CA GLU A 92 -0.31 -4.25 -9.49
C GLU A 92 -1.09 -3.50 -10.57
N ILE A 93 -1.18 -2.18 -10.41
CA ILE A 93 -2.00 -1.34 -11.30
C ILE A 93 -1.13 -0.38 -12.13
N GLN A 94 -1.76 0.34 -13.06
CA GLN A 94 -1.05 1.31 -13.88
C GLN A 94 -0.96 2.69 -13.18
N LYS A 95 0.03 3.47 -13.57
CA LYS A 95 0.33 4.75 -12.91
C LYS A 95 -0.85 5.73 -12.92
N ALA A 96 -1.73 5.59 -13.92
CA ALA A 96 -2.88 6.48 -14.06
C ALA A 96 -4.07 6.07 -13.17
N ASP A 97 -4.03 4.86 -12.61
CA ASP A 97 -5.15 4.34 -11.80
C ASP A 97 -5.31 5.14 -10.50
N LEU A 98 -4.21 5.70 -10.02
CA LEU A 98 -4.23 6.51 -8.80
C LEU A 98 -5.15 7.73 -8.96
N PRO A 99 -6.14 7.91 -8.05
CA PRO A 99 -7.03 9.08 -8.08
C PRO A 99 -6.23 10.40 -7.99
N GLU A 100 -6.84 11.51 -8.39
CA GLU A 100 -6.12 12.78 -8.50
C GLU A 100 -5.29 13.11 -7.24
N LYS A 101 -5.93 13.07 -6.07
CA LYS A 101 -5.23 13.38 -4.80
C LYS A 101 -4.00 12.50 -4.60
N VAL A 102 -4.11 11.22 -4.90
CA VAL A 102 -3.00 10.28 -4.74
C VAL A 102 -1.85 10.57 -5.71
N LYS A 103 -2.18 10.79 -7.00
CA LYS A 103 -1.15 11.10 -7.99
C LYS A 103 -0.48 12.47 -7.71
N ASP A 104 -1.22 13.37 -7.05
CA ASP A 104 -0.63 14.63 -6.56
C ASP A 104 0.35 14.39 -5.40
N LYS A 105 -0.01 13.50 -4.47
CA LYS A 105 0.87 13.15 -3.36
C LYS A 105 2.17 12.48 -3.86
N PHE A 106 2.10 11.81 -5.01
CA PHE A 106 3.26 11.17 -5.63
C PHE A 106 4.02 12.11 -6.59
N THR A 107 3.38 12.46 -7.71
CA THR A 107 4.05 13.21 -8.78
C THR A 107 4.15 14.71 -8.49
N ILE A 108 3.32 15.19 -7.55
CA ILE A 108 3.27 16.62 -7.18
C ILE A 108 2.82 17.48 -8.37
N LYS A 109 1.55 17.84 -8.38
CA LYS A 109 0.97 18.62 -9.48
C LYS A 109 -0.10 19.60 -8.98
N LEU A 110 -1.19 19.07 -8.42
CA LEU A 110 -2.21 19.91 -7.77
C LEU A 110 -1.95 19.92 -6.25
N GLU A 111 -1.84 21.10 -5.66
CA GLU A 111 -1.50 21.24 -4.24
C GLU A 111 -2.73 21.47 -3.36
N MET A 1 -5.33 20.41 -0.23
CA MET A 1 -6.11 19.57 0.74
C MET A 1 -7.60 19.54 0.37
N GLU A 2 -7.90 19.63 -0.92
CA GLU A 2 -9.28 19.73 -1.41
C GLU A 2 -9.73 18.45 -2.13
N ARG A 3 -10.86 18.54 -2.83
CA ARG A 3 -11.42 17.41 -3.56
C ARG A 3 -12.32 17.89 -4.71
N ALA A 4 -12.50 17.04 -5.72
CA ALA A 4 -13.30 17.39 -6.90
C ALA A 4 -14.80 17.20 -6.64
N SER A 5 -15.15 16.17 -5.88
CA SER A 5 -16.56 15.86 -5.57
C SER A 5 -16.93 16.28 -4.13
N LEU A 6 -18.23 16.46 -3.90
CA LEU A 6 -18.71 16.93 -2.59
C LEU A 6 -18.88 15.79 -1.58
N ASN A 7 -19.05 14.56 -2.07
CA ASN A 7 -19.24 13.40 -1.21
C ASN A 7 -18.00 13.12 -0.31
N ARG A 8 -18.27 12.90 0.98
CA ARG A 8 -17.20 12.69 1.99
C ARG A 8 -16.85 11.20 2.15
N ILE A 9 -17.75 10.31 1.70
CA ILE A 9 -17.56 8.87 1.86
C ILE A 9 -16.21 8.38 1.30
N GLY A 10 -15.47 7.65 2.14
CA GLY A 10 -14.18 7.09 1.72
C GLY A 10 -13.91 5.72 2.33
N LYS A 11 -12.69 5.20 2.15
CA LYS A 11 -12.31 3.88 2.67
C LYS A 11 -10.85 3.87 3.15
N ASP A 12 -10.48 2.82 3.88
CA ASP A 12 -9.10 2.65 4.37
C ASP A 12 -8.22 1.95 3.32
N VAL A 13 -8.38 2.33 2.05
CA VAL A 13 -7.62 1.74 0.95
C VAL A 13 -6.31 2.51 0.71
N TYR A 14 -5.19 1.79 0.64
CA TYR A 14 -3.87 2.41 0.48
C TYR A 14 -3.29 2.15 -0.93
N TYR A 15 -2.33 2.97 -1.34
CA TYR A 15 -1.71 2.85 -2.66
C TYR A 15 -0.18 3.01 -2.58
N MET A 16 0.54 2.02 -3.10
CA MET A 16 2.01 1.98 -2.99
C MET A 16 2.68 1.73 -4.35
N GLN A 17 3.89 2.25 -4.53
CA GLN A 17 4.68 1.99 -5.75
C GLN A 17 5.96 1.21 -5.42
N ILE A 18 6.27 0.17 -6.20
CA ILE A 18 7.49 -0.60 -6.00
C ILE A 18 8.74 0.22 -6.37
N LYS A 19 9.53 0.57 -5.35
CA LYS A 19 10.75 1.36 -5.55
C LYS A 19 11.91 0.46 -6.02
N GLY A 20 11.84 -0.83 -5.70
CA GLY A 20 12.89 -1.76 -6.08
C GLY A 20 13.89 -2.04 -4.96
N GLU A 21 13.75 -1.33 -3.84
CA GLU A 21 14.65 -1.51 -2.69
C GLU A 21 14.48 -2.91 -2.04
N GLY A 22 15.36 -3.83 -2.40
CA GLY A 22 15.32 -5.17 -1.82
C GLY A 22 15.84 -5.20 -0.38
N THR A 23 15.04 -4.72 0.56
CA THR A 23 15.44 -4.66 1.97
C THR A 23 15.21 -6.00 2.69
N ILE A 24 16.22 -6.42 3.46
CA ILE A 24 16.16 -7.68 4.22
C ILE A 24 16.16 -7.40 5.72
N GLU A 25 15.35 -8.14 6.47
CA GLU A 25 15.27 -7.97 7.92
C GLU A 25 15.59 -9.28 8.66
N LYS A 26 16.74 -9.33 9.33
CA LYS A 26 17.20 -10.54 10.02
C LYS A 26 16.56 -10.64 11.42
N VAL A 27 15.58 -11.53 11.56
CA VAL A 27 14.86 -11.73 12.82
C VAL A 27 15.17 -13.12 13.41
N ASP A 28 15.56 -13.15 14.69
CA ASP A 28 15.83 -14.41 15.40
C ASP A 28 16.93 -15.23 14.70
N GLY A 29 17.89 -14.53 14.11
CA GLY A 29 18.98 -15.16 13.38
C GLY A 29 18.56 -15.73 12.03
N ARG A 30 17.42 -15.28 11.52
CA ARG A 30 16.97 -15.63 10.17
C ARG A 30 16.71 -14.38 9.34
N ASN A 31 17.39 -14.24 8.21
CA ASN A 31 17.16 -13.11 7.31
C ASN A 31 15.85 -13.29 6.53
N LEU A 32 14.80 -12.62 6.99
CA LEU A 32 13.47 -12.70 6.37
C LEU A 32 13.28 -11.58 5.34
N ARG A 33 12.70 -11.92 4.19
CA ARG A 33 12.51 -10.93 3.13
C ARG A 33 11.10 -10.32 3.18
N ASN A 34 11.02 -9.11 3.73
CA ASN A 34 9.80 -8.30 3.71
C ASN A 34 10.12 -6.85 3.33
N TYR A 35 9.30 -6.25 2.48
CA TYR A 35 9.60 -4.93 1.91
C TYR A 35 8.77 -3.81 2.54
N THR A 36 9.44 -2.79 3.05
CA THR A 36 8.78 -1.65 3.70
C THR A 36 8.83 -0.40 2.82
N LEU A 37 7.67 0.00 2.28
CA LEU A 37 7.58 1.13 1.36
C LEU A 37 6.46 2.11 1.75
N PRO A 38 6.58 3.40 1.38
CA PRO A 38 5.54 4.41 1.64
C PRO A 38 4.27 4.19 0.80
N ALA A 39 3.12 4.23 1.46
CA ALA A 39 1.82 4.06 0.80
C ALA A 39 0.88 5.22 1.14
N TYR A 40 0.07 5.63 0.17
CA TYR A 40 -0.88 6.74 0.36
C TYR A 40 -2.32 6.22 0.48
N ASP A 41 -3.01 6.69 1.51
CA ASP A 41 -4.44 6.36 1.72
C ASP A 41 -5.33 6.87 0.58
N GLU A 42 -6.58 6.45 0.57
CA GLU A 42 -7.58 6.92 -0.42
C GLU A 42 -7.59 8.46 -0.52
N ASP A 43 -7.42 9.14 0.62
CA ASP A 43 -7.40 10.61 0.68
C ASP A 43 -5.98 11.18 0.47
N GLY A 44 -5.01 10.30 0.20
CA GLY A 44 -3.64 10.71 -0.08
C GLY A 44 -2.78 10.85 1.17
N VAL A 45 -3.12 10.13 2.24
CA VAL A 45 -2.35 10.17 3.49
C VAL A 45 -1.11 9.27 3.42
N LYS A 46 0.08 9.88 3.58
CA LYS A 46 1.35 9.15 3.47
C LYS A 46 1.71 8.39 4.76
N LYS A 47 1.67 7.06 4.68
CA LYS A 47 2.09 6.19 5.79
C LYS A 47 3.19 5.21 5.32
N GLN A 48 3.82 4.51 6.26
CA GLN A 48 4.87 3.54 5.91
C GLN A 48 4.38 2.10 6.18
N ILE A 49 4.10 1.37 5.10
CA ILE A 49 3.56 0.01 5.22
C ILE A 49 4.58 -1.07 4.81
N THR A 50 4.61 -2.15 5.58
CA THR A 50 5.51 -3.28 5.31
C THR A 50 4.74 -4.48 4.76
N PHE A 51 5.03 -4.87 3.52
CA PHE A 51 4.36 -6.01 2.91
C PHE A 51 5.33 -7.18 2.70
N ARG A 52 4.78 -8.40 2.64
CA ARG A 52 5.60 -9.60 2.49
C ARG A 52 5.81 -9.96 1.01
N SER A 53 4.84 -10.66 0.42
CA SER A 53 4.89 -11.07 -0.99
C SER A 53 3.66 -11.88 -1.38
N THR A 54 3.60 -12.31 -2.65
CA THR A 54 2.47 -13.08 -3.17
C THR A 54 2.63 -14.59 -2.91
N LYS A 55 1.87 -15.12 -1.95
CA LYS A 55 1.93 -16.56 -1.62
C LYS A 55 0.83 -17.37 -2.33
N LYS A 56 -0.26 -16.72 -2.73
CA LYS A 56 -1.40 -17.43 -3.32
C LYS A 56 -1.29 -17.48 -4.86
N GLU A 57 -0.37 -16.68 -5.40
CA GLU A 57 -0.21 -16.55 -6.85
C GLU A 57 1.27 -16.50 -7.25
N ASN A 58 1.54 -16.13 -8.50
CA ASN A 58 2.91 -16.03 -9.02
C ASN A 58 3.79 -15.10 -8.17
N ASP A 59 4.83 -15.66 -7.56
CA ASP A 59 5.81 -14.85 -6.81
C ASP A 59 6.74 -14.10 -7.78
N HIS A 60 7.59 -13.21 -7.24
CA HIS A 60 8.40 -12.30 -8.09
C HIS A 60 7.51 -11.36 -8.90
N LYS A 61 6.25 -11.21 -8.49
CA LYS A 61 5.29 -10.35 -9.18
C LYS A 61 5.64 -8.86 -9.03
N LEU A 62 6.41 -8.53 -7.99
CA LEU A 62 6.79 -7.15 -7.70
C LEU A 62 7.54 -6.51 -8.88
N ASN A 63 6.80 -5.78 -9.71
CA ASN A 63 7.35 -5.13 -10.89
C ASN A 63 7.90 -3.73 -10.54
N LYS A 64 9.15 -3.49 -10.90
CA LYS A 64 9.81 -2.19 -10.64
C LYS A 64 8.99 -1.01 -11.21
N TYR A 65 8.78 0.01 -10.39
CA TYR A 65 8.04 1.22 -10.77
C TYR A 65 6.54 0.93 -11.05
N ALA A 66 6.07 -0.24 -10.65
CA ALA A 66 4.65 -0.58 -10.74
C ALA A 66 3.88 -0.08 -9.52
N PHE A 67 2.62 0.25 -9.70
CA PHE A 67 1.78 0.74 -8.59
C PHE A 67 0.94 -0.40 -8.01
N LEU A 68 0.52 -0.25 -6.76
CA LEU A 68 -0.25 -1.28 -6.06
C LEU A 68 -1.46 -0.69 -5.32
N ARG A 69 -2.55 -1.45 -5.24
CA ARG A 69 -3.72 -1.07 -4.47
C ARG A 69 -3.89 -2.03 -3.28
N LEU A 70 -3.76 -1.48 -2.07
CA LEU A 70 -3.71 -2.29 -0.84
C LEU A 70 -5.08 -2.41 -0.17
N TYR A 71 -5.45 -3.63 0.18
CA TYR A 71 -6.77 -3.93 0.76
C TYR A 71 -6.68 -4.37 2.23
N VAL A 72 -7.40 -3.66 3.09
CA VAL A 72 -7.53 -4.06 4.50
C VAL A 72 -9.00 -4.43 4.82
N ASP A 73 -9.19 -5.50 5.58
CA ASP A 73 -10.54 -5.98 5.91
C ASP A 73 -10.59 -6.58 7.32
N GLN A 74 -11.78 -6.52 7.95
CA GLN A 74 -11.97 -7.03 9.32
C GLN A 74 -12.67 -8.41 9.30
N ASP A 75 -12.17 -9.34 10.11
CA ASP A 75 -12.72 -10.69 10.17
C ASP A 75 -13.91 -10.76 11.15
N ASP A 76 -13.86 -9.94 12.19
CA ASP A 76 -14.92 -9.87 13.20
C ASP A 76 -15.41 -8.42 13.40
N ASN A 77 -16.21 -8.19 14.43
CA ASN A 77 -16.83 -6.87 14.66
C ASN A 77 -15.87 -5.90 15.39
N SER A 78 -15.50 -4.82 14.72
CA SER A 78 -14.60 -3.80 15.29
C SER A 78 -15.39 -2.59 15.81
N LYS A 79 -14.83 -1.93 16.83
CA LYS A 79 -15.44 -0.74 17.44
C LYS A 79 -14.37 0.19 18.05
N ASN A 80 -13.42 -0.39 18.76
CA ASN A 80 -12.34 0.36 19.40
C ASN A 80 -10.99 0.08 18.70
N GLU A 81 -11.06 -0.26 17.42
CA GLU A 81 -9.87 -0.67 16.65
C GLU A 81 -9.00 0.52 16.21
N ILE A 82 -7.92 0.20 15.51
CA ILE A 82 -7.01 1.19 14.94
C ILE A 82 -6.64 0.80 13.50
N SER A 83 -6.44 1.78 12.62
CA SER A 83 -6.05 1.50 11.23
C SER A 83 -4.72 0.72 11.18
N SER A 84 -4.84 -0.61 11.19
CA SER A 84 -3.67 -1.51 11.27
C SER A 84 -2.80 -1.47 9.99
N ILE A 85 -1.70 -2.22 10.02
CA ILE A 85 -0.75 -2.27 8.90
C ILE A 85 -0.87 -3.61 8.13
N GLU A 86 -1.63 -4.56 8.69
CA GLU A 86 -1.79 -5.88 8.08
C GLU A 86 -2.60 -5.83 6.79
N VAL A 87 -1.91 -5.54 5.68
CA VAL A 87 -2.54 -5.58 4.36
C VAL A 87 -2.70 -7.03 3.88
N LYS A 88 -3.93 -7.52 3.91
CA LYS A 88 -4.22 -8.92 3.57
C LYS A 88 -4.00 -9.21 2.08
N SER A 89 -4.30 -8.25 1.22
CA SER A 89 -4.19 -8.42 -0.23
C SER A 89 -3.84 -7.11 -0.93
N TYR A 90 -3.24 -7.21 -2.11
CA TYR A 90 -2.93 -6.03 -2.93
C TYR A 90 -2.97 -6.38 -4.43
N GLU A 91 -3.32 -5.37 -5.25
CA GLU A 91 -3.44 -5.56 -6.71
C GLU A 91 -2.42 -4.70 -7.47
N GLU A 92 -1.92 -5.19 -8.60
CA GLU A 92 -0.91 -4.47 -9.38
C GLU A 92 -1.57 -3.56 -10.43
N ILE A 93 -1.40 -2.26 -10.28
CA ILE A 93 -2.04 -1.26 -11.13
C ILE A 93 -1.03 -0.25 -11.70
N GLN A 94 -1.53 0.69 -12.51
CA GLN A 94 -0.70 1.79 -13.03
C GLN A 94 -1.20 3.15 -12.45
N LYS A 95 -0.46 4.22 -12.74
CA LYS A 95 -0.79 5.55 -12.21
C LYS A 95 -2.22 6.00 -12.58
N ALA A 96 -2.75 5.48 -13.69
CA ALA A 96 -4.11 5.82 -14.14
C ALA A 96 -5.20 5.19 -13.24
N ASP A 97 -4.81 4.34 -12.31
CA ASP A 97 -5.76 3.71 -11.38
C ASP A 97 -5.71 4.37 -9.98
N LEU A 98 -4.83 5.35 -9.83
CA LEU A 98 -4.69 6.06 -8.56
C LEU A 98 -5.73 7.18 -8.43
N PRO A 99 -6.43 7.27 -7.29
CA PRO A 99 -7.41 8.33 -7.05
C PRO A 99 -6.78 9.73 -7.06
N GLU A 100 -7.62 10.76 -7.21
CA GLU A 100 -7.13 12.13 -7.44
C GLU A 100 -6.14 12.60 -6.36
N LYS A 101 -6.47 12.40 -5.09
CA LYS A 101 -5.57 12.82 -4.00
C LYS A 101 -4.22 12.09 -4.09
N VAL A 102 -4.26 10.81 -4.40
CA VAL A 102 -3.08 9.96 -4.45
C VAL A 102 -2.14 10.32 -5.63
N LYS A 103 -2.70 10.48 -6.83
CA LYS A 103 -1.90 10.78 -8.03
C LYS A 103 -1.04 12.04 -7.83
N ASP A 104 -1.60 13.09 -7.26
CA ASP A 104 -0.86 14.33 -6.99
C ASP A 104 0.18 14.11 -5.88
N LYS A 105 -0.18 13.34 -4.86
CA LYS A 105 0.76 13.01 -3.76
C LYS A 105 1.92 12.11 -4.24
N PHE A 106 1.75 11.43 -5.36
CA PHE A 106 2.84 10.65 -5.97
C PHE A 106 3.79 11.54 -6.76
N THR A 107 3.25 12.44 -7.58
CA THR A 107 4.10 13.39 -8.33
C THR A 107 4.60 14.53 -7.43
N ILE A 108 4.08 14.59 -6.19
CA ILE A 108 4.47 15.59 -5.19
C ILE A 108 4.11 17.02 -5.65
N LYS A 109 3.10 17.12 -6.53
CA LYS A 109 2.65 18.40 -7.05
C LYS A 109 1.16 18.36 -7.40
N LEU A 110 0.37 19.25 -6.80
CA LEU A 110 -1.07 19.31 -7.07
C LEU A 110 -1.35 19.90 -8.46
N GLU A 111 -1.62 19.03 -9.43
CA GLU A 111 -1.95 19.43 -10.81
C GLU A 111 -0.77 20.20 -11.48
N MET A 1 1.64 25.96 2.85
CA MET A 1 1.98 24.57 3.30
C MET A 1 0.77 23.64 3.23
N GLU A 2 -0.33 24.05 3.85
CA GLU A 2 -1.56 23.23 3.88
C GLU A 2 -2.21 23.07 2.50
N ARG A 3 -2.64 21.86 2.18
CA ARG A 3 -3.38 21.58 0.95
C ARG A 3 -4.89 21.73 1.18
N ALA A 4 -5.65 21.96 0.12
CA ALA A 4 -7.11 22.15 0.20
C ALA A 4 -7.86 20.82 0.39
N SER A 5 -7.19 19.85 1.00
CA SER A 5 -7.79 18.53 1.27
C SER A 5 -8.04 18.35 2.77
N LEU A 6 -9.29 18.50 3.18
CA LEU A 6 -9.70 18.29 4.57
C LEU A 6 -10.85 17.27 4.64
N ASN A 7 -10.56 16.08 5.12
CA ASN A 7 -11.56 15.00 5.17
C ASN A 7 -11.24 13.99 6.27
N ARG A 8 -12.26 13.60 7.04
CA ARG A 8 -12.12 12.62 8.12
C ARG A 8 -12.49 11.20 7.64
N ILE A 9 -13.16 11.12 6.49
CA ILE A 9 -13.59 9.84 5.94
C ILE A 9 -12.51 9.21 5.05
N GLY A 10 -11.93 8.10 5.50
CA GLY A 10 -10.96 7.37 4.68
C GLY A 10 -11.46 5.98 4.31
N LYS A 11 -10.61 5.17 3.70
CA LYS A 11 -11.03 3.83 3.22
C LYS A 11 -9.90 2.81 3.34
N ASP A 12 -10.25 1.53 3.17
CA ASP A 12 -9.30 0.42 3.32
C ASP A 12 -8.56 0.09 2.00
N VAL A 13 -8.77 0.91 0.98
CA VAL A 13 -8.04 0.78 -0.29
C VAL A 13 -6.87 1.77 -0.34
N TYR A 14 -5.64 1.24 -0.34
CA TYR A 14 -4.44 2.08 -0.35
C TYR A 14 -3.63 1.91 -1.64
N TYR A 15 -2.82 2.91 -1.96
CA TYR A 15 -1.99 2.91 -3.17
C TYR A 15 -0.52 3.16 -2.82
N MET A 16 0.37 2.25 -3.22
CA MET A 16 1.80 2.35 -2.91
C MET A 16 2.66 2.24 -4.18
N GLN A 17 3.72 3.04 -4.25
CA GLN A 17 4.70 2.92 -5.33
C GLN A 17 5.97 2.22 -4.83
N ILE A 18 6.33 1.11 -5.46
CA ILE A 18 7.55 0.39 -5.12
C ILE A 18 8.79 1.21 -5.50
N LYS A 19 9.72 1.37 -4.56
CA LYS A 19 10.99 2.06 -4.83
C LYS A 19 12.00 1.79 -3.70
N GLY A 20 12.64 0.62 -3.75
CA GLY A 20 13.61 0.24 -2.74
C GLY A 20 14.20 -1.15 -2.95
N GLU A 21 15.38 -1.40 -2.38
CA GLU A 21 16.06 -2.69 -2.52
C GLU A 21 15.42 -3.78 -1.65
N GLY A 22 15.01 -3.41 -0.45
CA GLY A 22 14.56 -4.39 0.55
C GLY A 22 15.69 -4.79 1.49
N THR A 23 15.39 -4.92 2.78
CA THR A 23 16.43 -5.20 3.78
C THR A 23 16.22 -6.56 4.47
N ILE A 24 17.31 -7.12 4.99
CA ILE A 24 17.27 -8.40 5.70
C ILE A 24 17.01 -8.21 7.20
N GLU A 25 15.87 -8.69 7.67
CA GLU A 25 15.58 -8.77 9.10
C GLU A 25 15.65 -10.23 9.57
N LYS A 26 16.66 -10.57 10.35
CA LYS A 26 16.87 -11.95 10.76
C LYS A 26 15.94 -12.36 11.91
N VAL A 27 14.92 -13.15 11.58
CA VAL A 27 13.95 -13.64 12.57
C VAL A 27 14.17 -15.13 12.86
N ASP A 28 14.28 -15.49 14.15
CA ASP A 28 14.55 -16.87 14.56
C ASP A 28 15.82 -17.45 13.90
N GLY A 29 16.82 -16.59 13.71
CA GLY A 29 18.06 -17.03 13.06
C GLY A 29 17.93 -17.20 11.55
N ARG A 30 16.82 -16.74 10.98
CA ARG A 30 16.59 -16.82 9.53
C ARG A 30 16.49 -15.43 8.89
N ASN A 31 17.23 -15.22 7.82
CA ASN A 31 17.25 -13.93 7.12
C ASN A 31 16.00 -13.73 6.25
N LEU A 32 15.15 -12.77 6.63
CA LEU A 32 13.92 -12.49 5.89
C LEU A 32 13.97 -11.11 5.19
N ARG A 33 13.35 -11.00 4.02
CA ARG A 33 13.32 -9.75 3.26
C ARG A 33 12.06 -8.91 3.55
N ASN A 34 12.24 -7.78 4.20
CA ASN A 34 11.12 -6.86 4.50
C ASN A 34 11.24 -5.56 3.71
N TYR A 35 10.10 -4.96 3.38
CA TYR A 35 10.05 -3.68 2.65
C TYR A 35 9.17 -2.67 3.40
N THR A 36 9.72 -1.50 3.72
CA THR A 36 8.94 -0.44 4.38
C THR A 36 8.72 0.75 3.44
N LEU A 37 7.48 0.94 2.99
CA LEU A 37 7.14 1.98 2.02
C LEU A 37 5.86 2.73 2.40
N PRO A 38 5.75 4.02 2.01
CA PRO A 38 4.55 4.84 2.25
C PRO A 38 3.41 4.55 1.26
N ALA A 39 2.18 4.55 1.76
CA ALA A 39 0.99 4.32 0.93
C ALA A 39 -0.07 5.41 1.16
N TYR A 40 -0.80 5.75 0.10
CA TYR A 40 -1.86 6.77 0.17
C TYR A 40 -3.23 6.16 -0.16
N ASP A 41 -4.24 6.40 0.68
CA ASP A 41 -5.60 5.91 0.39
C ASP A 41 -6.33 6.84 -0.61
N GLU A 42 -7.63 6.60 -0.78
CA GLU A 42 -8.45 7.37 -1.73
C GLU A 42 -8.35 8.90 -1.50
N ASP A 43 -8.19 9.30 -0.24
CA ASP A 43 -8.10 10.72 0.12
C ASP A 43 -6.64 11.20 0.10
N GLY A 44 -5.71 10.27 0.29
CA GLY A 44 -4.30 10.59 0.24
C GLY A 44 -3.63 10.63 1.61
N VAL A 45 -4.26 10.00 2.62
CA VAL A 45 -3.67 9.93 3.95
C VAL A 45 -2.40 9.07 3.94
N LYS A 46 -1.25 9.71 4.10
CA LYS A 46 0.05 9.05 3.98
C LYS A 46 0.36 8.15 5.20
N LYS A 47 0.22 6.85 5.01
CA LYS A 47 0.52 5.87 6.06
C LYS A 47 1.78 5.05 5.72
N GLN A 48 2.49 4.61 6.75
CA GLN A 48 3.71 3.81 6.55
C GLN A 48 3.40 2.31 6.70
N ILE A 49 3.64 1.55 5.63
CA ILE A 49 3.32 0.13 5.61
C ILE A 49 4.59 -0.73 5.38
N THR A 50 4.72 -1.80 6.16
CA THR A 50 5.86 -2.72 6.02
C THR A 50 5.38 -4.12 5.61
N PHE A 51 5.78 -4.56 4.42
CA PHE A 51 5.40 -5.88 3.90
C PHE A 51 6.64 -6.72 3.55
N ARG A 52 6.58 -8.01 3.82
CA ARG A 52 7.70 -8.91 3.50
C ARG A 52 7.55 -9.51 2.10
N SER A 53 8.66 -9.98 1.53
CA SER A 53 8.64 -10.58 0.18
C SER A 53 7.76 -11.84 0.16
N THR A 54 7.05 -12.03 -0.94
CA THR A 54 6.14 -13.17 -1.08
C THR A 54 6.91 -14.49 -1.16
N LYS A 55 6.30 -15.56 -0.68
CA LYS A 55 6.91 -16.89 -0.73
C LYS A 55 6.57 -17.62 -2.04
N LYS A 56 6.16 -16.83 -3.04
CA LYS A 56 5.83 -17.36 -4.37
C LYS A 56 7.10 -17.82 -5.10
N GLU A 57 8.12 -16.98 -5.15
CA GLU A 57 9.37 -17.28 -5.87
C GLU A 57 10.60 -16.68 -5.14
N ASN A 58 11.78 -17.06 -5.60
CA ASN A 58 13.03 -16.77 -4.88
C ASN A 58 13.73 -15.48 -5.36
N ASP A 59 13.09 -14.69 -6.22
CA ASP A 59 13.73 -13.48 -6.75
C ASP A 59 12.80 -12.25 -6.71
N HIS A 60 13.32 -11.12 -7.20
CA HIS A 60 12.58 -9.86 -7.24
C HIS A 60 11.40 -9.90 -8.24
N LYS A 61 10.25 -10.40 -7.77
CA LYS A 61 9.03 -10.40 -8.59
C LYS A 61 8.52 -8.97 -8.83
N LEU A 62 8.84 -8.07 -7.91
CA LEU A 62 8.44 -6.66 -8.01
C LEU A 62 9.54 -5.83 -8.68
N ASN A 63 9.15 -4.94 -9.60
CA ASN A 63 10.11 -4.04 -10.27
C ASN A 63 10.66 -3.00 -9.28
N LYS A 64 11.78 -2.37 -9.63
CA LYS A 64 12.39 -1.34 -8.78
C LYS A 64 11.49 -0.10 -8.65
N TYR A 65 10.58 0.07 -9.62
CA TYR A 65 9.52 1.07 -9.51
C TYR A 65 8.23 0.56 -10.17
N ALA A 66 7.13 0.60 -9.42
CA ALA A 66 5.83 0.09 -9.90
C ALA A 66 4.67 0.62 -9.03
N PHE A 67 3.45 0.62 -9.59
CA PHE A 67 2.27 1.09 -8.86
C PHE A 67 1.41 -0.08 -8.37
N LEU A 68 1.13 -0.11 -7.06
CA LEU A 68 0.35 -1.19 -6.46
C LEU A 68 -0.86 -0.66 -5.68
N ARG A 69 -1.93 -1.45 -5.64
CA ARG A 69 -3.11 -1.16 -4.83
C ARG A 69 -3.23 -2.22 -3.72
N LEU A 70 -3.13 -1.78 -2.47
CA LEU A 70 -3.12 -2.69 -1.33
C LEU A 70 -4.51 -2.89 -0.74
N TYR A 71 -4.78 -4.11 -0.28
CA TYR A 71 -6.07 -4.46 0.29
C TYR A 71 -5.94 -4.84 1.77
N VAL A 72 -6.32 -3.91 2.64
CA VAL A 72 -6.32 -4.17 4.09
C VAL A 72 -7.77 -4.37 4.59
N ASP A 73 -8.00 -5.47 5.30
CA ASP A 73 -9.34 -5.84 5.73
C ASP A 73 -9.41 -5.97 7.26
N GLN A 74 -10.51 -5.53 7.84
CA GLN A 74 -10.65 -5.46 9.31
C GLN A 74 -11.63 -6.52 9.85
N ASP A 75 -11.26 -7.16 10.97
CA ASP A 75 -12.13 -8.13 11.62
C ASP A 75 -13.44 -7.51 12.08
N ASP A 76 -13.35 -6.36 12.78
CA ASP A 76 -14.52 -5.65 13.32
C ASP A 76 -15.47 -6.66 14.02
N ASN A 77 -15.04 -7.15 15.18
CA ASN A 77 -15.66 -8.32 15.81
C ASN A 77 -16.67 -7.95 16.92
N SER A 78 -17.63 -8.85 17.13
CA SER A 78 -18.65 -8.68 18.19
C SER A 78 -18.01 -8.51 19.57
N LYS A 79 -17.20 -9.49 19.98
CA LYS A 79 -16.45 -9.40 21.24
C LYS A 79 -15.30 -8.37 21.11
N ASN A 80 -14.65 -8.09 22.23
CA ASN A 80 -13.65 -7.01 22.31
C ASN A 80 -12.31 -7.41 21.69
N GLU A 81 -12.32 -7.69 20.38
CA GLU A 81 -11.11 -8.03 19.62
C GLU A 81 -10.56 -6.81 18.88
N ILE A 82 -9.28 -6.86 18.51
CA ILE A 82 -8.65 -5.74 17.80
C ILE A 82 -8.69 -5.97 16.28
N SER A 83 -9.28 -5.04 15.54
CA SER A 83 -9.40 -5.16 14.08
C SER A 83 -8.02 -5.17 13.39
N SER A 84 -7.83 -6.14 12.51
CA SER A 84 -6.57 -6.29 11.75
C SER A 84 -6.25 -5.06 10.89
N ILE A 85 -5.00 -4.62 10.95
CA ILE A 85 -4.48 -3.58 10.05
C ILE A 85 -3.54 -4.22 9.01
N GLU A 86 -3.44 -5.54 9.07
CA GLU A 86 -2.54 -6.30 8.18
C GLU A 86 -3.03 -6.26 6.72
N VAL A 87 -2.12 -6.03 5.78
CA VAL A 87 -2.45 -6.07 4.36
C VAL A 87 -2.47 -7.54 3.87
N LYS A 88 -3.67 -8.06 3.58
CA LYS A 88 -3.82 -9.47 3.19
C LYS A 88 -3.52 -9.72 1.70
N SER A 89 -3.59 -8.68 0.88
CA SER A 89 -3.30 -8.81 -0.57
C SER A 89 -2.96 -7.46 -1.21
N TYR A 90 -2.39 -7.53 -2.41
CA TYR A 90 -2.07 -6.33 -3.20
C TYR A 90 -2.19 -6.64 -4.70
N GLU A 91 -2.40 -5.61 -5.52
CA GLU A 91 -2.57 -5.79 -6.96
C GLU A 91 -1.76 -4.74 -7.74
N GLU A 92 -1.21 -5.12 -8.90
CA GLU A 92 -0.45 -4.16 -9.71
C GLU A 92 -1.38 -3.45 -10.69
N ILE A 93 -1.49 -2.14 -10.54
CA ILE A 93 -2.42 -1.34 -11.33
C ILE A 93 -1.68 -0.35 -12.25
N GLN A 94 -2.42 0.35 -13.09
CA GLN A 94 -1.85 1.35 -14.00
C GLN A 94 -2.07 2.76 -13.45
N LYS A 95 -1.36 3.73 -14.00
CA LYS A 95 -1.46 5.14 -13.58
C LYS A 95 -2.93 5.63 -13.66
N ALA A 96 -3.68 5.12 -14.62
CA ALA A 96 -5.09 5.49 -14.80
C ALA A 96 -5.98 4.96 -13.67
N ASP A 97 -5.57 3.87 -13.01
CA ASP A 97 -6.34 3.31 -11.89
C ASP A 97 -6.21 4.17 -10.62
N LEU A 98 -5.20 5.04 -10.61
CA LEU A 98 -4.99 5.97 -9.49
C LEU A 98 -5.99 7.14 -9.55
N PRO A 99 -6.83 7.31 -8.52
CA PRO A 99 -7.78 8.45 -8.47
C PRO A 99 -7.05 9.80 -8.42
N GLU A 100 -7.75 10.88 -8.78
CA GLU A 100 -7.14 12.21 -8.86
C GLU A 100 -6.39 12.58 -7.57
N LYS A 101 -7.05 12.42 -6.43
CA LYS A 101 -6.42 12.65 -5.11
C LYS A 101 -5.02 12.00 -5.02
N VAL A 102 -4.97 10.70 -5.33
CA VAL A 102 -3.74 9.92 -5.24
C VAL A 102 -2.68 10.38 -6.25
N LYS A 103 -3.08 10.60 -7.50
CA LYS A 103 -2.12 10.99 -8.54
C LYS A 103 -1.48 12.35 -8.22
N ASP A 104 -2.25 13.25 -7.58
CA ASP A 104 -1.69 14.51 -7.08
C ASP A 104 -0.60 14.26 -6.02
N LYS A 105 -0.91 13.38 -5.06
CA LYS A 105 0.04 13.04 -3.98
C LYS A 105 1.40 12.55 -4.56
N PHE A 106 1.33 11.75 -5.62
CA PHE A 106 2.54 11.18 -6.23
C PHE A 106 3.26 12.17 -7.17
N THR A 107 2.49 12.88 -8.03
CA THR A 107 3.09 13.78 -9.02
C THR A 107 3.57 15.10 -8.39
N ILE A 108 3.07 15.40 -7.19
CA ILE A 108 3.42 16.62 -6.44
C ILE A 108 2.75 17.87 -7.05
N LYS A 109 2.97 18.09 -8.33
CA LYS A 109 2.36 19.22 -9.05
C LYS A 109 0.84 19.02 -9.21
N LEU A 110 0.08 19.54 -8.27
CA LEU A 110 -1.39 19.40 -8.27
C LEU A 110 -2.11 20.66 -8.81
N GLU A 111 -1.38 21.49 -9.55
CA GLU A 111 -1.94 22.76 -10.08
C GLU A 111 -2.25 22.66 -11.58
N MET A 1 -10.29 30.13 -4.60
CA MET A 1 -10.31 28.69 -4.22
C MET A 1 -11.43 28.40 -3.19
N GLU A 2 -12.45 27.68 -3.63
CA GLU A 2 -13.62 27.37 -2.79
C GLU A 2 -14.33 26.10 -3.28
N ARG A 3 -14.38 25.07 -2.43
CA ARG A 3 -15.03 23.81 -2.80
C ARG A 3 -16.54 23.85 -2.49
N ALA A 4 -17.35 23.75 -3.54
CA ALA A 4 -18.82 23.83 -3.39
C ALA A 4 -19.39 22.67 -2.54
N SER A 5 -19.13 21.43 -2.96
CA SER A 5 -19.61 20.25 -2.24
C SER A 5 -18.48 19.56 -1.47
N LEU A 6 -18.83 18.74 -0.49
CA LEU A 6 -17.84 18.04 0.33
C LEU A 6 -18.10 16.52 0.35
N ASN A 7 -17.04 15.73 0.21
CA ASN A 7 -17.14 14.26 0.30
C ASN A 7 -16.70 13.76 1.68
N ARG A 8 -17.65 13.20 2.43
CA ARG A 8 -17.41 12.70 3.79
C ARG A 8 -16.87 11.26 3.80
N ILE A 9 -17.71 10.34 3.33
CA ILE A 9 -17.40 8.90 3.38
C ILE A 9 -16.29 8.50 2.38
N GLY A 10 -15.21 7.94 2.90
CA GLY A 10 -14.13 7.44 2.06
C GLY A 10 -13.94 5.94 2.19
N LYS A 11 -12.89 5.41 1.58
CA LYS A 11 -12.63 3.96 1.63
C LYS A 11 -11.20 3.67 2.12
N ASP A 12 -11.05 2.59 2.89
CA ASP A 12 -9.74 2.17 3.42
C ASP A 12 -8.88 1.48 2.34
N VAL A 13 -8.89 2.03 1.14
CA VAL A 13 -8.09 1.50 0.02
C VAL A 13 -6.77 2.27 -0.08
N TYR A 14 -5.65 1.57 0.14
CA TYR A 14 -4.33 2.22 0.19
C TYR A 14 -3.52 1.95 -1.08
N TYR A 15 -2.92 3.00 -1.62
CA TYR A 15 -2.15 2.92 -2.87
C TYR A 15 -0.64 3.09 -2.61
N MET A 16 0.16 2.13 -3.07
CA MET A 16 1.60 2.14 -2.82
C MET A 16 2.41 2.12 -4.13
N GLN A 17 3.36 3.05 -4.26
CA GLN A 17 4.32 3.02 -5.36
C GLN A 17 5.62 2.34 -4.90
N ILE A 18 6.07 1.35 -5.67
CA ILE A 18 7.26 0.58 -5.30
C ILE A 18 8.54 1.43 -5.35
N LYS A 19 9.49 1.12 -4.46
CA LYS A 19 10.77 1.83 -4.40
C LYS A 19 11.90 0.83 -4.09
N GLY A 20 13.12 1.13 -4.57
CA GLY A 20 14.25 0.23 -4.36
C GLY A 20 14.73 0.16 -2.92
N GLU A 21 14.04 -0.64 -2.10
CA GLU A 21 14.45 -0.89 -0.71
C GLU A 21 14.81 -2.39 -0.53
N GLY A 22 13.80 -3.21 -0.23
CA GLY A 22 13.99 -4.67 -0.11
C GLY A 22 15.24 -5.10 0.67
N THR A 23 15.37 -4.65 1.90
CA THR A 23 16.56 -4.97 2.72
C THR A 23 16.41 -6.30 3.47
N ILE A 24 17.55 -6.87 3.89
CA ILE A 24 17.56 -8.13 4.64
C ILE A 24 17.59 -7.88 6.16
N GLU A 25 16.55 -8.31 6.86
CA GLU A 25 16.47 -8.15 8.32
C GLU A 25 16.62 -9.51 9.02
N LYS A 26 17.59 -9.63 9.92
CA LYS A 26 17.88 -10.90 10.59
C LYS A 26 17.10 -11.01 11.92
N VAL A 27 16.05 -11.82 11.92
CA VAL A 27 15.18 -11.99 13.10
C VAL A 27 15.32 -13.40 13.68
N ASP A 28 15.55 -13.50 15.00
CA ASP A 28 15.74 -14.79 15.69
C ASP A 28 16.87 -15.62 15.06
N GLY A 29 17.79 -14.96 14.37
CA GLY A 29 18.91 -15.63 13.74
C GLY A 29 18.63 -16.12 12.33
N ARG A 30 17.52 -15.67 11.74
CA ARG A 30 17.19 -16.02 10.36
C ARG A 30 17.08 -14.76 9.47
N ASN A 31 17.71 -14.82 8.30
CA ASN A 31 17.69 -13.70 7.35
C ASN A 31 16.32 -13.60 6.63
N LEU A 32 15.53 -12.60 7.00
CA LEU A 32 14.21 -12.40 6.40
C LEU A 32 14.22 -11.31 5.32
N ARG A 33 13.69 -11.63 4.15
CA ARG A 33 13.61 -10.69 3.03
C ARG A 33 12.24 -9.96 3.04
N ASN A 34 12.26 -8.65 3.25
CA ASN A 34 11.00 -7.89 3.40
C ASN A 34 11.00 -6.60 2.56
N TYR A 35 9.80 -6.06 2.32
CA TYR A 35 9.64 -4.77 1.63
C TYR A 35 8.75 -3.83 2.45
N THR A 36 9.26 -2.64 2.77
CA THR A 36 8.51 -1.64 3.54
C THR A 36 8.46 -0.30 2.77
N LEU A 37 7.29 0.05 2.26
CA LEU A 37 7.15 1.21 1.37
C LEU A 37 5.97 2.11 1.73
N PRO A 38 6.04 3.42 1.39
CA PRO A 38 4.96 4.39 1.68
C PRO A 38 3.67 4.14 0.86
N ALA A 39 2.52 4.39 1.48
CA ALA A 39 1.22 4.21 0.83
C ALA A 39 0.26 5.35 1.21
N TYR A 40 -0.55 5.79 0.25
CA TYR A 40 -1.52 6.87 0.48
C TYR A 40 -2.96 6.39 0.27
N ASP A 41 -3.89 6.88 1.08
CA ASP A 41 -5.31 6.46 0.99
C ASP A 41 -6.11 7.39 0.05
N GLU A 42 -7.43 7.26 0.09
CA GLU A 42 -8.32 8.05 -0.77
C GLU A 42 -8.08 9.58 -0.61
N ASP A 43 -7.66 10.00 0.59
CA ASP A 43 -7.38 11.42 0.85
C ASP A 43 -5.93 11.80 0.51
N GLY A 44 -5.02 10.83 0.65
CA GLY A 44 -3.61 11.08 0.38
C GLY A 44 -2.77 11.28 1.63
N VAL A 45 -3.16 10.63 2.73
CA VAL A 45 -2.37 10.64 3.96
C VAL A 45 -1.10 9.79 3.81
N LYS A 46 0.06 10.32 4.19
CA LYS A 46 1.32 9.59 4.02
C LYS A 46 1.50 8.51 5.09
N LYS A 47 1.22 7.28 4.71
CA LYS A 47 1.41 6.12 5.58
C LYS A 47 2.55 5.24 5.05
N GLN A 48 2.97 4.24 5.82
CA GLN A 48 4.02 3.32 5.38
C GLN A 48 3.65 1.87 5.73
N ILE A 49 3.52 1.02 4.71
CA ILE A 49 3.05 -0.35 4.89
C ILE A 49 4.11 -1.37 4.44
N THR A 50 4.28 -2.42 5.24
CA THR A 50 5.17 -3.54 4.92
C THR A 50 4.37 -4.72 4.33
N PHE A 51 4.71 -5.13 3.10
CA PHE A 51 3.99 -6.24 2.47
C PHE A 51 4.89 -7.49 2.34
N ARG A 52 4.34 -8.63 2.75
CA ARG A 52 5.08 -9.89 2.76
C ARG A 52 5.09 -10.55 1.36
N SER A 53 6.23 -11.15 1.00
CA SER A 53 6.39 -11.83 -0.28
C SER A 53 5.30 -12.90 -0.49
N THR A 54 4.29 -12.57 -1.29
CA THR A 54 3.17 -13.47 -1.55
C THR A 54 3.62 -14.78 -2.20
N LYS A 55 3.82 -15.80 -1.37
CA LYS A 55 4.23 -17.13 -1.84
C LYS A 55 3.05 -17.84 -2.53
N LYS A 56 1.86 -17.70 -1.96
CA LYS A 56 0.64 -18.26 -2.55
C LYS A 56 0.34 -17.67 -3.93
N GLU A 57 0.53 -16.36 -4.07
CA GLU A 57 0.36 -15.67 -5.35
C GLU A 57 1.71 -15.10 -5.82
N ASN A 58 2.55 -15.97 -6.37
CA ASN A 58 3.94 -15.61 -6.68
C ASN A 58 4.09 -14.90 -8.04
N ASP A 59 3.47 -15.43 -9.09
CA ASP A 59 3.67 -14.89 -10.43
C ASP A 59 3.07 -13.48 -10.61
N HIS A 60 3.90 -12.47 -10.43
CA HIS A 60 3.57 -11.09 -10.78
C HIS A 60 4.85 -10.23 -10.82
N LYS A 61 4.77 -9.05 -11.41
CA LYS A 61 5.97 -8.27 -11.76
C LYS A 61 6.69 -7.70 -10.53
N LEU A 62 6.12 -6.65 -9.93
CA LEU A 62 6.79 -5.89 -8.86
C LEU A 62 8.18 -5.39 -9.30
N ASN A 63 8.20 -4.29 -10.03
CA ASN A 63 9.45 -3.62 -10.42
C ASN A 63 9.76 -2.48 -9.42
N LYS A 64 11.01 -2.03 -9.37
CA LYS A 64 11.42 -0.95 -8.45
C LYS A 64 10.57 0.33 -8.62
N TYR A 65 9.82 0.40 -9.72
CA TYR A 65 8.81 1.45 -9.92
C TYR A 65 7.52 0.86 -10.48
N ALA A 66 6.55 0.63 -9.59
CA ALA A 66 5.25 0.06 -9.97
C ALA A 66 4.15 0.55 -9.00
N PHE A 67 2.90 0.23 -9.30
CA PHE A 67 1.76 0.70 -8.48
C PHE A 67 0.92 -0.46 -7.95
N LEU A 68 0.66 -0.45 -6.63
CA LEU A 68 -0.15 -1.49 -5.98
C LEU A 68 -1.39 -0.89 -5.29
N ARG A 69 -2.49 -1.64 -5.31
CA ARG A 69 -3.70 -1.27 -4.56
C ARG A 69 -3.97 -2.29 -3.45
N LEU A 70 -3.91 -1.84 -2.19
CA LEU A 70 -4.00 -2.75 -1.03
C LEU A 70 -5.39 -2.71 -0.39
N TYR A 71 -5.86 -3.87 0.06
CA TYR A 71 -7.16 -3.99 0.72
C TYR A 71 -7.02 -4.49 2.17
N VAL A 72 -7.51 -3.70 3.11
CA VAL A 72 -7.50 -4.07 4.53
C VAL A 72 -8.91 -4.45 5.01
N ASP A 73 -9.00 -5.53 5.77
CA ASP A 73 -10.29 -6.04 6.24
C ASP A 73 -10.17 -6.66 7.64
N GLN A 74 -11.27 -6.67 8.39
CA GLN A 74 -11.30 -7.28 9.72
C GLN A 74 -12.17 -8.55 9.71
N ASP A 75 -11.70 -9.60 10.38
CA ASP A 75 -12.38 -10.90 10.36
C ASP A 75 -13.74 -10.86 11.09
N ASP A 76 -13.97 -9.80 11.85
CA ASP A 76 -15.27 -9.59 12.51
C ASP A 76 -15.61 -8.07 12.57
N ASN A 77 -16.78 -7.74 13.12
CA ASN A 77 -17.26 -6.34 13.13
C ASN A 77 -17.75 -5.93 14.53
N SER A 78 -17.99 -4.62 14.73
CA SER A 78 -18.45 -4.08 16.02
C SER A 78 -17.36 -4.20 17.11
N LYS A 79 -16.10 -4.24 16.67
CA LYS A 79 -14.95 -4.30 17.59
C LYS A 79 -14.74 -2.93 18.27
N ASN A 80 -13.93 -2.89 19.33
CA ASN A 80 -13.58 -1.63 20.00
C ASN A 80 -13.03 -0.60 18.99
N GLU A 81 -12.15 -1.06 18.11
CA GLU A 81 -11.60 -0.23 17.02
C GLU A 81 -11.32 -1.11 15.81
N ILE A 82 -11.41 -0.53 14.62
CA ILE A 82 -11.13 -1.25 13.37
C ILE A 82 -9.66 -1.06 12.97
N SER A 83 -8.86 -2.11 13.13
CA SER A 83 -7.43 -2.05 12.85
C SER A 83 -7.16 -2.10 11.33
N SER A 84 -7.12 -0.93 10.71
CA SER A 84 -6.90 -0.81 9.26
C SER A 84 -5.42 -1.02 8.86
N ILE A 85 -4.69 -1.82 9.64
CA ILE A 85 -3.29 -2.13 9.33
C ILE A 85 -3.13 -3.58 8.83
N GLU A 86 -4.19 -4.37 8.95
CA GLU A 86 -4.14 -5.80 8.58
C GLU A 86 -4.58 -6.02 7.12
N VAL A 87 -3.62 -5.88 6.19
CA VAL A 87 -3.89 -6.07 4.76
C VAL A 87 -3.93 -7.56 4.39
N LYS A 88 -4.95 -7.96 3.62
CA LYS A 88 -5.13 -9.37 3.22
C LYS A 88 -4.72 -9.63 1.77
N SER A 89 -4.76 -8.59 0.92
CA SER A 89 -4.45 -8.75 -0.51
C SER A 89 -4.15 -7.40 -1.19
N TYR A 90 -3.53 -7.46 -2.37
CA TYR A 90 -3.24 -6.26 -3.16
C TYR A 90 -3.25 -6.57 -4.66
N GLU A 91 -3.46 -5.53 -5.47
CA GLU A 91 -3.47 -5.68 -6.94
C GLU A 91 -2.35 -4.86 -7.59
N GLU A 92 -1.77 -5.37 -8.67
CA GLU A 92 -0.77 -4.63 -9.44
C GLU A 92 -1.49 -3.80 -10.53
N ILE A 93 -1.59 -2.49 -10.31
CA ILE A 93 -2.47 -1.63 -11.10
C ILE A 93 -1.71 -0.60 -11.96
N GLN A 94 -2.49 0.17 -12.72
CA GLN A 94 -1.96 1.26 -13.53
C GLN A 94 -2.14 2.62 -12.81
N LYS A 95 -1.46 3.65 -13.30
CA LYS A 95 -1.52 4.99 -12.68
C LYS A 95 -2.95 5.57 -12.71
N ALA A 96 -3.76 5.15 -13.68
CA ALA A 96 -5.15 5.60 -13.80
C ALA A 96 -5.98 5.24 -12.55
N ASP A 97 -5.74 4.04 -11.99
CA ASP A 97 -6.45 3.60 -10.78
C ASP A 97 -6.06 4.43 -9.54
N LEU A 98 -5.00 5.23 -9.66
CA LEU A 98 -4.58 6.14 -8.59
C LEU A 98 -5.39 7.45 -8.64
N PRO A 99 -6.26 7.70 -7.65
CA PRO A 99 -7.06 8.95 -7.62
C PRO A 99 -6.19 10.20 -7.68
N GLU A 100 -6.77 11.30 -8.15
CA GLU A 100 -6.03 12.56 -8.35
C GLU A 100 -5.19 12.95 -7.12
N LYS A 101 -5.78 12.81 -5.93
CA LYS A 101 -5.05 13.10 -4.67
C LYS A 101 -3.75 12.27 -4.58
N VAL A 102 -3.86 10.97 -4.83
CA VAL A 102 -2.73 10.05 -4.71
C VAL A 102 -1.61 10.34 -5.73
N LYS A 103 -1.97 10.55 -6.99
CA LYS A 103 -0.97 10.84 -8.03
C LYS A 103 -0.20 12.14 -7.72
N ASP A 104 -0.91 13.17 -7.24
CA ASP A 104 -0.25 14.41 -6.79
C ASP A 104 0.80 14.13 -5.72
N LYS A 105 0.42 13.35 -4.71
CA LYS A 105 1.31 13.00 -3.59
C LYS A 105 2.62 12.34 -4.09
N PHE A 106 2.50 11.43 -5.06
CA PHE A 106 3.67 10.72 -5.59
C PHE A 106 4.53 11.61 -6.52
N THR A 107 3.89 12.26 -7.50
CA THR A 107 4.63 13.06 -8.50
C THR A 107 4.95 14.48 -7.99
N ILE A 108 4.53 14.80 -6.77
CA ILE A 108 4.76 16.12 -6.18
C ILE A 108 4.18 17.24 -7.08
N LYS A 109 3.05 16.93 -7.71
CA LYS A 109 2.33 17.88 -8.60
C LYS A 109 3.19 18.25 -9.84
N LEU A 110 4.28 17.53 -10.06
CA LEU A 110 5.17 17.82 -11.19
C LEU A 110 4.59 17.34 -12.54
N GLU A 111 4.29 16.03 -12.63
CA GLU A 111 3.77 15.45 -13.87
C GLU A 111 2.31 15.89 -14.15
N MET A 1 -8.48 21.32 -9.80
CA MET A 1 -7.48 20.63 -8.94
C MET A 1 -8.17 19.70 -7.93
N GLU A 2 -9.08 20.26 -7.14
CA GLU A 2 -9.85 19.46 -6.17
C GLU A 2 -11.07 18.84 -6.84
N ARG A 3 -11.49 17.66 -6.36
CA ARG A 3 -12.60 16.93 -6.98
C ARG A 3 -13.90 17.20 -6.22
N ALA A 4 -14.66 18.21 -6.67
CA ALA A 4 -15.96 18.55 -6.08
C ALA A 4 -16.88 17.31 -6.01
N SER A 5 -17.01 16.73 -4.83
CA SER A 5 -17.77 15.47 -4.67
C SER A 5 -19.17 15.73 -4.09
N LEU A 6 -20.17 15.07 -4.68
CA LEU A 6 -21.55 15.15 -4.19
C LEU A 6 -21.76 14.25 -2.95
N ASN A 7 -20.70 13.53 -2.56
CA ASN A 7 -20.74 12.65 -1.39
C ASN A 7 -19.42 12.75 -0.59
N ARG A 8 -19.32 11.99 0.50
CA ARG A 8 -18.07 11.93 1.29
C ARG A 8 -17.82 10.51 1.82
N ILE A 9 -18.25 9.51 1.06
CA ILE A 9 -18.07 8.10 1.44
C ILE A 9 -16.68 7.58 1.03
N GLY A 10 -15.98 6.95 1.96
CA GLY A 10 -14.63 6.45 1.67
C GLY A 10 -14.44 4.97 1.93
N LYS A 11 -13.19 4.51 1.82
CA LYS A 11 -12.85 3.09 2.01
C LYS A 11 -11.49 2.95 2.72
N ASP A 12 -11.24 1.79 3.32
CA ASP A 12 -9.94 1.51 3.94
C ASP A 12 -8.93 0.96 2.90
N VAL A 13 -8.85 1.64 1.75
CA VAL A 13 -7.98 1.22 0.65
C VAL A 13 -6.74 2.12 0.54
N TYR A 14 -5.57 1.51 0.39
CA TYR A 14 -4.30 2.26 0.32
C TYR A 14 -3.60 2.08 -1.03
N TYR A 15 -2.73 3.03 -1.38
CA TYR A 15 -2.03 3.03 -2.67
C TYR A 15 -0.52 3.25 -2.48
N MET A 16 0.30 2.34 -2.97
CA MET A 16 1.76 2.40 -2.76
C MET A 16 2.55 2.03 -4.02
N GLN A 17 3.49 2.88 -4.41
CA GLN A 17 4.38 2.57 -5.55
C GLN A 17 5.64 1.83 -5.07
N ILE A 18 6.07 0.84 -5.83
CA ILE A 18 7.22 0.02 -5.44
C ILE A 18 8.54 0.64 -5.91
N LYS A 19 9.39 1.01 -4.96
CA LYS A 19 10.74 1.50 -5.25
C LYS A 19 11.78 0.37 -5.21
N GLY A 20 11.36 -0.78 -4.66
CA GLY A 20 12.28 -1.88 -4.40
C GLY A 20 12.85 -1.81 -3.00
N GLU A 21 14.17 -1.62 -2.89
CA GLU A 21 14.84 -1.43 -1.59
C GLU A 21 14.52 -2.57 -0.60
N GLY A 22 14.31 -3.77 -1.12
CA GLY A 22 14.04 -4.93 -0.27
C GLY A 22 15.31 -5.47 0.38
N THR A 23 15.27 -5.69 1.69
CA THR A 23 16.46 -6.11 2.45
C THR A 23 16.25 -7.46 3.16
N ILE A 24 17.34 -8.21 3.32
CA ILE A 24 17.31 -9.46 4.09
C ILE A 24 17.63 -9.19 5.57
N GLU A 25 16.64 -9.35 6.43
CA GLU A 25 16.79 -9.05 7.86
C GLU A 25 16.89 -10.34 8.67
N LYS A 26 18.07 -10.61 9.21
CA LYS A 26 18.32 -11.84 9.97
C LYS A 26 17.92 -11.67 11.44
N VAL A 27 16.78 -12.27 11.80
CA VAL A 27 16.23 -12.17 13.16
C VAL A 27 16.19 -13.55 13.84
N ASP A 28 16.67 -13.62 15.09
CA ASP A 28 16.77 -14.90 15.82
C ASP A 28 17.69 -15.90 15.08
N GLY A 29 18.62 -15.38 14.29
CA GLY A 29 19.50 -16.23 13.49
C GLY A 29 18.83 -16.75 12.23
N ARG A 30 17.62 -16.27 11.94
CA ARG A 30 16.88 -16.68 10.74
C ARG A 30 16.82 -15.54 9.72
N ASN A 31 17.21 -15.85 8.48
CA ASN A 31 17.21 -14.86 7.40
C ASN A 31 15.79 -14.59 6.90
N LEU A 32 15.24 -13.42 7.24
CA LEU A 32 13.88 -13.04 6.83
C LEU A 32 13.92 -11.96 5.74
N ARG A 33 12.80 -11.81 5.02
CA ARG A 33 12.69 -10.79 3.97
C ARG A 33 11.45 -9.90 4.16
N ASN A 34 11.66 -8.60 4.33
CA ASN A 34 10.56 -7.65 4.55
C ASN A 34 10.70 -6.41 3.66
N TYR A 35 9.57 -5.80 3.31
CA TYR A 35 9.56 -4.59 2.48
C TYR A 35 8.73 -3.48 3.14
N THR A 36 9.33 -2.31 3.34
CA THR A 36 8.66 -1.19 4.01
C THR A 36 8.66 0.07 3.12
N LEU A 37 7.48 0.44 2.64
CA LEU A 37 7.34 1.61 1.74
C LEU A 37 6.15 2.50 2.17
N PRO A 38 6.17 3.80 1.78
CA PRO A 38 5.07 4.74 2.09
C PRO A 38 3.81 4.53 1.22
N ALA A 39 2.67 4.33 1.88
CA ALA A 39 1.39 4.12 1.18
C ALA A 39 0.39 5.23 1.53
N TYR A 40 -0.34 5.71 0.52
CA TYR A 40 -1.29 6.81 0.70
C TYR A 40 -2.74 6.31 0.58
N ASP A 41 -3.65 6.88 1.38
CA ASP A 41 -5.08 6.54 1.25
C ASP A 41 -5.72 7.27 0.06
N GLU A 42 -7.04 7.15 -0.08
CA GLU A 42 -7.76 7.77 -1.21
C GLU A 42 -7.54 9.29 -1.30
N ASP A 43 -7.28 9.94 -0.17
CA ASP A 43 -7.01 11.38 -0.16
C ASP A 43 -5.54 11.67 -0.50
N GLY A 44 -4.67 10.75 -0.11
CA GLY A 44 -3.24 10.91 -0.35
C GLY A 44 -2.43 11.18 0.91
N VAL A 45 -3.00 10.83 2.07
CA VAL A 45 -2.31 10.99 3.36
C VAL A 45 -1.20 9.93 3.49
N LYS A 46 0.01 10.36 3.85
CA LYS A 46 1.17 9.47 3.89
C LYS A 46 1.12 8.50 5.08
N LYS A 47 1.00 7.22 4.77
CA LYS A 47 1.14 6.14 5.76
C LYS A 47 2.38 5.30 5.41
N GLN A 48 2.77 4.39 6.30
CA GLN A 48 3.93 3.52 6.06
C GLN A 48 3.56 2.05 6.29
N ILE A 49 3.70 1.23 5.26
CA ILE A 49 3.27 -0.17 5.31
C ILE A 49 4.43 -1.16 5.07
N THR A 50 4.56 -2.14 5.96
CA THR A 50 5.50 -3.24 5.79
C THR A 50 4.77 -4.50 5.29
N PHE A 51 5.08 -4.93 4.08
CA PHE A 51 4.41 -6.11 3.49
C PHE A 51 5.40 -7.26 3.27
N ARG A 52 5.02 -8.45 3.71
CA ARG A 52 5.86 -9.64 3.58
C ARG A 52 5.57 -10.36 2.24
N SER A 53 6.62 -10.60 1.46
CA SER A 53 6.46 -11.18 0.10
C SER A 53 5.86 -12.58 0.12
N THR A 54 4.55 -12.67 -0.12
CA THR A 54 3.87 -13.97 -0.27
C THR A 54 4.19 -14.59 -1.63
N LYS A 55 5.43 -15.07 -1.79
CA LYS A 55 5.93 -15.61 -3.06
C LYS A 55 6.95 -16.73 -2.81
N LYS A 56 7.04 -17.68 -3.75
CA LYS A 56 7.96 -18.82 -3.62
C LYS A 56 9.40 -18.45 -4.04
N GLU A 57 9.54 -17.74 -5.16
CA GLU A 57 10.87 -17.33 -5.64
C GLU A 57 11.32 -16.00 -5.01
N ASN A 58 12.57 -15.61 -5.28
CA ASN A 58 13.15 -14.41 -4.66
C ASN A 58 12.88 -13.13 -5.47
N ASP A 59 12.64 -13.28 -6.77
CA ASP A 59 12.43 -12.14 -7.67
C ASP A 59 11.18 -11.32 -7.30
N HIS A 60 11.39 -10.01 -7.09
CA HIS A 60 10.27 -9.11 -6.83
C HIS A 60 9.62 -8.68 -8.16
N LYS A 61 8.54 -9.36 -8.54
CA LYS A 61 7.79 -9.00 -9.75
C LYS A 61 7.22 -7.58 -9.66
N LEU A 62 7.20 -7.04 -8.44
CA LEU A 62 6.88 -5.64 -8.21
C LEU A 62 8.06 -4.76 -8.67
N ASN A 63 7.90 -4.10 -9.82
CA ASN A 63 8.99 -3.32 -10.42
C ASN A 63 9.03 -1.86 -9.91
N LYS A 64 10.15 -1.18 -10.18
CA LYS A 64 10.41 0.17 -9.67
C LYS A 64 9.47 1.24 -10.28
N TYR A 65 8.51 0.81 -11.10
CA TYR A 65 7.53 1.71 -11.71
C TYR A 65 6.10 1.16 -11.53
N ALA A 66 5.93 0.22 -10.60
CA ALA A 66 4.65 -0.44 -10.39
C ALA A 66 3.85 0.21 -9.25
N PHE A 67 2.64 0.67 -9.55
CA PHE A 67 1.73 1.21 -8.54
C PHE A 67 0.83 0.09 -8.00
N LEU A 68 0.77 -0.07 -6.68
CA LEU A 68 -0.07 -1.10 -6.06
C LEU A 68 -1.22 -0.50 -5.26
N ARG A 69 -2.32 -1.24 -5.21
CA ARG A 69 -3.46 -0.90 -4.36
C ARG A 69 -3.61 -1.98 -3.28
N LEU A 70 -3.45 -1.58 -2.01
CA LEU A 70 -3.44 -2.52 -0.89
C LEU A 70 -4.79 -2.54 -0.17
N TYR A 71 -5.18 -3.72 0.30
CA TYR A 71 -6.45 -3.89 1.01
C TYR A 71 -6.20 -4.42 2.44
N VAL A 72 -6.91 -3.85 3.41
CA VAL A 72 -6.75 -4.23 4.82
C VAL A 72 -7.92 -5.13 5.27
N ASP A 73 -7.71 -5.93 6.32
CA ASP A 73 -8.66 -7.00 6.66
C ASP A 73 -9.57 -6.64 7.86
N GLN A 74 -10.87 -6.52 7.58
CA GLN A 74 -11.87 -6.36 8.62
C GLN A 74 -12.36 -7.73 9.09
N ASP A 75 -11.90 -8.17 10.26
CA ASP A 75 -12.22 -9.50 10.76
C ASP A 75 -13.73 -9.64 11.06
N ASP A 76 -14.32 -8.58 11.60
CA ASP A 76 -15.73 -8.57 11.98
C ASP A 76 -16.23 -7.12 12.18
N ASN A 77 -17.55 -6.94 12.16
CA ASN A 77 -18.14 -5.61 12.39
C ASN A 77 -18.00 -5.20 13.86
N SER A 78 -16.78 -4.83 14.24
CA SER A 78 -16.48 -4.44 15.63
C SER A 78 -16.54 -2.93 15.83
N LYS A 79 -17.36 -2.50 16.79
CA LYS A 79 -17.43 -1.08 17.16
C LYS A 79 -16.60 -0.82 18.43
N ASN A 80 -15.72 -1.77 18.77
CA ASN A 80 -14.88 -1.66 19.97
C ASN A 80 -13.40 -1.94 19.64
N GLU A 81 -13.10 -3.18 19.26
CA GLU A 81 -11.73 -3.58 18.88
C GLU A 81 -11.42 -3.18 17.43
N ILE A 82 -10.14 -3.05 17.10
CA ILE A 82 -9.72 -2.62 15.77
C ILE A 82 -9.42 -3.82 14.86
N SER A 83 -9.86 -3.74 13.60
CA SER A 83 -9.61 -4.80 12.61
C SER A 83 -8.12 -5.09 12.42
N SER A 84 -7.79 -6.17 11.69
CA SER A 84 -6.40 -6.53 11.44
C SER A 84 -5.72 -5.50 10.52
N ILE A 85 -4.69 -4.84 11.03
CA ILE A 85 -3.97 -3.80 10.28
C ILE A 85 -3.06 -4.40 9.19
N GLU A 86 -3.11 -5.72 9.02
CA GLU A 86 -2.31 -6.41 8.00
C GLU A 86 -2.97 -6.34 6.62
N VAL A 87 -2.16 -6.24 5.57
CA VAL A 87 -2.65 -6.19 4.19
C VAL A 87 -3.06 -7.59 3.71
N LYS A 88 -4.36 -7.83 3.63
CA LYS A 88 -4.88 -9.17 3.27
C LYS A 88 -4.76 -9.45 1.76
N SER A 89 -4.49 -8.41 0.98
CA SER A 89 -4.30 -8.56 -0.48
C SER A 89 -3.76 -7.28 -1.10
N TYR A 90 -3.00 -7.42 -2.18
CA TYR A 90 -2.45 -6.28 -2.93
C TYR A 90 -2.65 -6.49 -4.43
N GLU A 91 -2.94 -5.41 -5.15
CA GLU A 91 -3.26 -5.50 -6.57
C GLU A 91 -2.44 -4.49 -7.39
N GLU A 92 -2.03 -4.87 -8.60
CA GLU A 92 -1.22 -3.99 -9.45
C GLU A 92 -2.09 -3.08 -10.33
N ILE A 93 -1.95 -1.77 -10.16
CA ILE A 93 -2.72 -0.79 -10.94
C ILE A 93 -1.81 0.29 -11.55
N GLN A 94 -2.41 1.22 -12.29
CA GLN A 94 -1.65 2.27 -12.99
C GLN A 94 -1.98 3.67 -12.44
N LYS A 95 -1.15 4.65 -12.80
CA LYS A 95 -1.28 6.04 -12.31
C LYS A 95 -2.68 6.62 -12.57
N ALA A 96 -3.24 6.30 -13.74
CA ALA A 96 -4.58 6.80 -14.12
C ALA A 96 -5.69 6.27 -13.21
N ASP A 97 -5.54 5.03 -12.76
CA ASP A 97 -6.57 4.37 -11.94
C ASP A 97 -6.59 4.95 -10.51
N LEU A 98 -5.46 5.52 -10.08
CA LEU A 98 -5.38 6.19 -8.78
C LEU A 98 -6.38 7.36 -8.69
N PRO A 99 -7.05 7.55 -7.53
CA PRO A 99 -7.87 8.74 -7.29
C PRO A 99 -7.11 10.04 -7.62
N GLU A 100 -7.81 11.04 -8.15
CA GLU A 100 -7.16 12.21 -8.76
C GLU A 100 -6.54 13.17 -7.72
N LYS A 101 -6.40 12.70 -6.48
CA LYS A 101 -5.58 13.40 -5.48
C LYS A 101 -4.30 12.61 -5.16
N VAL A 102 -4.42 11.28 -5.10
CA VAL A 102 -3.28 10.39 -4.86
C VAL A 102 -2.21 10.53 -5.95
N LYS A 103 -2.64 10.54 -7.20
CA LYS A 103 -1.71 10.73 -8.32
C LYS A 103 -0.94 12.06 -8.18
N ASP A 104 -1.59 13.09 -7.66
CA ASP A 104 -0.93 14.36 -7.33
C ASP A 104 0.08 14.20 -6.19
N LYS A 105 -0.20 13.28 -5.26
CA LYS A 105 0.73 13.00 -4.16
C LYS A 105 1.97 12.23 -4.64
N PHE A 106 1.84 11.52 -5.76
CA PHE A 106 2.97 10.81 -6.37
C PHE A 106 3.81 11.71 -7.29
N THR A 107 3.16 12.68 -7.95
CA THR A 107 3.90 13.66 -8.77
C THR A 107 4.44 14.81 -7.91
N ILE A 108 3.72 15.11 -6.82
CA ILE A 108 4.16 16.06 -5.78
C ILE A 108 4.21 17.53 -6.26
N LYS A 109 4.00 17.75 -7.56
CA LYS A 109 4.05 19.11 -8.13
C LYS A 109 2.66 19.59 -8.58
N LEU A 110 2.47 20.91 -8.59
CA LEU A 110 1.19 21.53 -8.95
C LEU A 110 1.39 22.87 -9.67
N GLU A 111 0.29 23.59 -9.94
CA GLU A 111 0.36 24.89 -10.60
C GLU A 111 -0.86 25.78 -10.25
N MET A 1 -5.03 5.40 -21.43
CA MET A 1 -5.87 6.09 -20.42
C MET A 1 -7.35 6.13 -20.84
N GLU A 2 -8.20 5.40 -20.12
CA GLU A 2 -9.64 5.42 -20.38
C GLU A 2 -10.27 6.72 -19.86
N ARG A 3 -10.55 7.65 -20.78
CA ARG A 3 -11.06 8.96 -20.41
C ARG A 3 -12.56 8.91 -20.07
N ALA A 4 -12.85 8.48 -18.85
CA ALA A 4 -14.23 8.43 -18.34
C ALA A 4 -14.27 8.89 -16.88
N SER A 5 -15.00 9.97 -16.61
CA SER A 5 -15.02 10.57 -15.27
C SER A 5 -15.86 9.76 -14.27
N LEU A 6 -15.28 8.68 -13.77
CA LEU A 6 -15.89 7.88 -12.70
C LEU A 6 -15.17 8.14 -11.37
N ASN A 7 -15.83 8.84 -10.45
CA ASN A 7 -15.23 9.14 -9.14
C ASN A 7 -15.01 7.87 -8.31
N ARG A 8 -13.87 7.22 -8.50
CA ARG A 8 -13.53 6.01 -7.73
C ARG A 8 -13.04 6.40 -6.34
N ILE A 9 -14.00 6.66 -5.46
CA ILE A 9 -13.70 7.07 -4.09
C ILE A 9 -14.24 6.02 -3.09
N GLY A 10 -13.34 5.48 -2.27
CA GLY A 10 -13.74 4.46 -1.30
C GLY A 10 -12.89 4.48 -0.04
N LYS A 11 -13.09 3.49 0.83
CA LYS A 11 -12.39 3.44 2.12
C LYS A 11 -11.64 2.12 2.29
N ASP A 12 -10.81 2.01 3.33
CA ASP A 12 -10.03 0.80 3.61
C ASP A 12 -9.06 0.45 2.46
N VAL A 13 -8.69 1.46 1.67
CA VAL A 13 -7.77 1.27 0.55
C VAL A 13 -6.53 2.17 0.66
N TYR A 14 -5.35 1.57 0.51
CA TYR A 14 -4.07 2.30 0.60
C TYR A 14 -3.24 2.10 -0.66
N TYR A 15 -2.70 3.19 -1.21
CA TYR A 15 -1.97 3.14 -2.48
C TYR A 15 -0.46 3.23 -2.27
N MET A 16 0.28 2.27 -2.82
CA MET A 16 1.72 2.17 -2.59
C MET A 16 2.49 2.02 -3.92
N GLN A 17 3.67 2.64 -4.00
CA GLN A 17 4.57 2.46 -5.15
C GLN A 17 5.84 1.70 -4.74
N ILE A 18 6.30 0.80 -5.60
CA ILE A 18 7.55 0.07 -5.34
C ILE A 18 8.76 1.02 -5.43
N LYS A 19 9.41 1.24 -4.28
CA LYS A 19 10.55 2.16 -4.19
C LYS A 19 11.39 1.84 -2.94
N GLY A 20 11.57 0.56 -2.65
CA GLY A 20 12.18 0.15 -1.39
C GLY A 20 13.45 -0.69 -1.53
N GLU A 21 14.35 -0.55 -0.56
CA GLU A 21 15.59 -1.31 -0.51
C GLU A 21 15.33 -2.78 -0.14
N GLY A 22 15.50 -3.69 -1.11
CA GLY A 22 15.33 -5.12 -0.85
C GLY A 22 16.24 -5.64 0.28
N THR A 23 15.70 -5.69 1.49
CA THR A 23 16.48 -6.06 2.68
C THR A 23 16.15 -7.46 3.20
N ILE A 24 17.16 -8.17 3.71
CA ILE A 24 16.97 -9.47 4.36
C ILE A 24 17.50 -9.43 5.81
N GLU A 25 16.60 -9.49 6.78
CA GLU A 25 16.97 -9.36 8.20
C GLU A 25 16.88 -10.70 8.94
N LYS A 26 17.92 -11.03 9.72
CA LYS A 26 17.93 -12.29 10.48
C LYS A 26 17.16 -12.17 11.79
N VAL A 27 16.18 -13.05 11.96
CA VAL A 27 15.47 -13.21 13.24
C VAL A 27 15.65 -14.64 13.75
N ASP A 28 16.03 -14.79 15.02
CA ASP A 28 16.43 -16.10 15.59
C ASP A 28 17.71 -16.63 14.89
N GLY A 29 18.42 -15.74 14.22
CA GLY A 29 19.58 -16.13 13.42
C GLY A 29 19.22 -16.59 12.01
N ARG A 30 17.92 -16.66 11.73
CA ARG A 30 17.43 -17.10 10.42
C ARG A 30 17.12 -15.90 9.52
N ASN A 31 17.50 -15.99 8.25
CA ASN A 31 17.31 -14.91 7.29
C ASN A 31 15.84 -14.79 6.85
N LEU A 32 15.18 -13.72 7.27
CA LEU A 32 13.79 -13.45 6.89
C LEU A 32 13.70 -12.20 6.00
N ARG A 33 12.68 -12.14 5.16
CA ARG A 33 12.48 -11.00 4.25
C ARG A 33 11.64 -9.89 4.90
N ASN A 34 12.11 -8.66 4.81
CA ASN A 34 11.41 -7.50 5.36
C ASN A 34 11.38 -6.32 4.36
N TYR A 35 10.19 -5.85 4.00
CA TYR A 35 10.05 -4.75 3.05
C TYR A 35 9.18 -3.62 3.63
N THR A 36 9.72 -2.41 3.68
CA THR A 36 8.99 -1.24 4.18
C THR A 36 8.78 -0.21 3.07
N LEU A 37 7.52 0.09 2.73
CA LEU A 37 7.20 1.03 1.66
C LEU A 37 6.20 2.11 2.10
N PRO A 38 6.27 3.31 1.49
CA PRO A 38 5.31 4.40 1.75
C PRO A 38 3.97 4.20 1.01
N ALA A 39 2.87 4.54 1.67
CA ALA A 39 1.53 4.42 1.08
C ALA A 39 0.73 5.70 1.27
N TYR A 40 -0.34 5.84 0.49
CA TYR A 40 -1.23 7.01 0.60
C TYR A 40 -2.71 6.58 0.70
N ASP A 41 -3.42 7.18 1.64
CA ASP A 41 -4.86 6.95 1.81
C ASP A 41 -5.66 7.59 0.66
N GLU A 42 -6.98 7.37 0.62
CA GLU A 42 -7.86 7.92 -0.44
C GLU A 42 -7.62 9.43 -0.65
N ASP A 43 -7.48 10.18 0.44
CA ASP A 43 -7.30 11.63 0.39
C ASP A 43 -5.83 12.02 0.14
N GLY A 44 -4.96 11.02 0.06
CA GLY A 44 -3.53 11.27 -0.13
C GLY A 44 -2.76 11.36 1.18
N VAL A 45 -3.35 10.83 2.25
CA VAL A 45 -2.71 10.82 3.58
C VAL A 45 -1.51 9.86 3.61
N LYS A 46 -0.34 10.38 3.98
CA LYS A 46 0.89 9.59 3.98
C LYS A 46 0.93 8.57 5.13
N LYS A 47 0.95 7.28 4.75
CA LYS A 47 1.06 6.17 5.71
C LYS A 47 2.34 5.36 5.44
N GLN A 48 2.73 4.51 6.39
CA GLN A 48 3.86 3.60 6.18
C GLN A 48 3.44 2.14 6.43
N ILE A 49 3.72 1.26 5.46
CA ILE A 49 3.33 -0.14 5.56
C ILE A 49 4.55 -1.08 5.36
N THR A 50 4.73 -2.00 6.30
CA THR A 50 5.80 -3.00 6.22
C THR A 50 5.22 -4.41 6.01
N PHE A 51 5.63 -5.06 4.93
CA PHE A 51 5.15 -6.41 4.60
C PHE A 51 6.31 -7.33 4.24
N ARG A 52 6.03 -8.62 4.10
CA ARG A 52 7.06 -9.59 3.69
C ARG A 52 6.78 -10.11 2.27
N SER A 53 5.57 -10.63 2.04
CA SER A 53 5.17 -11.11 0.69
C SER A 53 3.78 -11.76 0.69
N THR A 54 3.07 -11.63 -0.43
CA THR A 54 1.79 -12.36 -0.64
C THR A 54 2.04 -13.68 -1.38
N LYS A 55 3.31 -13.92 -1.71
CA LYS A 55 3.74 -15.16 -2.36
C LYS A 55 4.84 -15.83 -1.53
N LYS A 56 4.54 -16.99 -0.94
CA LYS A 56 5.50 -17.70 -0.08
C LYS A 56 6.61 -18.38 -0.91
N GLU A 57 6.44 -18.38 -2.24
CA GLU A 57 7.50 -18.85 -3.14
C GLU A 57 8.56 -17.76 -3.37
N ASN A 58 9.62 -18.10 -4.10
CA ASN A 58 10.65 -17.12 -4.46
C ASN A 58 10.16 -16.15 -5.55
N ASP A 59 9.03 -16.51 -6.17
CA ASP A 59 8.34 -15.66 -7.14
C ASP A 59 7.75 -14.41 -6.47
N HIS A 60 7.74 -13.28 -7.19
CA HIS A 60 7.15 -12.04 -6.67
C HIS A 60 6.96 -10.99 -7.80
N LYS A 61 5.71 -10.72 -8.15
CA LYS A 61 5.38 -9.79 -9.25
C LYS A 61 5.41 -8.33 -8.76
N LEU A 62 6.62 -7.80 -8.58
CA LEU A 62 6.82 -6.44 -8.07
C LEU A 62 7.81 -5.66 -8.96
N ASN A 63 7.29 -4.85 -9.87
CA ASN A 63 8.12 -4.09 -10.81
C ASN A 63 8.77 -2.87 -10.15
N LYS A 64 9.96 -2.50 -10.63
CA LYS A 64 10.79 -1.43 -10.02
C LYS A 64 10.00 -0.13 -9.73
N TYR A 65 8.99 0.17 -10.54
CA TYR A 65 8.13 1.34 -10.30
C TYR A 65 6.65 1.00 -10.51
N ALA A 66 6.21 -0.09 -9.91
CA ALA A 66 4.80 -0.52 -10.00
C ALA A 66 3.90 0.25 -9.03
N PHE A 67 2.75 0.68 -9.52
CA PHE A 67 1.73 1.31 -8.68
C PHE A 67 0.74 0.25 -8.14
N LEU A 68 0.55 0.22 -6.83
CA LEU A 68 -0.26 -0.82 -6.19
C LEU A 68 -1.44 -0.24 -5.39
N ARG A 69 -2.53 -0.99 -5.39
CA ARG A 69 -3.71 -0.68 -4.56
C ARG A 69 -3.87 -1.79 -3.51
N LEU A 70 -3.74 -1.42 -2.24
CA LEU A 70 -3.76 -2.38 -1.13
C LEU A 70 -5.14 -2.42 -0.47
N TYR A 71 -5.57 -3.63 -0.12
CA TYR A 71 -6.85 -3.83 0.54
C TYR A 71 -6.65 -4.30 1.99
N VAL A 72 -7.24 -3.60 2.95
CA VAL A 72 -7.11 -3.95 4.36
C VAL A 72 -8.41 -4.55 4.92
N ASP A 73 -8.28 -5.64 5.66
CA ASP A 73 -9.42 -6.25 6.36
C ASP A 73 -9.08 -6.47 7.84
N GLN A 74 -9.74 -5.70 8.70
CA GLN A 74 -9.57 -5.84 10.15
C GLN A 74 -10.78 -6.54 10.77
N ASP A 75 -10.59 -7.78 11.19
CA ASP A 75 -11.69 -8.60 11.72
C ASP A 75 -12.19 -8.06 13.08
N ASP A 76 -11.27 -7.79 13.99
CA ASP A 76 -11.62 -7.25 15.30
C ASP A 76 -11.94 -5.75 15.22
N ASN A 77 -13.07 -5.42 14.62
CA ASN A 77 -13.54 -4.03 14.50
C ASN A 77 -15.07 -3.97 14.57
N SER A 78 -15.58 -3.43 15.66
CA SER A 78 -17.03 -3.27 15.86
C SER A 78 -17.32 -2.55 17.18
N LYS A 79 -17.13 -3.24 18.30
CA LYS A 79 -17.24 -2.61 19.62
C LYS A 79 -15.85 -2.20 20.13
N ASN A 80 -14.82 -2.77 19.51
CA ASN A 80 -13.42 -2.40 19.77
C ASN A 80 -12.76 -1.87 18.49
N GLU A 81 -11.72 -1.05 18.65
CA GLU A 81 -11.04 -0.44 17.50
C GLU A 81 -9.67 -1.07 17.23
N ILE A 82 -9.26 -1.06 15.97
CA ILE A 82 -7.98 -1.65 15.54
C ILE A 82 -7.26 -0.74 14.53
N SER A 83 -5.92 -0.75 14.58
CA SER A 83 -5.06 0.10 13.73
C SER A 83 -5.58 0.27 12.28
N SER A 84 -6.04 -0.84 11.67
CA SER A 84 -6.57 -0.82 10.29
C SER A 84 -5.44 -0.69 9.25
N ILE A 85 -4.27 -1.22 9.60
CA ILE A 85 -3.13 -1.26 8.67
C ILE A 85 -2.86 -2.71 8.22
N GLU A 86 -3.68 -3.63 8.71
CA GLU A 86 -3.52 -5.06 8.44
C GLU A 86 -3.91 -5.43 7.00
N VAL A 87 -3.05 -5.10 6.04
CA VAL A 87 -3.33 -5.35 4.62
C VAL A 87 -3.38 -6.86 4.31
N LYS A 88 -4.42 -7.29 3.60
CA LYS A 88 -4.60 -8.70 3.24
C LYS A 88 -4.00 -9.02 1.86
N SER A 89 -4.03 -8.05 0.94
CA SER A 89 -3.53 -8.25 -0.43
C SER A 89 -3.40 -6.92 -1.18
N TYR A 90 -2.88 -6.98 -2.42
CA TYR A 90 -2.70 -5.77 -3.24
C TYR A 90 -3.03 -6.03 -4.73
N GLU A 91 -3.17 -4.95 -5.48
CA GLU A 91 -3.51 -5.01 -6.91
C GLU A 91 -2.62 -4.04 -7.72
N GLU A 92 -2.17 -4.47 -8.90
CA GLU A 92 -1.33 -3.61 -9.74
C GLU A 92 -2.17 -2.75 -10.69
N ILE A 93 -2.22 -1.44 -10.43
CA ILE A 93 -3.09 -0.53 -11.17
C ILE A 93 -2.29 0.51 -11.99
N GLN A 94 -3.01 1.31 -12.77
CA GLN A 94 -2.40 2.36 -13.59
C GLN A 94 -2.57 3.75 -12.94
N LYS A 95 -1.83 4.73 -13.46
CA LYS A 95 -1.86 6.11 -12.94
C LYS A 95 -3.28 6.68 -12.85
N ALA A 96 -4.15 6.30 -13.79
CA ALA A 96 -5.54 6.75 -13.82
C ALA A 96 -6.33 6.27 -12.58
N ASP A 97 -6.13 5.00 -12.21
CA ASP A 97 -6.89 4.37 -11.11
C ASP A 97 -6.58 4.99 -9.74
N LEU A 98 -5.54 5.81 -9.67
CA LEU A 98 -5.25 6.59 -8.45
C LEU A 98 -6.28 7.72 -8.29
N PRO A 99 -7.06 7.74 -7.19
CA PRO A 99 -8.10 8.77 -6.96
C PRO A 99 -7.56 10.19 -7.11
N GLU A 100 -8.46 11.15 -7.35
CA GLU A 100 -8.07 12.51 -7.72
C GLU A 100 -7.06 13.15 -6.76
N LYS A 101 -7.16 12.86 -5.46
CA LYS A 101 -6.18 13.35 -4.50
C LYS A 101 -4.84 12.61 -4.65
N VAL A 102 -4.91 11.28 -4.65
CA VAL A 102 -3.71 10.41 -4.69
C VAL A 102 -2.84 10.65 -5.94
N LYS A 103 -3.48 10.75 -7.11
CA LYS A 103 -2.75 10.94 -8.37
C LYS A 103 -1.83 12.19 -8.31
N ASP A 104 -2.35 13.30 -7.79
CA ASP A 104 -1.56 14.52 -7.61
C ASP A 104 -0.57 14.40 -6.44
N LYS A 105 -0.88 13.56 -5.45
CA LYS A 105 0.02 13.34 -4.30
C LYS A 105 1.29 12.57 -4.70
N PHE A 106 1.15 11.56 -5.56
CA PHE A 106 2.30 10.82 -6.08
C PHE A 106 3.14 11.68 -7.03
N THR A 107 2.46 12.29 -8.01
CA THR A 107 3.14 13.10 -9.03
C THR A 107 3.49 14.51 -8.53
N ILE A 108 3.01 14.85 -7.33
CA ILE A 108 3.24 16.17 -6.72
C ILE A 108 2.77 17.32 -7.63
N LYS A 109 1.47 17.60 -7.60
CA LYS A 109 0.88 18.64 -8.47
C LYS A 109 -0.53 19.03 -8.01
N LEU A 110 -1.11 19.98 -8.75
CA LEU A 110 -2.54 20.30 -8.69
C LEU A 110 -3.02 20.66 -10.11
N GLU A 111 -3.33 19.64 -10.91
CA GLU A 111 -3.55 19.82 -12.36
C GLU A 111 -5.00 19.51 -12.78
N MET A 1 -10.75 17.25 20.48
CA MET A 1 -10.82 18.63 19.93
C MET A 1 -10.77 18.62 18.39
N GLU A 2 -11.09 17.47 17.80
CA GLU A 2 -10.86 17.25 16.37
C GLU A 2 -11.94 17.91 15.50
N ARG A 3 -11.50 18.67 14.48
CA ARG A 3 -12.41 19.28 13.51
C ARG A 3 -13.07 18.25 12.58
N ALA A 4 -12.49 17.04 12.51
CA ALA A 4 -13.04 15.98 11.67
C ALA A 4 -14.40 15.49 12.21
N SER A 5 -15.46 15.74 11.45
CA SER A 5 -16.82 15.32 11.84
C SER A 5 -16.89 13.80 12.07
N LEU A 6 -17.27 13.41 13.29
CA LEU A 6 -17.29 12.01 13.67
C LEU A 6 -18.33 11.21 12.84
N ASN A 7 -17.86 10.58 11.78
CA ASN A 7 -18.70 9.71 10.95
C ASN A 7 -18.24 8.24 11.07
N ARG A 8 -19.16 7.30 10.87
CA ARG A 8 -18.84 5.87 10.95
C ARG A 8 -18.10 5.36 9.69
N ILE A 9 -17.77 6.28 8.78
CA ILE A 9 -17.09 5.91 7.53
C ILE A 9 -15.60 5.61 7.76
N GLY A 10 -15.14 4.47 7.23
CA GLY A 10 -13.71 4.14 7.31
C GLY A 10 -13.12 3.83 5.94
N LYS A 11 -11.86 3.37 5.92
CA LYS A 11 -11.16 3.06 4.68
C LYS A 11 -10.27 1.82 4.84
N ASP A 12 -9.95 1.17 3.72
CA ASP A 12 -9.14 -0.05 3.74
C ASP A 12 -8.38 -0.27 2.42
N VAL A 13 -8.18 0.80 1.66
CA VAL A 13 -7.45 0.72 0.39
C VAL A 13 -6.25 1.69 0.38
N TYR A 14 -5.05 1.15 0.19
CA TYR A 14 -3.82 1.95 0.21
C TYR A 14 -3.04 1.78 -1.11
N TYR A 15 -2.50 2.88 -1.65
CA TYR A 15 -1.81 2.86 -2.94
C TYR A 15 -0.29 3.07 -2.78
N MET A 16 0.50 2.08 -3.16
CA MET A 16 1.96 2.12 -2.97
C MET A 16 2.72 1.99 -4.29
N GLN A 17 3.78 2.78 -4.47
CA GLN A 17 4.66 2.64 -5.64
C GLN A 17 6.00 1.98 -5.25
N ILE A 18 6.44 1.03 -6.05
CA ILE A 18 7.70 0.32 -5.79
C ILE A 18 8.92 1.24 -5.98
N LYS A 19 9.87 1.14 -5.06
CA LYS A 19 11.12 1.90 -5.17
C LYS A 19 12.28 1.09 -4.55
N GLY A 20 12.08 -0.22 -4.45
CA GLY A 20 13.06 -1.10 -3.82
C GLY A 20 12.95 -1.11 -2.30
N GLU A 21 14.02 -0.72 -1.61
CA GLU A 21 14.03 -0.60 -0.14
C GLU A 21 13.68 -1.92 0.55
N GLY A 22 14.09 -3.04 -0.05
CA GLY A 22 13.94 -4.34 0.59
C GLY A 22 14.99 -4.56 1.69
N THR A 23 14.54 -4.75 2.92
CA THR A 23 15.44 -4.92 4.06
C THR A 23 15.49 -6.39 4.53
N ILE A 24 16.70 -6.93 4.65
CA ILE A 24 16.90 -8.28 5.20
C ILE A 24 16.83 -8.25 6.73
N GLU A 25 15.83 -8.92 7.29
CA GLU A 25 15.63 -8.93 8.75
C GLU A 25 15.47 -10.36 9.28
N LYS A 26 16.29 -10.72 10.26
CA LYS A 26 16.20 -12.05 10.88
C LYS A 26 15.17 -12.05 12.02
N VAL A 27 14.28 -13.04 12.00
CA VAL A 27 13.37 -13.27 13.12
C VAL A 27 13.74 -14.59 13.82
N ASP A 28 14.18 -14.50 15.08
CA ASP A 28 14.69 -15.67 15.82
C ASP A 28 15.91 -16.30 15.11
N GLY A 29 16.60 -15.51 14.29
CA GLY A 29 17.75 -16.00 13.55
C GLY A 29 17.42 -16.44 12.11
N ARG A 30 16.14 -16.38 11.75
CA ARG A 30 15.71 -16.74 10.39
C ARG A 30 15.65 -15.50 9.47
N ASN A 31 16.42 -15.51 8.40
CA ASN A 31 16.52 -14.35 7.50
C ASN A 31 15.31 -14.20 6.57
N LEU A 32 14.49 -13.18 6.85
CA LEU A 32 13.30 -12.88 6.04
C LEU A 32 13.48 -11.56 5.27
N ARG A 33 12.69 -11.36 4.21
CA ARG A 33 12.77 -10.13 3.41
C ARG A 33 11.51 -9.27 3.58
N ASN A 34 11.66 -8.09 4.17
CA ASN A 34 10.54 -7.16 4.33
C ASN A 34 10.75 -5.89 3.47
N TYR A 35 9.71 -5.46 2.78
CA TYR A 35 9.80 -4.30 1.90
C TYR A 35 9.08 -3.10 2.52
N THR A 36 9.79 -1.99 2.69
CA THR A 36 9.22 -0.79 3.32
C THR A 36 9.10 0.37 2.32
N LEU A 37 7.86 0.71 1.97
CA LEU A 37 7.60 1.73 0.94
C LEU A 37 6.44 2.66 1.33
N PRO A 38 6.41 3.89 0.78
CA PRO A 38 5.34 4.87 1.07
C PRO A 38 4.04 4.58 0.30
N ALA A 39 2.94 4.46 1.03
CA ALA A 39 1.61 4.24 0.44
C ALA A 39 0.66 5.40 0.78
N TYR A 40 -0.14 5.82 -0.19
CA TYR A 40 -1.08 6.92 0.00
C TYR A 40 -2.54 6.43 0.12
N ASP A 41 -3.25 6.99 1.08
CA ASP A 41 -4.69 6.73 1.24
C ASP A 41 -5.50 7.37 0.10
N GLU A 42 -6.78 7.02 0.01
CA GLU A 42 -7.69 7.61 -0.99
C GLU A 42 -7.56 9.14 -1.05
N ASP A 43 -7.49 9.78 0.11
CA ASP A 43 -7.45 11.25 0.20
C ASP A 43 -6.03 11.80 -0.05
N GLY A 44 -5.08 10.91 -0.28
CA GLY A 44 -3.69 11.32 -0.53
C GLY A 44 -2.85 11.41 0.75
N VAL A 45 -3.31 10.75 1.83
CA VAL A 45 -2.57 10.73 3.09
C VAL A 45 -1.38 9.76 3.02
N LYS A 46 -0.16 10.29 3.16
CA LYS A 46 1.06 9.48 3.04
C LYS A 46 1.35 8.67 4.32
N LYS A 47 1.48 7.36 4.16
CA LYS A 47 1.87 6.46 5.25
C LYS A 47 3.04 5.58 4.81
N GLN A 48 3.88 5.17 5.75
CA GLN A 48 4.96 4.22 5.43
C GLN A 48 4.55 2.79 5.83
N ILE A 49 4.35 1.94 4.84
CA ILE A 49 3.86 0.57 5.08
C ILE A 49 4.92 -0.50 4.72
N THR A 50 5.13 -1.45 5.62
CA THR A 50 6.07 -2.56 5.39
C THR A 50 5.31 -3.86 5.09
N PHE A 51 5.53 -4.42 3.89
CA PHE A 51 4.94 -5.72 3.55
C PHE A 51 6.04 -6.79 3.42
N ARG A 52 5.83 -7.94 4.06
CA ARG A 52 6.83 -9.01 4.08
C ARG A 52 6.67 -9.96 2.89
N SER A 53 7.75 -10.67 2.55
CA SER A 53 7.70 -11.71 1.53
C SER A 53 6.88 -12.91 2.02
N THR A 54 5.72 -13.14 1.40
CA THR A 54 4.87 -14.30 1.73
C THR A 54 5.68 -15.60 1.69
N LYS A 55 6.28 -15.87 0.54
CA LYS A 55 7.22 -16.98 0.38
C LYS A 55 8.54 -16.50 -0.25
N LYS A 56 9.55 -17.35 -0.21
CA LYS A 56 10.82 -17.07 -0.89
C LYS A 56 10.73 -17.51 -2.36
N GLU A 57 9.66 -18.22 -2.69
CA GLU A 57 9.32 -18.58 -4.06
C GLU A 57 8.21 -17.66 -4.59
N ASN A 58 7.99 -17.69 -5.91
CA ASN A 58 6.85 -16.99 -6.53
C ASN A 58 6.98 -15.45 -6.46
N ASP A 59 8.08 -14.94 -5.91
CA ASP A 59 8.27 -13.49 -5.77
C ASP A 59 8.49 -12.82 -7.13
N HIS A 60 7.69 -11.79 -7.44
CA HIS A 60 7.78 -11.06 -8.71
C HIS A 60 6.82 -9.85 -8.74
N LYS A 61 6.75 -9.17 -9.89
CA LYS A 61 5.86 -8.01 -10.10
C LYS A 61 6.30 -6.75 -9.35
N LEU A 62 7.33 -6.85 -8.51
CA LEU A 62 7.94 -5.66 -7.92
C LEU A 62 8.83 -4.98 -8.97
N ASN A 63 8.19 -4.51 -10.04
CA ASN A 63 8.89 -4.02 -11.24
C ASN A 63 9.47 -2.62 -11.05
N LYS A 64 10.56 -2.54 -10.28
CA LYS A 64 11.37 -1.32 -10.11
C LYS A 64 10.56 -0.13 -9.55
N TYR A 65 9.69 0.46 -10.38
CA TYR A 65 8.91 1.66 -10.00
C TYR A 65 7.40 1.46 -10.23
N ALA A 66 6.98 0.21 -10.39
CA ALA A 66 5.57 -0.12 -10.68
C ALA A 66 4.62 0.32 -9.56
N PHE A 67 3.39 0.66 -9.94
CA PHE A 67 2.34 1.06 -8.99
C PHE A 67 1.53 -0.15 -8.51
N LEU A 68 1.21 -0.20 -7.22
CA LEU A 68 0.43 -1.29 -6.64
C LEU A 68 -0.79 -0.77 -5.87
N ARG A 69 -1.87 -1.56 -5.85
CA ARG A 69 -3.06 -1.27 -5.04
C ARG A 69 -3.21 -2.33 -3.94
N LEU A 70 -3.13 -1.89 -2.69
CA LEU A 70 -3.13 -2.80 -1.54
C LEU A 70 -4.53 -2.94 -0.91
N TYR A 71 -4.87 -4.15 -0.50
CA TYR A 71 -6.20 -4.46 0.06
C TYR A 71 -6.10 -4.99 1.51
N VAL A 72 -6.87 -4.39 2.41
CA VAL A 72 -6.96 -4.88 3.79
C VAL A 72 -8.44 -4.98 4.23
N ASP A 73 -8.75 -5.90 5.15
CA ASP A 73 -10.13 -6.13 5.57
C ASP A 73 -10.29 -5.97 7.10
N GLN A 74 -11.15 -5.03 7.51
CA GLN A 74 -11.43 -4.81 8.94
C GLN A 74 -12.61 -5.67 9.41
N ASP A 75 -12.31 -6.67 10.23
CA ASP A 75 -13.34 -7.55 10.80
C ASP A 75 -14.08 -6.89 11.97
N ASP A 76 -13.35 -6.13 12.78
CA ASP A 76 -13.93 -5.46 13.96
C ASP A 76 -13.79 -3.93 13.88
N ASN A 77 -14.83 -3.23 14.32
CA ASN A 77 -14.83 -1.76 14.34
C ASN A 77 -13.86 -1.19 15.39
N SER A 78 -13.73 0.15 15.43
CA SER A 78 -12.83 0.81 16.37
C SER A 78 -13.29 2.25 16.67
N LYS A 79 -12.89 2.77 17.83
CA LYS A 79 -13.28 4.12 18.25
C LYS A 79 -12.45 5.20 17.53
N ASN A 80 -12.81 5.51 16.29
CA ASN A 80 -12.14 6.53 15.46
C ASN A 80 -10.76 6.05 14.94
N GLU A 81 -10.07 5.26 15.75
CA GLU A 81 -8.76 4.70 15.38
C GLU A 81 -8.86 3.78 14.15
N ILE A 82 -8.72 4.37 12.95
CA ILE A 82 -8.78 3.60 11.70
C ILE A 82 -7.54 3.86 10.81
N SER A 83 -6.63 2.88 10.78
CA SER A 83 -5.46 2.92 9.88
C SER A 83 -4.65 1.62 9.98
N SER A 84 -4.67 0.83 8.91
CA SER A 84 -3.99 -0.49 8.90
C SER A 84 -2.49 -0.37 8.64
N ILE A 85 -1.71 -1.28 9.23
CA ILE A 85 -0.26 -1.34 8.99
C ILE A 85 0.12 -2.55 8.11
N GLU A 86 -0.64 -3.64 8.23
CA GLU A 86 -0.38 -4.85 7.46
C GLU A 86 -1.50 -5.11 6.42
N VAL A 87 -1.09 -5.46 5.21
CA VAL A 87 -2.02 -5.70 4.10
C VAL A 87 -2.11 -7.20 3.76
N LYS A 88 -3.32 -7.67 3.41
CA LYS A 88 -3.52 -9.09 3.11
C LYS A 88 -3.13 -9.44 1.66
N SER A 89 -3.42 -8.55 0.72
CA SER A 89 -3.12 -8.79 -0.70
C SER A 89 -2.89 -7.48 -1.46
N TYR A 90 -2.20 -7.57 -2.61
CA TYR A 90 -1.90 -6.37 -3.42
C TYR A 90 -1.83 -6.72 -4.92
N GLU A 91 -2.21 -5.76 -5.76
CA GLU A 91 -2.26 -6.00 -7.21
C GLU A 91 -1.48 -4.91 -7.98
N GLU A 92 -1.07 -5.24 -9.21
CA GLU A 92 -0.29 -4.31 -10.05
C GLU A 92 -1.21 -3.42 -10.90
N ILE A 93 -0.97 -2.10 -10.86
CA ILE A 93 -1.80 -1.13 -11.57
C ILE A 93 -0.96 -0.03 -12.24
N GLN A 94 -1.64 0.85 -12.98
CA GLN A 94 -1.00 2.00 -13.63
C GLN A 94 -1.25 3.29 -12.81
N LYS A 95 -0.55 4.38 -13.16
CA LYS A 95 -0.73 5.66 -12.46
C LYS A 95 -2.18 6.18 -12.61
N ALA A 96 -2.81 5.87 -13.74
CA ALA A 96 -4.18 6.30 -14.01
C ALA A 96 -5.22 5.51 -13.18
N ASP A 97 -4.78 4.43 -12.54
CA ASP A 97 -5.65 3.61 -11.69
C ASP A 97 -5.76 4.24 -10.29
N LEU A 98 -4.95 5.26 -10.04
CA LEU A 98 -4.96 5.98 -8.77
C LEU A 98 -6.06 7.05 -8.76
N PRO A 99 -6.80 7.19 -7.63
CA PRO A 99 -7.83 8.25 -7.51
C PRO A 99 -7.24 9.67 -7.59
N GLU A 100 -8.11 10.66 -7.73
CA GLU A 100 -7.69 12.04 -8.02
C GLU A 100 -6.65 12.58 -7.02
N LYS A 101 -6.93 12.52 -5.73
CA LYS A 101 -6.02 13.12 -4.75
C LYS A 101 -4.69 12.35 -4.66
N VAL A 102 -4.74 11.04 -4.91
CA VAL A 102 -3.54 10.21 -4.92
C VAL A 102 -2.61 10.57 -6.10
N LYS A 103 -3.18 10.65 -7.31
CA LYS A 103 -2.40 11.05 -8.49
C LYS A 103 -1.80 12.46 -8.30
N ASP A 104 -2.54 13.36 -7.64
CA ASP A 104 -2.02 14.69 -7.28
C ASP A 104 -0.75 14.57 -6.41
N LYS A 105 -0.77 13.64 -5.46
CA LYS A 105 0.37 13.41 -4.57
C LYS A 105 1.58 12.83 -5.35
N PHE A 106 1.32 11.98 -6.33
CA PHE A 106 2.39 11.37 -7.14
C PHE A 106 2.91 12.33 -8.23
N THR A 107 2.05 13.22 -8.72
CA THR A 107 2.46 14.17 -9.78
C THR A 107 3.03 15.47 -9.18
N ILE A 108 2.69 15.74 -7.92
CA ILE A 108 3.17 16.95 -7.21
C ILE A 108 2.61 18.23 -7.84
N LYS A 109 3.13 18.56 -9.01
CA LYS A 109 2.65 19.70 -9.80
C LYS A 109 1.33 19.35 -10.50
N LEU A 110 0.30 20.19 -10.33
CA LEU A 110 -1.00 19.96 -10.95
C LEU A 110 -1.04 20.46 -12.41
N GLU A 111 -2.22 20.51 -13.00
CA GLU A 111 -2.40 21.02 -14.36
C GLU A 111 -2.46 22.57 -14.40
N MET A 1 -6.68 6.89 -21.27
CA MET A 1 -7.63 6.22 -22.20
C MET A 1 -8.96 6.98 -22.27
N GLU A 2 -9.52 7.09 -23.48
CA GLU A 2 -10.80 7.77 -23.69
C GLU A 2 -11.97 7.03 -23.00
N ARG A 3 -12.43 7.58 -21.88
CA ARG A 3 -13.56 7.01 -21.13
C ARG A 3 -13.98 7.95 -19.99
N ALA A 4 -15.27 7.96 -19.67
CA ALA A 4 -15.80 8.78 -18.57
C ALA A 4 -15.17 8.39 -17.22
N SER A 5 -14.94 9.39 -16.37
CA SER A 5 -14.32 9.15 -15.05
C SER A 5 -15.39 8.89 -13.96
N LEU A 6 -15.60 7.63 -13.63
CA LEU A 6 -16.53 7.24 -12.56
C LEU A 6 -15.86 7.41 -11.19
N ASN A 7 -16.39 8.33 -10.38
CA ASN A 7 -15.84 8.60 -9.04
C ASN A 7 -15.78 7.32 -8.18
N ARG A 8 -14.59 7.00 -7.68
CA ARG A 8 -14.39 5.77 -6.88
C ARG A 8 -13.98 6.09 -5.45
N ILE A 9 -14.98 6.17 -4.56
CA ILE A 9 -14.74 6.44 -3.14
C ILE A 9 -15.04 5.20 -2.29
N GLY A 10 -14.14 4.85 -1.39
CA GLY A 10 -14.32 3.70 -0.51
C GLY A 10 -14.12 4.04 0.95
N LYS A 11 -13.34 3.23 1.65
CA LYS A 11 -12.92 3.52 3.04
C LYS A 11 -11.67 2.71 3.40
N ASP A 12 -10.58 3.42 3.70
CA ASP A 12 -9.28 2.82 4.04
C ASP A 12 -8.72 1.97 2.90
N VAL A 13 -8.93 2.41 1.65
CA VAL A 13 -8.26 1.80 0.50
C VAL A 13 -6.92 2.52 0.25
N TYR A 14 -5.81 1.80 0.40
CA TYR A 14 -4.47 2.42 0.36
C TYR A 14 -3.77 2.17 -0.99
N TYR A 15 -2.84 3.05 -1.34
CA TYR A 15 -2.07 2.92 -2.59
C TYR A 15 -0.58 3.16 -2.32
N MET A 16 0.28 2.24 -2.77
CA MET A 16 1.72 2.32 -2.50
C MET A 16 2.54 2.18 -3.79
N GLN A 17 3.40 3.16 -4.06
CA GLN A 17 4.36 3.06 -5.18
C GLN A 17 5.62 2.31 -4.71
N ILE A 18 5.74 1.05 -5.11
CA ILE A 18 6.85 0.21 -4.65
C ILE A 18 8.21 0.75 -5.10
N LYS A 19 9.00 1.22 -4.16
CA LYS A 19 10.37 1.65 -4.42
C LYS A 19 11.35 0.49 -4.22
N GLY A 20 10.86 -0.60 -3.62
CA GLY A 20 11.71 -1.73 -3.31
C GLY A 20 12.41 -1.58 -1.96
N GLU A 21 13.73 -1.37 -2.00
CA GLU A 21 14.52 -1.15 -0.78
C GLU A 21 14.35 -2.30 0.23
N GLY A 22 14.03 -3.49 -0.28
CA GLY A 22 13.80 -4.64 0.59
C GLY A 22 15.07 -5.11 1.30
N THR A 23 15.04 -5.06 2.63
CA THR A 23 16.20 -5.44 3.45
C THR A 23 16.12 -6.89 3.91
N ILE A 24 17.25 -7.60 3.82
CA ILE A 24 17.33 -8.98 4.31
C ILE A 24 17.63 -8.99 5.81
N GLU A 25 16.64 -9.34 6.62
CA GLU A 25 16.81 -9.39 8.08
C GLU A 25 16.74 -10.83 8.60
N LYS A 26 17.83 -11.32 9.18
CA LYS A 26 17.85 -12.66 9.77
C LYS A 26 17.24 -12.66 11.17
N VAL A 27 16.01 -13.17 11.27
CA VAL A 27 15.32 -13.31 12.55
C VAL A 27 15.55 -14.73 13.10
N ASP A 28 16.27 -14.83 14.21
CA ASP A 28 16.71 -16.12 14.76
C ASP A 28 17.61 -16.87 13.76
N GLY A 29 18.27 -16.09 12.88
CA GLY A 29 19.12 -16.67 11.84
C GLY A 29 18.35 -17.11 10.59
N ARG A 30 17.14 -16.57 10.43
CA ARG A 30 16.30 -16.86 9.26
C ARG A 30 16.19 -15.63 8.33
N ASN A 31 16.58 -15.80 7.07
CA ASN A 31 16.64 -14.69 6.12
C ASN A 31 15.23 -14.25 5.68
N LEU A 32 14.74 -13.15 6.27
CA LEU A 32 13.43 -12.60 5.92
C LEU A 32 13.57 -11.23 5.24
N ARG A 33 13.14 -11.14 3.98
CA ARG A 33 13.21 -9.88 3.24
C ARG A 33 11.92 -9.06 3.42
N ASN A 34 12.01 -8.01 4.24
CA ASN A 34 10.85 -7.15 4.55
C ASN A 34 10.91 -5.82 3.81
N TYR A 35 9.75 -5.27 3.47
CA TYR A 35 9.66 -4.00 2.75
C TYR A 35 8.93 -2.92 3.58
N THR A 36 9.60 -1.80 3.80
CA THR A 36 8.97 -0.64 4.46
C THR A 36 8.90 0.55 3.49
N LEU A 37 7.70 0.87 3.03
CA LEU A 37 7.53 1.90 2.00
C LEU A 37 6.37 2.88 2.29
N PRO A 38 6.51 4.15 1.88
CA PRO A 38 5.46 5.16 2.05
C PRO A 38 4.25 4.94 1.12
N ALA A 39 3.05 5.04 1.67
CA ALA A 39 1.82 4.87 0.89
C ALA A 39 0.86 6.04 1.11
N TYR A 40 -0.13 6.16 0.22
CA TYR A 40 -1.17 7.17 0.35
C TYR A 40 -2.55 6.52 0.16
N ASP A 41 -3.48 6.78 1.07
CA ASP A 41 -4.83 6.24 0.92
C ASP A 41 -5.64 7.04 -0.11
N GLU A 42 -6.85 6.56 -0.41
CA GLU A 42 -7.75 7.20 -1.39
C GLU A 42 -7.91 8.72 -1.17
N ASP A 43 -7.74 9.17 0.07
CA ASP A 43 -7.89 10.58 0.40
C ASP A 43 -6.57 11.35 0.16
N GLY A 44 -5.44 10.65 0.28
CA GLY A 44 -4.14 11.25 0.03
C GLY A 44 -3.31 11.47 1.30
N VAL A 45 -3.62 10.71 2.35
CA VAL A 45 -2.87 10.80 3.61
C VAL A 45 -1.65 9.86 3.59
N LYS A 46 -0.47 10.42 3.84
CA LYS A 46 0.79 9.65 3.77
C LYS A 46 0.99 8.76 5.00
N LYS A 47 0.94 7.45 4.78
CA LYS A 47 1.16 6.46 5.83
C LYS A 47 2.20 5.42 5.37
N GLN A 48 3.18 5.11 6.21
CA GLN A 48 4.27 4.21 5.79
C GLN A 48 3.99 2.77 6.27
N ILE A 49 3.78 1.88 5.31
CA ILE A 49 3.37 0.50 5.59
C ILE A 49 4.52 -0.50 5.36
N THR A 50 4.72 -1.39 6.32
CA THR A 50 5.71 -2.48 6.20
C THR A 50 4.99 -3.82 5.93
N PHE A 51 5.40 -4.51 4.87
CA PHE A 51 4.82 -5.81 4.55
C PHE A 51 5.90 -6.89 4.36
N ARG A 52 5.53 -8.14 4.63
CA ARG A 52 6.47 -9.27 4.57
C ARG A 52 6.50 -9.88 3.16
N SER A 53 7.51 -10.70 2.90
CA SER A 53 7.61 -11.40 1.61
C SER A 53 6.68 -12.63 1.55
N THR A 54 5.43 -12.44 1.95
CA THR A 54 4.43 -13.52 1.92
C THR A 54 4.06 -13.87 0.46
N LYS A 55 4.66 -14.92 -0.07
CA LYS A 55 4.46 -15.29 -1.48
C LYS A 55 4.90 -16.73 -1.74
N LYS A 56 3.92 -17.64 -1.81
CA LYS A 56 4.19 -19.07 -2.01
C LYS A 56 4.74 -19.36 -3.43
N GLU A 57 4.31 -18.56 -4.40
CA GLU A 57 4.76 -18.72 -5.79
C GLU A 57 6.27 -18.51 -5.93
N ASN A 58 6.85 -19.03 -7.01
CA ASN A 58 8.31 -18.99 -7.23
C ASN A 58 8.78 -17.63 -7.81
N ASP A 59 7.94 -16.61 -7.71
CA ASP A 59 8.29 -15.27 -8.20
C ASP A 59 8.06 -14.19 -7.13
N HIS A 60 8.21 -12.93 -7.52
CA HIS A 60 7.91 -11.81 -6.63
C HIS A 60 7.12 -10.71 -7.36
N LYS A 61 5.80 -10.75 -7.26
CA LYS A 61 4.94 -9.74 -7.88
C LYS A 61 5.14 -8.35 -7.23
N LEU A 62 6.27 -7.72 -7.54
CA LEU A 62 6.65 -6.41 -7.02
C LEU A 62 7.61 -5.70 -7.98
N ASN A 63 7.11 -4.72 -8.74
CA ASN A 63 7.95 -3.97 -9.67
C ASN A 63 8.36 -2.62 -9.08
N LYS A 64 9.60 -2.22 -9.35
CA LYS A 64 10.12 -0.93 -8.87
C LYS A 64 9.41 0.24 -9.57
N TYR A 65 9.04 1.26 -8.78
CA TYR A 65 8.30 2.43 -9.28
C TYR A 65 6.92 2.05 -9.86
N ALA A 66 6.38 0.92 -9.42
CA ALA A 66 5.02 0.50 -9.81
C ALA A 66 4.01 0.81 -8.69
N PHE A 67 2.78 1.10 -9.08
CA PHE A 67 1.73 1.47 -8.11
C PHE A 67 0.90 0.24 -7.69
N LEU A 68 0.72 0.07 -6.38
CA LEU A 68 -0.11 -1.01 -5.84
C LEU A 68 -1.35 -0.47 -5.13
N ARG A 69 -2.40 -1.29 -5.07
CA ARG A 69 -3.60 -0.98 -4.28
C ARG A 69 -3.71 -1.99 -3.12
N LEU A 70 -3.64 -1.49 -1.89
CA LEU A 70 -3.63 -2.34 -0.70
C LEU A 70 -5.01 -2.38 -0.02
N TYR A 71 -5.34 -3.53 0.59
CA TYR A 71 -6.64 -3.71 1.24
C TYR A 71 -6.51 -4.01 2.75
N VAL A 72 -7.30 -3.30 3.56
CA VAL A 72 -7.34 -3.52 5.01
C VAL A 72 -8.62 -4.29 5.40
N ASP A 73 -8.48 -5.27 6.29
CA ASP A 73 -9.63 -6.10 6.69
C ASP A 73 -9.68 -6.36 8.21
N GLN A 74 -10.69 -5.77 8.85
CA GLN A 74 -10.99 -6.05 10.26
C GLN A 74 -12.48 -6.34 10.45
N ASP A 75 -12.79 -7.51 11.01
CA ASP A 75 -14.19 -7.96 11.15
C ASP A 75 -14.90 -7.24 12.32
N ASP A 76 -14.17 -7.03 13.42
CA ASP A 76 -14.73 -6.33 14.58
C ASP A 76 -13.66 -5.56 15.36
N ASN A 77 -14.06 -4.48 16.03
CA ASN A 77 -13.13 -3.64 16.79
C ASN A 77 -13.39 -3.72 18.30
N SER A 78 -12.33 -3.60 19.09
CA SER A 78 -12.44 -3.62 20.56
C SER A 78 -12.56 -2.20 21.12
N LYS A 79 -13.25 -2.06 22.26
CA LYS A 79 -13.45 -0.75 22.90
C LYS A 79 -12.12 -0.05 23.23
N ASN A 80 -12.02 1.22 22.82
CA ASN A 80 -10.84 2.06 23.09
C ASN A 80 -9.54 1.45 22.50
N GLU A 81 -9.68 0.59 21.49
CA GLU A 81 -8.54 -0.10 20.89
C GLU A 81 -8.07 0.60 19.60
N ILE A 82 -6.97 0.14 19.03
CA ILE A 82 -6.45 0.69 17.76
C ILE A 82 -6.95 -0.13 16.55
N SER A 83 -7.24 0.56 15.46
CA SER A 83 -7.65 -0.09 14.21
C SER A 83 -6.48 -0.86 13.57
N SER A 84 -6.75 -2.06 13.07
CA SER A 84 -5.69 -2.89 12.46
C SER A 84 -5.16 -2.28 11.16
N ILE A 85 -3.85 -2.00 11.14
CA ILE A 85 -3.19 -1.45 9.95
C ILE A 85 -2.53 -2.56 9.12
N GLU A 86 -2.71 -3.81 9.54
CA GLU A 86 -2.11 -4.95 8.84
C GLU A 86 -2.83 -5.26 7.53
N VAL A 87 -2.27 -4.78 6.42
CA VAL A 87 -2.80 -5.06 5.08
C VAL A 87 -2.75 -6.57 4.77
N LYS A 88 -3.89 -7.13 4.33
CA LYS A 88 -3.97 -8.57 4.10
C LYS A 88 -3.54 -8.95 2.66
N SER A 89 -3.67 -8.02 1.72
CA SER A 89 -3.26 -8.26 0.32
C SER A 89 -3.16 -6.96 -0.49
N TYR A 90 -2.72 -7.09 -1.75
CA TYR A 90 -2.50 -5.94 -2.63
C TYR A 90 -2.72 -6.32 -4.10
N GLU A 91 -2.82 -5.31 -4.97
CA GLU A 91 -2.93 -5.53 -6.41
C GLU A 91 -2.04 -4.54 -7.19
N GLU A 92 -1.50 -4.97 -8.34
CA GLU A 92 -0.65 -4.11 -9.16
C GLU A 92 -1.49 -3.32 -10.18
N ILE A 93 -1.47 -1.99 -10.04
CA ILE A 93 -2.33 -1.11 -10.85
C ILE A 93 -1.53 -0.05 -11.63
N GLN A 94 -2.24 0.76 -12.41
CA GLN A 94 -1.62 1.85 -13.18
C GLN A 94 -2.06 3.23 -12.62
N LYS A 95 -1.42 4.29 -13.10
CA LYS A 95 -1.73 5.65 -12.60
C LYS A 95 -3.20 6.03 -12.85
N ALA A 96 -3.76 5.52 -13.95
CA ALA A 96 -5.18 5.75 -14.28
C ALA A 96 -6.13 5.07 -13.27
N ASP A 97 -5.58 4.30 -12.34
CA ASP A 97 -6.36 3.65 -11.29
C ASP A 97 -6.24 4.42 -9.96
N LEU A 98 -5.35 5.41 -9.93
CA LEU A 98 -5.12 6.23 -8.74
C LEU A 98 -6.07 7.44 -8.69
N PRO A 99 -6.86 7.58 -7.60
CA PRO A 99 -7.74 8.74 -7.42
C PRO A 99 -6.98 10.08 -7.51
N GLU A 100 -7.69 11.15 -7.87
CA GLU A 100 -7.07 12.44 -8.20
C GLU A 100 -6.31 13.06 -7.00
N LYS A 101 -6.45 12.48 -5.82
CA LYS A 101 -5.62 12.87 -4.66
C LYS A 101 -4.30 12.06 -4.64
N VAL A 102 -4.42 10.74 -4.77
CA VAL A 102 -3.26 9.84 -4.69
C VAL A 102 -2.21 10.15 -5.77
N LYS A 103 -2.63 10.27 -7.03
CA LYS A 103 -1.70 10.55 -8.13
C LYS A 103 -0.89 11.84 -7.87
N ASP A 104 -1.57 12.90 -7.45
CA ASP A 104 -0.90 14.14 -7.07
C ASP A 104 0.06 13.95 -5.89
N LYS A 105 -0.23 13.01 -4.99
CA LYS A 105 0.64 12.74 -3.84
C LYS A 105 1.85 11.88 -4.19
N PHE A 106 1.80 11.18 -5.32
CA PHE A 106 2.97 10.41 -5.80
C PHE A 106 3.82 11.21 -6.79
N THR A 107 3.21 12.19 -7.45
CA THR A 107 3.93 13.07 -8.39
C THR A 107 4.42 14.35 -7.69
N ILE A 108 3.54 14.97 -6.91
CA ILE A 108 3.86 16.20 -6.16
C ILE A 108 4.36 17.31 -7.12
N LYS A 109 3.82 17.29 -8.33
CA LYS A 109 4.21 18.24 -9.38
C LYS A 109 3.11 19.29 -9.61
N LEU A 110 3.23 20.42 -8.92
CA LEU A 110 2.29 21.53 -9.08
C LEU A 110 2.66 22.36 -10.32
N GLU A 111 2.15 21.95 -11.48
CA GLU A 111 2.47 22.60 -12.76
C GLU A 111 1.81 23.99 -12.87
N MET A 1 -3.90 23.14 5.53
CA MET A 1 -3.06 24.17 4.84
C MET A 1 -3.48 24.38 3.38
N GLU A 2 -3.60 23.29 2.61
CA GLU A 2 -3.95 23.38 1.18
C GLU A 2 -5.31 24.06 0.97
N ARG A 3 -5.52 24.59 -0.24
CA ARG A 3 -6.68 25.45 -0.54
C ARG A 3 -7.96 24.64 -0.83
N ALA A 4 -8.30 23.71 0.07
CA ALA A 4 -9.50 22.88 -0.08
C ALA A 4 -10.06 22.47 1.30
N SER A 5 -11.31 22.02 1.33
CA SER A 5 -11.94 21.55 2.56
C SER A 5 -12.78 20.30 2.31
N LEU A 6 -12.30 19.14 2.78
CA LEU A 6 -12.98 17.87 2.55
C LEU A 6 -13.50 17.25 3.86
N ASN A 7 -14.53 16.42 3.74
CA ASN A 7 -15.05 15.65 4.88
C ASN A 7 -13.97 14.69 5.42
N ARG A 8 -13.78 14.66 6.73
CA ARG A 8 -12.67 13.91 7.35
C ARG A 8 -12.95 12.40 7.37
N ILE A 9 -12.84 11.76 6.21
CA ILE A 9 -13.08 10.31 6.07
C ILE A 9 -11.96 9.64 5.25
N GLY A 10 -11.58 8.42 5.65
CA GLY A 10 -10.57 7.66 4.92
C GLY A 10 -11.09 6.30 4.46
N LYS A 11 -10.19 5.38 4.11
CA LYS A 11 -10.58 4.04 3.67
C LYS A 11 -9.52 2.97 4.01
N ASP A 12 -9.90 1.71 3.78
CA ASP A 12 -9.00 0.57 3.97
C ASP A 12 -8.34 0.13 2.65
N VAL A 13 -8.57 0.90 1.58
CA VAL A 13 -7.91 0.68 0.29
C VAL A 13 -6.66 1.55 0.17
N TYR A 14 -5.50 0.92 -0.06
CA TYR A 14 -4.22 1.65 -0.07
C TYR A 14 -3.57 1.65 -1.47
N TYR A 15 -2.95 2.76 -1.82
CA TYR A 15 -2.22 2.89 -3.08
C TYR A 15 -0.70 3.02 -2.82
N MET A 16 0.07 2.04 -3.28
CA MET A 16 1.52 2.00 -3.02
C MET A 16 2.32 1.96 -4.33
N GLN A 17 3.62 2.28 -4.25
CA GLN A 17 4.52 2.12 -5.39
C GLN A 17 5.74 1.26 -5.01
N ILE A 18 5.91 0.14 -5.71
CA ILE A 18 7.06 -0.75 -5.48
C ILE A 18 8.35 -0.10 -6.00
N LYS A 19 9.30 0.17 -5.11
CA LYS A 19 10.56 0.78 -5.50
C LYS A 19 11.71 0.28 -4.61
N GLY A 20 12.44 -0.73 -5.08
CA GLY A 20 13.55 -1.28 -4.32
C GLY A 20 14.03 -2.64 -4.81
N GLU A 21 15.29 -2.96 -4.51
CA GLU A 21 15.89 -4.24 -4.90
C GLU A 21 15.28 -5.42 -4.13
N GLY A 22 15.32 -5.35 -2.81
CA GLY A 22 14.85 -6.44 -1.97
C GLY A 22 15.59 -6.50 -0.64
N THR A 23 15.11 -5.76 0.34
CA THR A 23 15.79 -5.63 1.64
C THR A 23 15.51 -6.80 2.59
N ILE A 24 16.52 -7.12 3.42
CA ILE A 24 16.42 -8.21 4.40
C ILE A 24 16.66 -7.69 5.82
N GLU A 25 15.76 -7.99 6.75
CA GLU A 25 15.98 -7.68 8.16
C GLU A 25 16.27 -8.97 8.94
N LYS A 26 17.47 -9.06 9.48
CA LYS A 26 17.91 -10.27 10.17
C LYS A 26 17.49 -10.24 11.65
N VAL A 27 16.47 -11.02 11.99
CA VAL A 27 15.97 -11.11 13.37
C VAL A 27 16.16 -12.54 13.92
N ASP A 28 16.51 -12.64 15.20
CA ASP A 28 16.80 -13.94 15.85
C ASP A 28 18.01 -14.63 15.19
N GLY A 29 18.83 -13.87 14.45
CA GLY A 29 19.93 -14.45 13.70
C GLY A 29 19.47 -15.08 12.38
N ARG A 30 18.23 -14.81 11.99
CA ARG A 30 17.64 -15.37 10.78
C ARG A 30 17.32 -14.25 9.76
N ASN A 31 17.66 -14.48 8.50
CA ASN A 31 17.44 -13.49 7.44
C ASN A 31 15.97 -13.49 6.96
N LEU A 32 15.21 -12.50 7.42
CA LEU A 32 13.78 -12.41 7.08
C LEU A 32 13.54 -11.46 5.89
N ARG A 33 12.64 -11.87 4.99
CA ARG A 33 12.31 -11.06 3.81
C ARG A 33 11.08 -10.18 4.06
N ASN A 34 11.33 -8.89 4.29
CA ASN A 34 10.26 -7.92 4.56
C ASN A 34 10.44 -6.63 3.75
N TYR A 35 9.39 -6.20 3.07
CA TYR A 35 9.43 -4.96 2.27
C TYR A 35 8.64 -3.84 2.93
N THR A 36 9.30 -2.71 3.18
CA THR A 36 8.67 -1.55 3.84
C THR A 36 8.52 -0.38 2.86
N LEU A 37 7.29 -0.07 2.46
CA LEU A 37 7.03 0.99 1.46
C LEU A 37 5.84 1.89 1.85
N PRO A 38 5.86 3.16 1.39
CA PRO A 38 4.75 4.11 1.65
C PRO A 38 3.51 3.86 0.77
N ALA A 39 2.33 4.13 1.34
CA ALA A 39 1.06 3.96 0.62
C ALA A 39 0.06 5.05 1.01
N TYR A 40 -0.65 5.59 0.03
CA TYR A 40 -1.64 6.64 0.26
C TYR A 40 -3.08 6.11 0.05
N ASP A 41 -4.01 6.55 0.88
CA ASP A 41 -5.43 6.21 0.69
C ASP A 41 -6.14 7.26 -0.20
N GLU A 42 -7.46 7.14 -0.31
CA GLU A 42 -8.26 8.06 -1.13
C GLU A 42 -7.97 9.55 -0.83
N ASP A 43 -7.82 9.89 0.45
CA ASP A 43 -7.50 11.27 0.86
C ASP A 43 -6.05 11.60 0.51
N GLY A 44 -5.20 10.57 0.54
CA GLY A 44 -3.79 10.75 0.25
C GLY A 44 -2.92 10.77 1.51
N VAL A 45 -3.40 10.12 2.57
CA VAL A 45 -2.64 10.04 3.82
C VAL A 45 -1.45 9.08 3.69
N LYS A 46 -0.24 9.60 3.87
CA LYS A 46 0.98 8.81 3.73
C LYS A 46 1.16 7.82 4.89
N LYS A 47 0.86 6.56 4.65
CA LYS A 47 1.00 5.49 5.65
C LYS A 47 2.10 4.50 5.25
N GLN A 48 2.85 4.01 6.23
CA GLN A 48 3.97 3.09 5.95
C GLN A 48 3.55 1.63 6.16
N ILE A 49 3.65 0.82 5.10
CA ILE A 49 3.24 -0.59 5.15
C ILE A 49 4.44 -1.54 4.96
N THR A 50 4.60 -2.49 5.88
CA THR A 50 5.65 -3.52 5.78
C THR A 50 5.03 -4.90 5.50
N PHE A 51 5.31 -5.46 4.32
CA PHE A 51 4.76 -6.78 3.95
C PHE A 51 5.87 -7.80 3.66
N ARG A 52 5.71 -9.01 4.20
CA ARG A 52 6.67 -10.10 3.98
C ARG A 52 6.54 -10.71 2.56
N SER A 53 7.64 -11.24 2.03
CA SER A 53 7.65 -11.83 0.69
C SER A 53 6.86 -13.14 0.64
N THR A 54 5.54 -13.04 0.57
CA THR A 54 4.68 -14.23 0.45
C THR A 54 4.79 -14.86 -0.95
N LYS A 55 4.36 -16.12 -1.07
CA LYS A 55 4.35 -16.83 -2.35
C LYS A 55 3.67 -18.20 -2.25
N LYS A 56 2.34 -18.21 -2.38
CA LYS A 56 1.59 -19.46 -2.52
C LYS A 56 1.39 -19.76 -4.01
N GLU A 57 0.97 -18.72 -4.73
CA GLU A 57 0.87 -18.74 -6.18
C GLU A 57 2.27 -18.58 -6.83
N ASN A 58 2.31 -18.32 -8.13
CA ASN A 58 3.60 -18.11 -8.82
C ASN A 58 3.54 -16.85 -9.73
N ASP A 59 2.59 -15.96 -9.46
CA ASP A 59 2.46 -14.72 -10.24
C ASP A 59 3.66 -13.78 -10.02
N HIS A 60 3.95 -12.96 -11.02
CA HIS A 60 5.06 -12.00 -10.93
C HIS A 60 4.56 -10.56 -11.09
N LYS A 61 3.34 -10.30 -10.60
CA LYS A 61 2.71 -8.97 -10.71
C LYS A 61 3.29 -7.96 -9.70
N LEU A 62 4.61 -8.02 -9.50
CA LEU A 62 5.33 -7.08 -8.63
C LEU A 62 6.52 -6.46 -9.37
N ASN A 63 6.25 -5.54 -10.30
CA ASN A 63 7.31 -4.85 -11.01
C ASN A 63 7.98 -3.82 -10.09
N LYS A 64 9.31 -3.91 -9.97
CA LYS A 64 10.06 -3.18 -8.92
C LYS A 64 10.17 -1.66 -9.17
N TYR A 65 9.27 -1.13 -9.99
CA TYR A 65 9.10 0.34 -10.12
C TYR A 65 7.69 0.67 -10.62
N ALA A 66 6.71 -0.16 -10.24
CA ALA A 66 5.30 0.02 -10.64
C ALA A 66 4.39 0.30 -9.43
N PHE A 67 3.09 0.45 -9.69
CA PHE A 67 2.12 0.79 -8.64
C PHE A 67 1.30 -0.43 -8.19
N LEU A 68 0.94 -0.47 -6.90
CA LEU A 68 0.08 -1.52 -6.35
C LEU A 68 -1.16 -0.94 -5.66
N ARG A 69 -2.25 -1.69 -5.70
CA ARG A 69 -3.47 -1.37 -4.96
C ARG A 69 -3.71 -2.46 -3.91
N LEU A 70 -3.66 -2.09 -2.63
CA LEU A 70 -3.75 -3.05 -1.52
C LEU A 70 -5.15 -3.09 -0.92
N TYR A 71 -5.55 -4.27 -0.44
CA TYR A 71 -6.87 -4.47 0.14
C TYR A 71 -6.79 -5.15 1.52
N VAL A 72 -7.51 -4.62 2.49
CA VAL A 72 -7.67 -5.27 3.80
C VAL A 72 -9.15 -5.39 4.17
N ASP A 73 -9.55 -6.54 4.70
CA ASP A 73 -10.96 -6.83 4.96
C ASP A 73 -11.30 -6.71 6.46
N GLN A 74 -12.55 -6.33 6.75
CA GLN A 74 -13.00 -6.17 8.13
C GLN A 74 -14.33 -6.90 8.38
N ASP A 75 -14.29 -7.97 9.16
CA ASP A 75 -15.50 -8.72 9.53
C ASP A 75 -16.22 -8.09 10.74
N ASP A 76 -15.54 -7.14 11.40
CA ASP A 76 -16.05 -6.44 12.60
C ASP A 76 -16.71 -7.39 13.63
N ASN A 77 -16.17 -8.61 13.76
CA ASN A 77 -16.66 -9.56 14.78
C ASN A 77 -16.26 -9.11 16.20
N SER A 78 -17.23 -9.09 17.11
CA SER A 78 -16.96 -8.75 18.51
C SER A 78 -16.15 -9.84 19.19
N LYS A 79 -16.50 -11.10 18.91
CA LYS A 79 -15.73 -12.25 19.37
C LYS A 79 -14.32 -12.25 18.75
N ASN A 80 -13.37 -11.62 19.44
CA ASN A 80 -12.02 -11.46 18.90
C ASN A 80 -11.23 -12.77 18.91
N GLU A 81 -11.27 -13.49 17.80
CA GLU A 81 -10.42 -14.66 17.59
C GLU A 81 -9.30 -14.32 16.59
N ILE A 82 -9.66 -14.15 15.32
CA ILE A 82 -8.71 -13.76 14.29
C ILE A 82 -9.11 -12.42 13.64
N SER A 83 -8.40 -11.35 14.00
CA SER A 83 -8.65 -10.02 13.42
C SER A 83 -7.58 -9.66 12.39
N SER A 84 -8.00 -9.46 11.14
CA SER A 84 -7.07 -9.14 10.04
C SER A 84 -6.39 -7.78 10.25
N ILE A 85 -5.20 -7.81 10.86
CA ILE A 85 -4.40 -6.59 11.08
C ILE A 85 -3.43 -6.34 9.91
N GLU A 86 -3.51 -7.18 8.88
CA GLU A 86 -2.60 -7.13 7.74
C GLU A 86 -3.35 -7.12 6.40
N VAL A 87 -2.65 -6.78 5.32
CA VAL A 87 -3.25 -6.75 3.98
C VAL A 87 -3.59 -8.16 3.49
N LYS A 88 -4.84 -8.36 3.04
CA LYS A 88 -5.29 -9.68 2.60
C LYS A 88 -4.92 -9.99 1.14
N SER A 89 -4.71 -8.94 0.34
CA SER A 89 -4.30 -9.11 -1.07
C SER A 89 -3.94 -7.76 -1.71
N TYR A 90 -3.34 -7.82 -2.90
CA TYR A 90 -2.90 -6.63 -3.63
C TYR A 90 -2.95 -6.85 -5.16
N GLU A 91 -2.87 -5.77 -5.93
CA GLU A 91 -2.91 -5.86 -7.39
C GLU A 91 -1.98 -4.83 -8.04
N GLU A 92 -1.43 -5.17 -9.21
CA GLU A 92 -0.51 -4.26 -9.92
C GLU A 92 -1.31 -3.34 -10.88
N ILE A 93 -1.32 -2.04 -10.57
CA ILE A 93 -2.17 -1.09 -11.28
C ILE A 93 -1.37 -0.04 -12.07
N GLN A 94 -2.10 0.82 -12.78
CA GLN A 94 -1.52 1.93 -13.54
C GLN A 94 -1.73 3.28 -12.84
N LYS A 95 -0.98 4.30 -13.25
CA LYS A 95 -1.11 5.65 -12.68
C LYS A 95 -2.54 6.20 -12.84
N ALA A 96 -3.19 5.83 -13.95
CA ALA A 96 -4.55 6.30 -14.25
C ALA A 96 -5.61 5.75 -13.27
N ASP A 97 -5.27 4.68 -12.54
CA ASP A 97 -6.17 4.11 -11.53
C ASP A 97 -6.12 4.91 -10.22
N LEU A 98 -5.02 5.63 -10.02
CA LEU A 98 -4.85 6.48 -8.83
C LEU A 98 -5.83 7.67 -8.88
N PRO A 99 -6.68 7.84 -7.86
CA PRO A 99 -7.63 8.97 -7.80
C PRO A 99 -6.92 10.34 -7.87
N GLU A 100 -7.72 11.38 -8.13
CA GLU A 100 -7.18 12.71 -8.48
C GLU A 100 -6.31 13.33 -7.38
N LYS A 101 -6.51 12.94 -6.13
CA LYS A 101 -5.69 13.47 -5.02
C LYS A 101 -4.46 12.58 -4.74
N VAL A 102 -4.64 11.27 -4.86
CA VAL A 102 -3.52 10.32 -4.69
C VAL A 102 -2.38 10.61 -5.68
N LYS A 103 -2.72 10.95 -6.92
CA LYS A 103 -1.72 11.29 -7.93
C LYS A 103 -0.87 12.49 -7.48
N ASP A 104 -1.50 13.51 -6.87
CA ASP A 104 -0.73 14.62 -6.28
C ASP A 104 0.30 14.10 -5.28
N LYS A 105 -0.14 13.18 -4.42
CA LYS A 105 0.73 12.63 -3.37
C LYS A 105 1.87 11.77 -3.96
N PHE A 106 1.70 11.28 -5.19
CA PHE A 106 2.74 10.50 -5.88
C PHE A 106 3.62 11.37 -6.80
N THR A 107 3.03 11.92 -7.86
CA THR A 107 3.80 12.67 -8.86
C THR A 107 4.11 14.10 -8.41
N ILE A 108 3.48 14.54 -7.33
CA ILE A 108 3.68 15.88 -6.74
C ILE A 108 3.14 16.99 -7.65
N LYS A 109 3.74 17.13 -8.82
CA LYS A 109 3.30 18.13 -9.80
C LYS A 109 1.87 17.85 -10.30
N LEU A 110 1.02 18.87 -10.23
CA LEU A 110 -0.37 18.76 -10.70
C LEU A 110 -0.44 18.68 -12.23
N GLU A 111 -1.22 17.72 -12.74
CA GLU A 111 -1.42 17.55 -14.18
C GLU A 111 -2.36 18.64 -14.78
N MET A 1 -14.15 18.42 -18.05
CA MET A 1 -13.72 17.01 -17.89
C MET A 1 -13.83 16.54 -16.42
N GLU A 2 -14.15 17.47 -15.51
CA GLU A 2 -14.27 17.14 -14.08
C GLU A 2 -15.40 16.14 -13.84
N ARG A 3 -15.12 15.10 -13.04
CA ARG A 3 -16.08 14.02 -12.79
C ARG A 3 -16.23 13.73 -11.28
N ALA A 4 -15.97 14.72 -10.44
CA ALA A 4 -16.22 14.59 -9.00
C ALA A 4 -17.70 14.29 -8.74
N SER A 5 -18.02 13.00 -8.61
CA SER A 5 -19.41 12.53 -8.56
C SER A 5 -20.01 12.63 -7.15
N LEU A 6 -21.24 12.14 -7.00
CA LEU A 6 -21.95 12.16 -5.72
C LEU A 6 -21.66 10.90 -4.89
N ASN A 7 -20.74 10.05 -5.36
CA ASN A 7 -20.37 8.82 -4.65
C ASN A 7 -19.43 9.13 -3.47
N ARG A 8 -20.04 9.44 -2.32
CA ARG A 8 -19.28 9.84 -1.12
C ARG A 8 -18.98 8.64 -0.20
N ILE A 9 -19.07 7.43 -0.75
CA ILE A 9 -18.79 6.21 0.03
C ILE A 9 -17.42 5.61 -0.34
N GLY A 10 -16.54 5.48 0.64
CA GLY A 10 -15.21 4.94 0.39
C GLY A 10 -14.90 3.68 1.19
N LYS A 11 -13.65 3.22 1.12
CA LYS A 11 -13.21 2.02 1.86
C LYS A 11 -11.74 2.18 2.29
N ASP A 12 -11.31 1.35 3.23
CA ASP A 12 -9.91 1.36 3.68
C ASP A 12 -8.98 0.75 2.61
N VAL A 13 -8.69 1.55 1.58
CA VAL A 13 -7.78 1.16 0.49
C VAL A 13 -6.60 2.14 0.42
N TYR A 14 -5.39 1.61 0.46
CA TYR A 14 -4.18 2.44 0.46
C TYR A 14 -3.34 2.20 -0.80
N TYR A 15 -2.91 3.28 -1.46
CA TYR A 15 -2.08 3.18 -2.66
C TYR A 15 -0.62 3.50 -2.33
N MET A 16 0.28 2.55 -2.59
CA MET A 16 1.69 2.68 -2.19
C MET A 16 2.65 2.47 -3.36
N GLN A 17 3.70 3.29 -3.44
CA GLN A 17 4.68 3.20 -4.53
C GLN A 17 5.93 2.41 -4.12
N ILE A 18 6.45 1.59 -5.02
CA ILE A 18 7.70 0.85 -4.77
C ILE A 18 8.90 1.80 -4.85
N LYS A 19 9.54 2.05 -3.72
CA LYS A 19 10.65 3.01 -3.63
C LYS A 19 11.88 2.39 -2.95
N GLY A 20 11.84 1.09 -2.69
CA GLY A 20 12.94 0.41 -2.00
C GLY A 20 13.28 -0.95 -2.61
N GLU A 21 14.41 -1.52 -2.19
CA GLU A 21 14.85 -2.84 -2.69
C GLU A 21 14.35 -3.98 -1.79
N GLY A 22 14.14 -3.68 -0.51
CA GLY A 22 13.76 -4.70 0.46
C GLY A 22 14.94 -5.16 1.31
N THR A 23 14.75 -5.19 2.63
CA THR A 23 15.84 -5.58 3.56
C THR A 23 15.96 -7.09 3.69
N ILE A 24 17.18 -7.61 3.57
CA ILE A 24 17.46 -9.02 3.81
C ILE A 24 18.03 -9.21 5.22
N GLU A 25 17.26 -9.84 6.10
CA GLU A 25 17.67 -10.01 7.50
C GLU A 25 17.54 -11.47 7.95
N LYS A 26 18.58 -11.99 8.59
CA LYS A 26 18.54 -13.35 9.14
C LYS A 26 17.91 -13.36 10.55
N VAL A 27 16.69 -13.86 10.64
CA VAL A 27 16.04 -14.05 11.94
C VAL A 27 16.26 -15.49 12.43
N ASP A 28 17.04 -15.63 13.49
CA ASP A 28 17.46 -16.96 14.00
C ASP A 28 18.26 -17.72 12.93
N GLY A 29 18.88 -16.97 12.01
CA GLY A 29 19.65 -17.57 10.93
C GLY A 29 18.90 -17.68 9.61
N ARG A 30 17.58 -17.50 9.64
CA ARG A 30 16.75 -17.67 8.43
C ARG A 30 16.61 -16.33 7.67
N ASN A 31 16.77 -16.39 6.35
CA ASN A 31 16.76 -15.18 5.50
C ASN A 31 15.32 -14.69 5.22
N LEU A 32 14.96 -13.55 5.81
CA LEU A 32 13.65 -12.92 5.59
C LEU A 32 13.80 -11.57 4.88
N ARG A 33 12.71 -11.07 4.28
CA ARG A 33 12.74 -9.81 3.54
C ARG A 33 11.62 -8.84 4.00
N ASN A 34 11.96 -7.57 4.19
CA ASN A 34 10.99 -6.55 4.64
C ASN A 34 10.92 -5.35 3.67
N TYR A 35 9.72 -4.81 3.47
CA TYR A 35 9.51 -3.57 2.69
C TYR A 35 8.74 -2.51 3.48
N THR A 36 9.32 -1.32 3.59
CA THR A 36 8.66 -0.18 4.26
C THR A 36 8.51 1.00 3.28
N LEU A 37 7.28 1.29 2.87
CA LEU A 37 7.02 2.27 1.80
C LEU A 37 5.85 3.22 2.16
N PRO A 38 5.80 4.43 1.54
CA PRO A 38 4.72 5.40 1.77
C PRO A 38 3.44 5.12 0.97
N ALA A 39 2.29 5.10 1.65
CA ALA A 39 0.99 4.85 1.01
C ALA A 39 0.04 6.06 1.19
N TYR A 40 -1.05 6.06 0.44
CA TYR A 40 -2.06 7.13 0.53
C TYR A 40 -3.50 6.57 0.43
N ASP A 41 -4.41 7.09 1.25
CA ASP A 41 -5.84 6.78 1.12
C ASP A 41 -6.40 7.27 -0.22
N GLU A 42 -7.58 6.78 -0.61
CA GLU A 42 -8.20 7.19 -1.88
C GLU A 42 -8.47 8.71 -1.92
N ASP A 43 -8.59 9.33 -0.74
CA ASP A 43 -8.73 10.79 -0.63
C ASP A 43 -7.37 11.49 -0.85
N GLY A 44 -6.29 10.79 -0.55
CA GLY A 44 -4.94 11.37 -0.65
C GLY A 44 -4.31 11.65 0.72
N VAL A 45 -4.77 10.93 1.74
CA VAL A 45 -4.20 11.04 3.10
C VAL A 45 -2.90 10.23 3.21
N LYS A 46 -1.86 10.85 3.78
CA LYS A 46 -0.53 10.21 3.81
C LYS A 46 -0.41 9.12 4.88
N LYS A 47 0.16 7.98 4.47
CA LYS A 47 0.43 6.84 5.36
C LYS A 47 1.79 6.21 5.00
N GLN A 48 2.31 5.34 5.87
CA GLN A 48 3.52 4.58 5.55
C GLN A 48 3.39 3.12 6.05
N ILE A 49 3.37 2.17 5.13
CA ILE A 49 3.08 0.77 5.46
C ILE A 49 4.29 -0.16 5.25
N THR A 50 4.46 -1.12 6.15
CA THR A 50 5.52 -2.14 6.04
C THR A 50 4.92 -3.53 5.80
N PHE A 51 5.38 -4.20 4.74
CA PHE A 51 4.87 -5.53 4.39
C PHE A 51 6.01 -6.50 4.04
N ARG A 52 5.74 -7.79 4.18
CA ARG A 52 6.69 -8.83 3.76
C ARG A 52 6.13 -9.63 2.57
N SER A 53 7.01 -10.12 1.71
CA SER A 53 6.58 -10.87 0.53
C SER A 53 6.22 -12.32 0.90
N THR A 54 4.99 -12.49 1.40
CA THR A 54 4.52 -13.81 1.86
C THR A 54 4.21 -14.76 0.69
N LYS A 55 4.87 -15.93 0.70
CA LYS A 55 4.56 -17.03 -0.24
C LYS A 55 4.59 -16.57 -1.72
N LYS A 56 5.38 -15.54 -2.01
CA LYS A 56 5.48 -15.04 -3.39
C LYS A 56 6.67 -15.65 -4.15
N GLU A 57 7.82 -15.69 -3.48
CA GLU A 57 9.06 -16.29 -4.02
C GLU A 57 9.58 -15.57 -5.28
N ASN A 58 9.01 -14.42 -5.63
CA ASN A 58 9.46 -13.64 -6.78
C ASN A 58 10.26 -12.40 -6.34
N ASP A 59 11.58 -12.49 -6.42
CA ASP A 59 12.47 -11.41 -6.02
C ASP A 59 12.45 -10.24 -7.03
N HIS A 60 12.31 -9.03 -6.50
CA HIS A 60 12.45 -7.80 -7.30
C HIS A 60 11.44 -7.72 -8.47
N LYS A 61 10.38 -8.52 -8.44
CA LYS A 61 9.32 -8.39 -9.44
C LYS A 61 8.59 -7.04 -9.24
N LEU A 62 8.65 -6.53 -8.01
CA LEU A 62 8.18 -5.18 -7.71
C LEU A 62 9.06 -4.14 -8.40
N ASN A 63 8.62 -3.67 -9.57
CA ASN A 63 9.39 -2.71 -10.37
C ASN A 63 9.62 -1.40 -9.59
N LYS A 64 10.86 -0.91 -9.61
CA LYS A 64 11.20 0.37 -8.99
C LYS A 64 10.34 1.52 -9.56
N TYR A 65 9.69 2.26 -8.65
CA TYR A 65 8.74 3.34 -9.02
C TYR A 65 7.42 2.79 -9.60
N ALA A 66 7.10 1.52 -9.31
CA ALA A 66 5.80 0.94 -9.64
C ALA A 66 4.77 1.24 -8.53
N PHE A 67 3.52 0.84 -8.73
CA PHE A 67 2.45 1.16 -7.77
C PHE A 67 1.70 -0.10 -7.31
N LEU A 68 1.31 -0.12 -6.04
CA LEU A 68 0.53 -1.22 -5.46
C LEU A 68 -0.77 -0.71 -4.82
N ARG A 69 -1.79 -1.56 -4.80
CA ARG A 69 -3.08 -1.23 -4.20
C ARG A 69 -3.32 -2.14 -2.98
N LEU A 70 -3.39 -1.55 -1.80
CA LEU A 70 -3.41 -2.31 -0.53
C LEU A 70 -4.82 -2.34 0.08
N TYR A 71 -5.16 -3.46 0.71
CA TYR A 71 -6.48 -3.67 1.31
C TYR A 71 -6.38 -4.13 2.78
N VAL A 72 -7.26 -3.60 3.62
CA VAL A 72 -7.35 -4.04 5.02
C VAL A 72 -8.82 -4.21 5.43
N ASP A 73 -9.10 -5.19 6.31
CA ASP A 73 -10.48 -5.52 6.68
C ASP A 73 -10.84 -4.98 8.07
N GLN A 74 -12.14 -4.77 8.30
CA GLN A 74 -12.63 -4.20 9.56
C GLN A 74 -12.88 -5.29 10.62
N ASP A 75 -12.76 -4.92 11.89
CA ASP A 75 -12.87 -5.88 13.00
C ASP A 75 -14.31 -6.40 13.16
N ASP A 76 -15.29 -5.51 13.11
CA ASP A 76 -16.70 -5.89 13.25
C ASP A 76 -17.31 -6.30 11.90
N ASN A 77 -18.45 -7.02 11.95
CA ASN A 77 -19.11 -7.56 10.75
C ASN A 77 -18.24 -8.61 10.04
N SER A 78 -17.23 -9.12 10.75
CA SER A 78 -16.35 -10.16 10.20
C SER A 78 -16.96 -11.56 10.38
N LYS A 79 -16.77 -12.41 9.37
CA LYS A 79 -17.28 -13.77 9.40
C LYS A 79 -16.32 -14.68 10.18
N ASN A 80 -16.04 -14.32 11.44
CA ASN A 80 -15.09 -15.05 12.29
C ASN A 80 -13.70 -15.18 11.62
N GLU A 81 -13.37 -14.22 10.75
CA GLU A 81 -12.10 -14.22 10.02
C GLU A 81 -11.25 -13.00 10.41
N ILE A 82 -10.19 -13.23 11.17
CA ILE A 82 -9.29 -12.14 11.58
C ILE A 82 -8.11 -12.02 10.61
N SER A 83 -8.12 -10.96 9.80
CA SER A 83 -7.06 -10.72 8.82
C SER A 83 -5.89 -9.93 9.44
N SER A 84 -4.78 -9.84 8.70
CA SER A 84 -3.65 -9.01 9.12
C SER A 84 -4.09 -7.56 9.32
N ILE A 85 -3.84 -7.02 10.52
CA ILE A 85 -4.40 -5.72 10.92
C ILE A 85 -3.85 -4.54 10.10
N GLU A 86 -2.61 -4.65 9.63
CA GLU A 86 -2.00 -3.58 8.82
C GLU A 86 -2.45 -3.66 7.36
N VAL A 87 -2.20 -4.81 6.72
CA VAL A 87 -2.65 -5.07 5.35
C VAL A 87 -3.03 -6.56 5.18
N LYS A 88 -4.27 -6.83 4.77
CA LYS A 88 -4.72 -8.22 4.60
C LYS A 88 -4.27 -8.79 3.25
N SER A 89 -4.12 -7.92 2.26
CA SER A 89 -3.61 -8.29 0.92
C SER A 89 -3.38 -7.05 0.05
N TYR A 90 -2.85 -7.26 -1.15
CA TYR A 90 -2.47 -6.15 -2.04
C TYR A 90 -2.52 -6.57 -3.52
N GLU A 91 -2.56 -5.58 -4.41
CA GLU A 91 -2.63 -5.82 -5.85
C GLU A 91 -1.59 -4.99 -6.61
N GLU A 92 -1.10 -5.52 -7.73
CA GLU A 92 -0.11 -4.81 -8.55
C GLU A 92 -0.82 -3.93 -9.60
N ILE A 93 -0.59 -2.62 -9.54
CA ILE A 93 -1.32 -1.66 -10.40
C ILE A 93 -0.39 -0.69 -11.14
N GLN A 94 -1.00 0.19 -11.94
CA GLN A 94 -0.27 1.22 -12.68
C GLN A 94 -0.71 2.62 -12.22
N LYS A 95 -0.05 3.66 -12.73
CA LYS A 95 -0.37 5.06 -12.37
C LYS A 95 -1.84 5.42 -12.64
N ALA A 96 -2.41 4.85 -13.70
CA ALA A 96 -3.81 5.10 -14.08
C ALA A 96 -4.81 4.56 -13.05
N ASP A 97 -4.38 3.59 -12.24
CA ASP A 97 -5.25 3.01 -11.20
C ASP A 97 -5.23 3.85 -9.91
N LEU A 98 -4.43 4.92 -9.92
CA LEU A 98 -4.38 5.85 -8.79
C LEU A 98 -5.44 6.95 -8.96
N PRO A 99 -6.26 7.23 -7.92
CA PRO A 99 -7.18 8.37 -7.95
C PRO A 99 -6.42 9.69 -8.11
N GLU A 100 -7.02 10.66 -8.79
CA GLU A 100 -6.31 11.88 -9.18
C GLU A 100 -5.95 12.77 -7.98
N LYS A 101 -6.21 12.28 -6.77
CA LYS A 101 -5.65 12.88 -5.55
C LYS A 101 -4.29 12.23 -5.21
N VAL A 102 -4.27 10.90 -5.23
CA VAL A 102 -3.07 10.11 -4.89
C VAL A 102 -1.90 10.37 -5.85
N LYS A 103 -2.19 10.44 -7.15
CA LYS A 103 -1.14 10.62 -8.15
C LYS A 103 -0.26 11.84 -7.84
N ASP A 104 -0.90 12.94 -7.42
CA ASP A 104 -0.17 14.14 -7.00
C ASP A 104 0.48 13.98 -5.63
N LYS A 105 -0.18 13.27 -4.72
CA LYS A 105 0.43 13.00 -3.39
C LYS A 105 1.78 12.29 -3.54
N PHE A 106 1.98 11.62 -4.68
CA PHE A 106 3.28 11.03 -5.02
C PHE A 106 4.15 11.98 -5.87
N THR A 107 3.63 12.38 -7.04
CA THR A 107 4.40 13.21 -7.99
C THR A 107 4.54 14.67 -7.51
N ILE A 108 3.45 15.23 -7.02
CA ILE A 108 3.37 16.66 -6.63
C ILE A 108 3.50 17.55 -7.88
N LYS A 109 2.37 17.81 -8.55
CA LYS A 109 2.41 18.53 -9.83
C LYS A 109 1.10 19.28 -10.14
N LEU A 110 0.00 18.55 -10.32
CA LEU A 110 -1.27 19.14 -10.77
C LEU A 110 -1.77 20.23 -9.82
N GLU A 111 -2.33 21.30 -10.40
CA GLU A 111 -2.76 22.48 -9.65
C GLU A 111 -4.16 22.95 -10.12
N MET A 1 0.00 23.78 -2.31
CA MET A 1 0.34 22.77 -1.25
C MET A 1 -0.93 22.17 -0.62
N GLU A 2 -2.05 22.89 -0.75
CA GLU A 2 -3.31 22.49 -0.09
C GLU A 2 -3.96 21.27 -0.76
N ARG A 3 -4.11 20.19 0.01
CA ARG A 3 -4.88 19.03 -0.45
C ARG A 3 -6.37 19.22 -0.13
N ALA A 4 -7.12 19.74 -1.09
CA ALA A 4 -8.55 19.99 -0.91
C ALA A 4 -9.34 18.68 -0.74
N SER A 5 -9.67 18.34 0.49
CA SER A 5 -10.46 17.14 0.78
C SER A 5 -11.93 17.33 0.36
N LEU A 6 -12.20 17.17 -0.93
CA LEU A 6 -13.56 17.31 -1.45
C LEU A 6 -14.50 16.26 -0.85
N ASN A 7 -14.06 15.01 -0.83
CA ASN A 7 -14.83 13.91 -0.23
C ASN A 7 -14.61 13.85 1.28
N ARG A 8 -15.58 13.30 2.02
CA ARG A 8 -15.46 13.15 3.47
C ARG A 8 -15.28 11.68 3.87
N ILE A 9 -15.94 10.79 3.15
CA ILE A 9 -15.87 9.35 3.43
C ILE A 9 -14.73 8.68 2.65
N GLY A 10 -14.02 7.76 3.31
CA GLY A 10 -12.90 7.06 2.67
C GLY A 10 -12.91 5.55 2.96
N LYS A 11 -11.78 4.89 2.73
CA LYS A 11 -11.65 3.44 2.97
C LYS A 11 -10.23 3.04 3.39
N ASP A 12 -10.09 1.79 3.83
CA ASP A 12 -8.78 1.23 4.20
C ASP A 12 -7.98 0.77 2.96
N VAL A 13 -8.31 1.32 1.80
CA VAL A 13 -7.63 0.95 0.54
C VAL A 13 -6.40 1.85 0.31
N TYR A 14 -5.23 1.23 0.27
CA TYR A 14 -3.96 1.97 0.10
C TYR A 14 -3.40 1.81 -1.33
N TYR A 15 -2.50 2.72 -1.70
CA TYR A 15 -1.85 2.69 -3.02
C TYR A 15 -0.33 2.82 -2.87
N MET A 16 0.39 1.78 -3.30
CA MET A 16 1.85 1.72 -3.15
C MET A 16 2.54 1.54 -4.50
N GLN A 17 3.52 2.40 -4.80
CA GLN A 17 4.31 2.25 -6.01
C GLN A 17 5.56 1.40 -5.76
N ILE A 18 5.68 0.28 -6.46
CA ILE A 18 6.84 -0.60 -6.31
C ILE A 18 8.12 0.08 -6.79
N LYS A 19 9.00 0.39 -5.85
CA LYS A 19 10.32 0.97 -6.16
C LYS A 19 11.38 -0.13 -6.22
N GLY A 20 11.02 -1.34 -5.79
CA GLY A 20 11.95 -2.46 -5.75
C GLY A 20 13.00 -2.33 -4.66
N GLU A 21 12.55 -2.37 -3.40
CA GLU A 21 13.47 -2.28 -2.25
C GLU A 21 13.22 -3.42 -1.25
N GLY A 22 14.07 -4.44 -1.30
CA GLY A 22 13.96 -5.55 -0.37
C GLY A 22 14.99 -5.46 0.75
N THR A 23 14.53 -5.38 1.99
CA THR A 23 15.42 -5.20 3.15
C THR A 23 15.66 -6.52 3.89
N ILE A 24 16.71 -6.55 4.71
CA ILE A 24 17.05 -7.73 5.50
C ILE A 24 16.88 -7.46 7.01
N GLU A 25 15.89 -8.10 7.62
CA GLU A 25 15.66 -7.98 9.07
C GLU A 25 15.95 -9.31 9.79
N LYS A 26 16.94 -9.31 10.67
CA LYS A 26 17.24 -10.51 11.46
C LYS A 26 16.33 -10.63 12.69
N VAL A 27 15.37 -11.53 12.62
CA VAL A 27 14.50 -11.85 13.76
C VAL A 27 14.91 -13.20 14.34
N ASP A 28 15.21 -13.24 15.65
CA ASP A 28 15.77 -14.44 16.29
C ASP A 28 17.14 -14.79 15.68
N GLY A 29 17.78 -13.79 15.07
CA GLY A 29 19.04 -13.99 14.37
C GLY A 29 18.87 -14.55 12.96
N ARG A 30 17.62 -14.75 12.54
CA ARG A 30 17.34 -15.25 11.19
C ARG A 30 17.20 -14.10 10.20
N ASN A 31 17.99 -14.15 9.13
CA ASN A 31 17.96 -13.10 8.10
C ASN A 31 16.70 -13.20 7.22
N LEU A 32 15.71 -12.38 7.50
CA LEU A 32 14.45 -12.40 6.75
C LEU A 32 14.44 -11.33 5.64
N ARG A 33 14.11 -11.75 4.42
CA ARG A 33 14.00 -10.84 3.28
C ARG A 33 12.55 -10.37 3.08
N ASN A 34 12.27 -9.13 3.47
CA ASN A 34 10.94 -8.54 3.34
C ASN A 34 10.99 -7.18 2.64
N TYR A 35 9.84 -6.73 2.12
CA TYR A 35 9.79 -5.51 1.31
C TYR A 35 9.03 -4.38 2.03
N THR A 36 9.69 -3.24 2.18
CA THR A 36 9.09 -2.08 2.89
C THR A 36 8.98 -0.87 1.95
N LEU A 37 7.75 -0.46 1.66
CA LEU A 37 7.50 0.68 0.76
C LEU A 37 6.40 1.60 1.31
N PRO A 38 6.44 2.91 0.95
CA PRO A 38 5.40 3.87 1.35
C PRO A 38 4.10 3.71 0.54
N ALA A 39 2.96 3.80 1.21
CA ALA A 39 1.66 3.68 0.57
C ALA A 39 0.70 4.80 1.01
N TYR A 40 -0.03 5.36 0.06
CA TYR A 40 -1.00 6.42 0.35
C TYR A 40 -2.44 5.88 0.23
N ASP A 41 -3.28 6.18 1.22
CA ASP A 41 -4.68 5.71 1.20
C ASP A 41 -5.55 6.58 0.28
N GLU A 42 -6.87 6.39 0.38
CA GLU A 42 -7.84 7.20 -0.36
C GLU A 42 -7.51 8.70 -0.26
N ASP A 43 -7.28 9.18 0.96
CA ASP A 43 -7.01 10.60 1.18
C ASP A 43 -5.57 10.97 0.78
N GLY A 44 -4.68 9.99 0.81
CA GLY A 44 -3.30 10.21 0.39
C GLY A 44 -2.34 10.45 1.56
N VAL A 45 -2.61 9.83 2.70
CA VAL A 45 -1.72 9.93 3.85
C VAL A 45 -0.58 8.90 3.75
N LYS A 46 0.66 9.38 3.88
CA LYS A 46 1.84 8.51 3.73
C LYS A 46 1.96 7.51 4.90
N LYS A 47 1.67 6.24 4.61
CA LYS A 47 1.81 5.17 5.60
C LYS A 47 2.97 4.22 5.22
N GLN A 48 3.64 3.67 6.22
CA GLN A 48 4.76 2.74 5.99
C GLN A 48 4.30 1.28 6.11
N ILE A 49 4.21 0.59 4.98
CA ILE A 49 3.72 -0.80 4.95
C ILE A 49 4.82 -1.77 4.52
N THR A 50 5.01 -2.82 5.31
CA THR A 50 5.95 -3.90 4.98
C THR A 50 5.20 -5.18 4.60
N PHE A 51 5.46 -5.70 3.41
CA PHE A 51 4.74 -6.88 2.91
C PHE A 51 5.72 -7.98 2.44
N ARG A 52 5.18 -9.17 2.20
CA ARG A 52 5.95 -10.28 1.66
C ARG A 52 5.19 -10.96 0.50
N SER A 53 5.93 -11.46 -0.47
CA SER A 53 5.32 -12.04 -1.68
C SER A 53 4.82 -13.48 -1.45
N THR A 54 3.49 -13.62 -1.26
CA THR A 54 2.88 -14.96 -1.15
C THR A 54 3.25 -15.85 -2.34
N LYS A 55 3.36 -15.24 -3.52
CA LYS A 55 3.84 -15.94 -4.70
C LYS A 55 5.37 -16.10 -4.63
N LYS A 56 5.80 -17.20 -4.01
CA LYS A 56 7.23 -17.48 -3.80
C LYS A 56 8.00 -17.65 -5.13
N GLU A 57 7.26 -17.90 -6.21
CA GLU A 57 7.86 -18.11 -7.53
C GLU A 57 8.75 -16.92 -7.96
N ASN A 58 9.99 -17.23 -8.30
CA ASN A 58 10.99 -16.20 -8.62
C ASN A 58 10.66 -15.44 -9.92
N ASP A 59 11.15 -14.20 -10.00
CA ASP A 59 10.99 -13.37 -11.20
C ASP A 59 9.51 -13.14 -11.55
N HIS A 60 8.64 -13.13 -10.55
CA HIS A 60 7.22 -12.83 -10.78
C HIS A 60 7.05 -11.34 -11.13
N LYS A 61 5.82 -10.94 -11.51
CA LYS A 61 5.59 -9.62 -12.08
C LYS A 61 5.48 -8.53 -11.02
N LEU A 62 6.57 -7.78 -10.86
CA LEU A 62 6.64 -6.64 -9.96
C LEU A 62 7.57 -5.56 -10.55
N ASN A 63 6.97 -4.65 -11.30
CA ASN A 63 7.72 -3.61 -12.02
C ASN A 63 8.21 -2.50 -11.08
N LYS A 64 9.43 -2.03 -11.33
CA LYS A 64 10.15 -1.15 -10.40
C LYS A 64 9.69 0.32 -10.49
N TYR A 65 8.53 0.55 -11.08
CA TYR A 65 7.87 1.87 -11.10
C TYR A 65 6.34 1.74 -11.24
N ALA A 66 5.81 0.55 -10.92
CA ALA A 66 4.37 0.27 -11.10
C ALA A 66 3.56 0.58 -9.83
N PHE A 67 2.32 1.01 -10.02
CA PHE A 67 1.43 1.33 -8.89
C PHE A 67 0.54 0.13 -8.52
N LEU A 68 0.53 -0.24 -7.25
CA LEU A 68 -0.33 -1.31 -6.75
C LEU A 68 -1.47 -0.76 -5.88
N ARG A 69 -2.56 -1.50 -5.80
CA ARG A 69 -3.67 -1.17 -4.91
C ARG A 69 -3.79 -2.23 -3.80
N LEU A 70 -3.58 -1.80 -2.56
CA LEU A 70 -3.56 -2.71 -1.42
C LEU A 70 -4.94 -2.81 -0.75
N TYR A 71 -5.39 -4.03 -0.53
CA TYR A 71 -6.68 -4.28 0.12
C TYR A 71 -6.49 -4.85 1.54
N VAL A 72 -7.04 -4.15 2.53
CA VAL A 72 -7.13 -4.65 3.89
C VAL A 72 -8.55 -4.42 4.43
N ASP A 73 -9.16 -5.48 4.96
CA ASP A 73 -10.55 -5.40 5.43
C ASP A 73 -10.68 -5.84 6.89
N GLN A 74 -11.58 -5.17 7.62
CA GLN A 74 -11.80 -5.46 9.04
C GLN A 74 -13.02 -6.39 9.23
N ASP A 75 -12.99 -7.20 10.28
CA ASP A 75 -14.05 -8.19 10.54
C ASP A 75 -15.35 -7.54 11.07
N ASP A 76 -15.22 -6.40 11.75
CA ASP A 76 -16.37 -5.71 12.35
C ASP A 76 -17.12 -6.61 13.37
N ASN A 77 -16.57 -6.72 14.56
CA ASN A 77 -17.17 -7.53 15.62
C ASN A 77 -16.60 -7.14 17.01
N SER A 78 -17.44 -7.19 18.04
CA SER A 78 -16.96 -6.99 19.43
C SER A 78 -16.06 -8.15 19.85
N LYS A 79 -14.87 -8.18 19.28
CA LYS A 79 -13.98 -9.36 19.35
C LYS A 79 -13.00 -9.30 20.52
N ASN A 80 -12.45 -10.45 20.86
CA ASN A 80 -11.37 -10.56 21.86
C ASN A 80 -10.02 -10.86 21.18
N GLU A 81 -10.08 -11.55 20.05
CA GLU A 81 -8.90 -11.81 19.21
C GLU A 81 -8.43 -10.53 18.49
N ILE A 82 -7.36 -10.64 17.71
CA ILE A 82 -6.80 -9.50 16.97
C ILE A 82 -7.36 -9.44 15.54
N SER A 83 -7.67 -8.23 15.07
CA SER A 83 -8.22 -8.04 13.71
C SER A 83 -7.10 -8.04 12.66
N SER A 84 -7.48 -8.20 11.40
CA SER A 84 -6.50 -8.27 10.30
C SER A 84 -6.05 -6.86 9.87
N ILE A 85 -4.97 -6.39 10.50
CA ILE A 85 -4.33 -5.12 10.11
C ILE A 85 -3.31 -5.33 8.98
N GLU A 86 -3.23 -6.56 8.49
CA GLU A 86 -2.31 -6.93 7.41
C GLU A 86 -3.01 -6.84 6.05
N VAL A 87 -2.26 -6.45 5.02
CA VAL A 87 -2.79 -6.40 3.65
C VAL A 87 -3.20 -7.79 3.16
N LYS A 88 -4.50 -8.00 2.95
CA LYS A 88 -5.02 -9.33 2.59
C LYS A 88 -4.77 -9.67 1.10
N SER A 89 -4.63 -8.63 0.27
CA SER A 89 -4.30 -8.82 -1.16
C SER A 89 -3.91 -7.50 -1.83
N TYR A 90 -3.41 -7.58 -3.06
CA TYR A 90 -2.96 -6.41 -3.81
C TYR A 90 -3.06 -6.68 -5.32
N GLU A 91 -3.35 -5.65 -6.10
CA GLU A 91 -3.40 -5.78 -7.57
C GLU A 91 -2.60 -4.67 -8.26
N GLU A 92 -2.18 -4.93 -9.49
CA GLU A 92 -1.41 -3.95 -10.27
C GLU A 92 -2.33 -3.04 -11.09
N ILE A 93 -2.14 -1.73 -10.95
CA ILE A 93 -2.96 -0.73 -11.64
C ILE A 93 -2.08 0.35 -12.29
N GLN A 94 -2.70 1.29 -12.99
CA GLN A 94 -1.99 2.43 -13.57
C GLN A 94 -2.35 3.74 -12.85
N LYS A 95 -1.63 4.81 -13.17
CA LYS A 95 -1.83 6.12 -12.52
C LYS A 95 -3.28 6.63 -12.68
N ALA A 96 -3.97 6.13 -13.70
CA ALA A 96 -5.37 6.48 -13.94
C ALA A 96 -6.31 5.92 -12.85
N ASP A 97 -5.90 4.82 -12.22
CA ASP A 97 -6.69 4.21 -11.14
C ASP A 97 -6.39 4.86 -9.78
N LEU A 98 -5.45 5.79 -9.75
CA LEU A 98 -5.11 6.52 -8.54
C LEU A 98 -6.03 7.74 -8.38
N PRO A 99 -6.88 7.76 -7.33
CA PRO A 99 -7.76 8.91 -7.05
C PRO A 99 -6.96 10.22 -7.04
N GLU A 100 -7.60 11.33 -7.41
CA GLU A 100 -6.89 12.61 -7.52
C GLU A 100 -6.13 12.94 -6.24
N LYS A 101 -6.66 12.51 -5.11
CA LYS A 101 -5.96 12.62 -3.82
C LYS A 101 -4.53 12.05 -3.92
N VAL A 102 -4.46 10.81 -4.41
CA VAL A 102 -3.21 10.05 -4.47
C VAL A 102 -2.25 10.56 -5.56
N LYS A 103 -2.76 10.80 -6.79
CA LYS A 103 -1.90 11.21 -7.89
C LYS A 103 -1.16 12.53 -7.57
N ASP A 104 -1.77 13.42 -6.78
CA ASP A 104 -1.02 14.53 -6.19
C ASP A 104 0.08 14.04 -5.24
N LYS A 105 -0.25 13.14 -4.32
CA LYS A 105 0.74 12.63 -3.36
C LYS A 105 1.96 11.99 -4.06
N PHE A 106 1.81 11.67 -5.35
CA PHE A 106 2.94 11.17 -6.16
C PHE A 106 3.56 12.25 -7.07
N THR A 107 2.72 13.03 -7.76
CA THR A 107 3.21 14.02 -8.76
C THR A 107 3.48 15.39 -8.14
N ILE A 108 2.67 15.77 -7.14
CA ILE A 108 2.80 17.07 -6.46
C ILE A 108 2.55 18.24 -7.46
N LYS A 109 1.76 17.98 -8.50
CA LYS A 109 1.52 18.97 -9.56
C LYS A 109 0.14 18.76 -10.24
N LEU A 110 -0.65 19.83 -10.33
CA LEU A 110 -1.94 19.79 -11.04
C LEU A 110 -2.01 20.83 -12.18
N GLU A 111 -2.95 20.62 -13.09
CA GLU A 111 -3.20 21.56 -14.21
C GLU A 111 -3.95 22.83 -13.75
N MET A 1 0.28 25.99 2.66
CA MET A 1 1.32 25.22 1.92
C MET A 1 0.82 23.85 1.46
N GLU A 2 -0.36 23.46 1.91
CA GLU A 2 -0.99 22.20 1.48
C GLU A 2 -2.35 22.46 0.82
N ARG A 3 -2.99 21.40 0.30
CA ARG A 3 -4.21 21.57 -0.51
C ARG A 3 -5.42 20.81 0.06
N ALA A 4 -5.22 20.06 1.15
CA ALA A 4 -6.31 19.32 1.83
C ALA A 4 -7.07 18.38 0.87
N SER A 5 -8.34 18.09 1.20
CA SER A 5 -9.19 17.26 0.35
C SER A 5 -10.51 17.98 0.03
N LEU A 6 -10.92 17.95 -1.24
CA LEU A 6 -12.20 18.52 -1.66
C LEU A 6 -13.37 17.81 -0.97
N ASN A 7 -13.41 16.48 -1.10
CA ASN A 7 -14.39 15.67 -0.38
C ASN A 7 -13.74 15.00 0.83
N ARG A 8 -14.51 14.84 1.91
CA ARG A 8 -14.06 14.12 3.11
C ARG A 8 -14.50 12.65 3.06
N ILE A 9 -14.66 12.14 1.84
CA ILE A 9 -15.10 10.76 1.61
C ILE A 9 -13.92 9.87 1.22
N GLY A 10 -13.63 8.87 2.04
CA GLY A 10 -12.54 7.94 1.74
C GLY A 10 -12.88 6.50 2.08
N LYS A 11 -11.88 5.62 1.99
CA LYS A 11 -12.09 4.19 2.26
C LYS A 11 -10.91 3.60 3.05
N ASP A 12 -10.94 2.29 3.25
CA ASP A 12 -9.86 1.57 3.92
C ASP A 12 -8.83 1.08 2.89
N VAL A 13 -8.90 1.64 1.68
CA VAL A 13 -8.03 1.22 0.58
C VAL A 13 -6.78 2.10 0.47
N TYR A 14 -5.62 1.47 0.28
CA TYR A 14 -4.34 2.17 0.19
C TYR A 14 -3.75 2.07 -1.22
N TYR A 15 -2.78 2.90 -1.54
CA TYR A 15 -2.11 2.89 -2.85
C TYR A 15 -0.59 3.05 -2.71
N MET A 16 0.17 2.14 -3.33
CA MET A 16 1.64 2.11 -3.15
C MET A 16 2.36 1.90 -4.50
N GLN A 17 3.42 2.68 -4.75
CA GLN A 17 4.27 2.46 -5.92
C GLN A 17 5.44 1.53 -5.58
N ILE A 18 5.47 0.35 -6.18
CA ILE A 18 6.49 -0.65 -5.88
C ILE A 18 7.87 -0.28 -6.45
N LYS A 19 8.84 -0.11 -5.56
CA LYS A 19 10.25 0.08 -5.94
C LYS A 19 11.04 -1.22 -5.73
N GLY A 20 11.08 -1.70 -4.48
CA GLY A 20 11.78 -2.95 -4.17
C GLY A 20 12.95 -2.79 -3.22
N GLU A 21 12.77 -3.17 -1.96
CA GLU A 21 13.85 -3.11 -0.95
C GLU A 21 14.48 -4.49 -0.73
N GLY A 22 13.75 -5.38 -0.04
CA GLY A 22 14.22 -6.74 0.19
C GLY A 22 15.48 -6.82 1.04
N THR A 23 15.54 -6.01 2.10
CA THR A 23 16.72 -5.98 2.98
C THR A 23 16.68 -7.09 4.02
N ILE A 24 17.85 -7.54 4.44
CA ILE A 24 17.97 -8.66 5.39
C ILE A 24 17.86 -8.21 6.85
N GLU A 25 16.91 -8.80 7.57
CA GLU A 25 16.77 -8.60 9.01
C GLU A 25 16.83 -9.95 9.74
N LYS A 26 17.83 -10.11 10.61
CA LYS A 26 17.98 -11.36 11.35
C LYS A 26 17.13 -11.39 12.62
N VAL A 27 16.04 -12.16 12.56
CA VAL A 27 15.22 -12.43 13.74
C VAL A 27 15.60 -13.81 14.30
N ASP A 28 16.09 -13.83 15.55
CA ASP A 28 16.58 -15.08 16.17
C ASP A 28 17.83 -15.59 15.40
N GLY A 29 18.55 -14.66 14.76
CA GLY A 29 19.70 -15.00 13.94
C GLY A 29 19.32 -15.49 12.54
N ARG A 30 18.02 -15.50 12.24
CA ARG A 30 17.50 -16.01 10.96
C ARG A 30 17.30 -14.88 9.96
N ASN A 31 17.92 -14.99 8.79
CA ASN A 31 17.93 -13.93 7.78
C ASN A 31 16.58 -13.82 7.03
N LEU A 32 15.75 -12.85 7.43
CA LEU A 32 14.46 -12.61 6.79
C LEU A 32 14.49 -11.36 5.91
N ARG A 33 14.18 -11.51 4.62
CA ARG A 33 14.16 -10.38 3.67
C ARG A 33 12.79 -9.70 3.63
N ASN A 34 12.72 -8.46 4.09
CA ASN A 34 11.45 -7.72 4.19
C ASN A 34 11.40 -6.52 3.23
N TYR A 35 10.18 -6.09 2.89
CA TYR A 35 9.97 -4.94 2.01
C TYR A 35 9.12 -3.87 2.71
N THR A 36 9.63 -2.64 2.80
CA THR A 36 8.90 -1.53 3.44
C THR A 36 8.80 -0.31 2.51
N LEU A 37 7.58 0.00 2.07
CA LEU A 37 7.35 1.08 1.12
C LEU A 37 6.22 2.02 1.60
N PRO A 38 6.25 3.30 1.20
CA PRO A 38 5.20 4.28 1.55
C PRO A 38 3.92 4.10 0.72
N ALA A 39 2.77 4.19 1.38
CA ALA A 39 1.47 4.05 0.72
C ALA A 39 0.50 5.15 1.14
N TYR A 40 -0.25 5.68 0.18
CA TYR A 40 -1.27 6.70 0.45
C TYR A 40 -2.68 6.11 0.34
N ASP A 41 -3.51 6.33 1.36
CA ASP A 41 -4.90 5.87 1.31
C ASP A 41 -5.72 6.74 0.33
N GLU A 42 -6.98 6.36 0.11
CA GLU A 42 -7.83 7.05 -0.87
C GLU A 42 -7.89 8.58 -0.64
N ASP A 43 -7.81 9.02 0.61
CA ASP A 43 -7.80 10.45 0.94
C ASP A 43 -6.44 11.08 0.55
N GLY A 44 -5.38 10.28 0.63
CA GLY A 44 -4.05 10.76 0.26
C GLY A 44 -3.12 10.92 1.46
N VAL A 45 -3.45 10.29 2.58
CA VAL A 45 -2.60 10.35 3.78
C VAL A 45 -1.47 9.31 3.71
N LYS A 46 -0.25 9.74 4.04
CA LYS A 46 0.95 8.91 3.89
C LYS A 46 1.15 7.96 5.08
N LYS A 47 0.95 6.67 4.85
CA LYS A 47 1.23 5.63 5.84
C LYS A 47 2.28 4.65 5.31
N GLN A 48 3.16 4.16 6.18
CA GLN A 48 4.23 3.25 5.76
C GLN A 48 3.86 1.78 6.01
N ILE A 49 4.01 0.95 4.98
CA ILE A 49 3.58 -0.45 5.05
C ILE A 49 4.75 -1.42 4.79
N THR A 50 4.90 -2.41 5.67
CA THR A 50 5.91 -3.48 5.49
C THR A 50 5.25 -4.78 5.06
N PHE A 51 5.55 -5.24 3.85
CA PHE A 51 4.94 -6.47 3.31
C PHE A 51 5.98 -7.54 3.01
N ARG A 52 5.53 -8.80 3.01
CA ARG A 52 6.41 -9.95 2.74
C ARG A 52 6.30 -10.40 1.27
N SER A 53 7.28 -11.18 0.81
CA SER A 53 7.32 -11.63 -0.58
C SER A 53 6.11 -12.49 -0.95
N THR A 54 5.32 -12.02 -1.92
CA THR A 54 4.21 -12.80 -2.47
C THR A 54 4.70 -14.16 -3.01
N LYS A 55 3.78 -15.13 -3.13
CA LYS A 55 4.11 -16.48 -3.61
C LYS A 55 5.17 -16.49 -4.74
N LYS A 56 6.32 -17.11 -4.44
CA LYS A 56 7.47 -17.16 -5.35
C LYS A 56 7.12 -17.80 -6.71
N GLU A 57 6.06 -18.62 -6.74
CA GLU A 57 5.63 -19.29 -7.98
C GLU A 57 5.25 -18.27 -9.08
N ASN A 58 4.91 -17.05 -8.69
CA ASN A 58 4.55 -16.00 -9.65
C ASN A 58 5.74 -15.05 -9.90
N ASP A 59 6.04 -14.81 -11.18
CA ASP A 59 7.15 -13.91 -11.56
C ASP A 59 6.71 -12.44 -11.47
N HIS A 60 5.74 -12.05 -12.30
CA HIS A 60 5.23 -10.67 -12.29
C HIS A 60 4.22 -10.48 -11.16
N LYS A 61 4.74 -10.45 -9.94
CA LYS A 61 3.94 -10.18 -8.73
C LYS A 61 4.30 -8.82 -8.12
N LEU A 62 5.56 -8.41 -8.34
CA LEU A 62 6.06 -7.10 -7.89
C LEU A 62 7.09 -6.55 -8.89
N ASN A 63 6.63 -5.72 -9.84
CA ASN A 63 7.53 -5.12 -10.85
C ASN A 63 8.35 -3.96 -10.26
N LYS A 64 9.33 -3.48 -11.03
CA LYS A 64 10.21 -2.39 -10.57
C LYS A 64 9.54 -1.01 -10.67
N TYR A 65 8.46 -0.93 -11.45
CA TYR A 65 7.70 0.31 -11.58
C TYR A 65 6.21 0.02 -11.85
N ALA A 66 5.41 0.06 -10.79
CA ALA A 66 3.97 -0.18 -10.89
C ALA A 66 3.23 0.35 -9.66
N PHE A 67 1.98 0.75 -9.85
CA PHE A 67 1.15 1.24 -8.74
C PHE A 67 0.16 0.17 -8.29
N LEU A 68 0.14 -0.13 -6.99
CA LEU A 68 -0.76 -1.15 -6.45
C LEU A 68 -1.90 -0.51 -5.67
N ARG A 69 -3.02 -1.21 -5.64
CA ARG A 69 -4.16 -0.82 -4.81
C ARG A 69 -4.35 -1.87 -3.71
N LEU A 70 -4.16 -1.45 -2.47
CA LEU A 70 -4.12 -2.37 -1.32
C LEU A 70 -5.47 -2.39 -0.58
N TYR A 71 -5.97 -3.60 -0.33
CA TYR A 71 -7.26 -3.79 0.33
C TYR A 71 -7.09 -4.34 1.75
N VAL A 72 -7.65 -3.66 2.74
CA VAL A 72 -7.72 -4.21 4.10
C VAL A 72 -9.18 -4.49 4.49
N ASP A 73 -9.40 -5.56 5.23
CA ASP A 73 -10.74 -5.97 5.65
C ASP A 73 -10.70 -6.59 7.05
N GLN A 74 -11.81 -6.48 7.78
CA GLN A 74 -11.84 -6.83 9.20
C GLN A 74 -12.15 -8.32 9.44
N ASP A 75 -11.13 -9.06 9.90
CA ASP A 75 -11.33 -10.41 10.43
C ASP A 75 -12.24 -10.34 11.67
N ASP A 76 -12.05 -9.28 12.47
CA ASP A 76 -12.99 -8.87 13.52
C ASP A 76 -13.55 -7.48 13.22
N ASN A 77 -14.87 -7.35 13.26
CA ASN A 77 -15.56 -6.08 12.89
C ASN A 77 -14.95 -4.86 13.60
N SER A 78 -14.76 -4.95 14.91
CA SER A 78 -14.26 -3.83 15.72
C SER A 78 -12.74 -3.63 15.56
N LYS A 79 -12.22 -2.63 16.26
CA LYS A 79 -10.77 -2.36 16.28
C LYS A 79 -9.95 -3.57 16.77
N ASN A 80 -9.12 -4.12 15.89
CA ASN A 80 -8.22 -5.23 16.26
C ASN A 80 -6.86 -4.68 16.75
N GLU A 81 -6.39 -5.17 17.89
CA GLU A 81 -5.16 -4.66 18.51
C GLU A 81 -3.89 -5.19 17.80
N ILE A 82 -3.97 -6.41 17.28
CA ILE A 82 -2.82 -7.02 16.61
C ILE A 82 -2.85 -6.80 15.09
N SER A 83 -1.72 -6.36 14.54
CA SER A 83 -1.56 -6.16 13.09
C SER A 83 -0.08 -6.25 12.69
N SER A 84 0.17 -6.53 11.42
CA SER A 84 1.56 -6.68 10.92
C SER A 84 1.65 -6.24 9.45
N ILE A 85 0.97 -6.98 8.58
CA ILE A 85 0.88 -6.63 7.15
C ILE A 85 -0.34 -5.72 6.89
N GLU A 86 -1.39 -5.91 7.69
CA GLU A 86 -2.64 -5.13 7.59
C GLU A 86 -3.44 -5.53 6.33
N VAL A 87 -2.86 -5.27 5.16
CA VAL A 87 -3.51 -5.52 3.87
C VAL A 87 -3.71 -7.02 3.59
N LYS A 88 -4.93 -7.37 3.17
CA LYS A 88 -5.30 -8.77 2.91
C LYS A 88 -5.27 -9.13 1.41
N SER A 89 -5.07 -8.13 0.56
CA SER A 89 -4.98 -8.34 -0.91
C SER A 89 -4.57 -7.05 -1.64
N TYR A 90 -4.09 -7.17 -2.87
CA TYR A 90 -3.66 -6.00 -3.65
C TYR A 90 -3.85 -6.22 -5.17
N GLU A 91 -4.06 -5.13 -5.90
CA GLU A 91 -4.22 -5.20 -7.36
C GLU A 91 -3.23 -4.27 -8.07
N GLU A 92 -2.70 -4.71 -9.22
CA GLU A 92 -1.71 -3.93 -9.98
C GLU A 92 -2.38 -3.01 -11.00
N ILE A 93 -2.32 -1.71 -10.75
CA ILE A 93 -2.96 -0.70 -11.61
C ILE A 93 -1.95 0.36 -12.10
N GLN A 94 -2.43 1.29 -12.91
CA GLN A 94 -1.58 2.38 -13.43
C GLN A 94 -1.89 3.73 -12.77
N LYS A 95 -1.01 4.72 -12.97
CA LYS A 95 -1.14 6.05 -12.37
C LYS A 95 -2.52 6.68 -12.64
N ALA A 96 -3.07 6.45 -13.83
CA ALA A 96 -4.38 6.99 -14.21
C ALA A 96 -5.53 6.40 -13.38
N ASP A 97 -5.35 5.17 -12.88
CA ASP A 97 -6.42 4.51 -12.12
C ASP A 97 -6.36 4.88 -10.62
N LEU A 98 -5.38 5.69 -10.25
CA LEU A 98 -5.28 6.20 -8.88
C LEU A 98 -6.32 7.31 -8.63
N PRO A 99 -6.82 7.45 -7.38
CA PRO A 99 -7.77 8.51 -7.02
C PRO A 99 -7.15 9.92 -7.17
N GLU A 100 -8.00 10.93 -7.30
CA GLU A 100 -7.56 12.30 -7.64
C GLU A 100 -6.78 12.98 -6.49
N LYS A 101 -6.46 12.23 -5.44
CA LYS A 101 -5.55 12.70 -4.39
C LYS A 101 -4.21 11.95 -4.44
N VAL A 102 -4.28 10.62 -4.40
CA VAL A 102 -3.08 9.77 -4.42
C VAL A 102 -2.17 10.06 -5.62
N LYS A 103 -2.75 10.14 -6.82
CA LYS A 103 -1.97 10.41 -8.04
C LYS A 103 -1.07 11.64 -7.89
N ASP A 104 -1.61 12.69 -7.26
CA ASP A 104 -0.88 13.93 -7.02
C ASP A 104 0.11 13.80 -5.85
N LYS A 105 -0.24 13.01 -4.85
CA LYS A 105 0.65 12.77 -3.71
C LYS A 105 1.95 12.06 -4.14
N PHE A 106 1.85 11.20 -5.15
CA PHE A 106 3.04 10.54 -5.72
C PHE A 106 3.78 11.44 -6.72
N THR A 107 3.03 12.07 -7.64
CA THR A 107 3.62 12.89 -8.71
C THR A 107 4.21 14.21 -8.17
N ILE A 108 3.64 14.70 -7.06
CA ILE A 108 4.10 15.96 -6.40
C ILE A 108 3.68 17.22 -7.17
N LYS A 109 3.88 17.21 -8.48
CA LYS A 109 3.54 18.35 -9.33
C LYS A 109 2.06 18.31 -9.73
N LEU A 110 1.28 19.25 -9.20
CA LEU A 110 -0.14 19.39 -9.57
C LEU A 110 -0.33 20.47 -10.65
N GLU A 111 -1.55 20.55 -11.18
CA GLU A 111 -1.89 21.55 -12.20
C GLU A 111 -1.99 22.99 -11.60
N MET A 1 -7.11 29.95 -5.54
CA MET A 1 -7.76 29.00 -4.59
C MET A 1 -9.28 29.24 -4.48
N GLU A 2 -9.68 30.30 -3.77
CA GLU A 2 -11.08 30.63 -3.53
C GLU A 2 -11.83 29.51 -2.79
N ARG A 3 -12.16 28.43 -3.49
CA ARG A 3 -12.90 27.31 -2.89
C ARG A 3 -12.45 25.95 -3.47
N ALA A 4 -12.68 24.88 -2.70
CA ALA A 4 -12.39 23.52 -3.15
C ALA A 4 -13.46 22.55 -2.66
N SER A 5 -14.30 22.08 -3.57
CA SER A 5 -15.41 21.17 -3.22
C SER A 5 -14.97 19.70 -3.36
N LEU A 6 -14.61 19.09 -2.25
CA LEU A 6 -14.14 17.69 -2.23
C LEU A 6 -14.98 16.83 -1.28
N ASN A 7 -15.22 15.58 -1.66
CA ASN A 7 -16.00 14.65 -0.86
C ASN A 7 -15.29 14.31 0.47
N ARG A 8 -16.06 14.26 1.56
CA ARG A 8 -15.49 14.09 2.91
C ARG A 8 -15.26 12.62 3.27
N ILE A 9 -15.74 11.71 2.43
CA ILE A 9 -15.71 10.26 2.73
C ILE A 9 -14.43 9.59 2.20
N GLY A 10 -13.83 8.75 3.05
CA GLY A 10 -12.68 7.94 2.65
C GLY A 10 -12.92 6.45 2.86
N LYS A 11 -11.90 5.62 2.65
CA LYS A 11 -12.06 4.16 2.68
C LYS A 11 -10.77 3.45 3.16
N ASP A 12 -10.84 2.12 3.29
CA ASP A 12 -9.70 1.33 3.78
C ASP A 12 -8.83 0.79 2.63
N VAL A 13 -8.93 1.41 1.45
CA VAL A 13 -8.12 1.01 0.30
C VAL A 13 -6.82 1.84 0.23
N TYR A 14 -5.68 1.14 0.15
CA TYR A 14 -4.37 1.82 0.14
C TYR A 14 -3.65 1.63 -1.21
N TYR A 15 -2.70 2.52 -1.50
CA TYR A 15 -1.96 2.49 -2.76
C TYR A 15 -0.45 2.62 -2.51
N MET A 16 0.32 1.62 -2.94
CA MET A 16 1.77 1.58 -2.70
C MET A 16 2.56 1.49 -4.02
N GLN A 17 3.78 2.02 -4.04
CA GLN A 17 4.64 1.92 -5.23
C GLN A 17 5.93 1.12 -4.94
N ILE A 18 6.21 0.12 -5.78
CA ILE A 18 7.44 -0.66 -5.65
C ILE A 18 8.66 0.19 -6.03
N LYS A 19 9.69 0.17 -5.18
CA LYS A 19 10.93 0.92 -5.42
C LYS A 19 12.07 0.42 -4.54
N GLY A 20 13.19 0.03 -5.16
CA GLY A 20 14.36 -0.44 -4.43
C GLY A 20 14.63 -1.93 -4.61
N GLU A 21 14.98 -2.61 -3.52
CA GLU A 21 15.29 -4.06 -3.56
C GLU A 21 14.69 -4.84 -2.36
N GLY A 22 14.66 -4.22 -1.18
CA GLY A 22 14.03 -4.86 -0.02
C GLY A 22 14.85 -4.74 1.26
N THR A 23 14.16 -4.71 2.40
CA THR A 23 14.83 -4.64 3.72
C THR A 23 15.26 -6.03 4.20
N ILE A 24 16.56 -6.20 4.45
CA ILE A 24 17.07 -7.45 4.99
C ILE A 24 17.05 -7.43 6.52
N GLU A 25 16.16 -8.21 7.12
CA GLU A 25 15.96 -8.18 8.57
C GLU A 25 16.07 -9.59 9.17
N LYS A 26 16.89 -9.71 10.22
CA LYS A 26 17.09 -11.00 10.89
C LYS A 26 16.03 -11.26 11.97
N VAL A 27 15.09 -12.16 11.65
CA VAL A 27 14.11 -12.64 12.62
C VAL A 27 14.53 -14.03 13.11
N ASP A 28 14.66 -14.21 14.43
CA ASP A 28 15.21 -15.45 15.01
C ASP A 28 16.67 -15.65 14.56
N GLY A 29 17.34 -14.56 14.19
CA GLY A 29 18.69 -14.63 13.64
C GLY A 29 18.70 -14.98 12.16
N ARG A 30 17.53 -15.20 11.59
CA ARG A 30 17.41 -15.59 10.18
C ARG A 30 17.12 -14.37 9.30
N ASN A 31 17.93 -14.18 8.25
CA ASN A 31 17.78 -13.04 7.35
C ASN A 31 16.57 -13.22 6.40
N LEU A 32 15.46 -12.55 6.73
CA LEU A 32 14.23 -12.64 5.94
C LEU A 32 14.03 -11.40 5.05
N ARG A 33 13.20 -11.55 4.02
CA ARG A 33 12.91 -10.45 3.08
C ARG A 33 11.66 -9.67 3.52
N ASN A 34 11.86 -8.48 4.08
CA ASN A 34 10.75 -7.56 4.38
C ASN A 34 10.83 -6.34 3.47
N TYR A 35 9.73 -5.95 2.86
CA TYR A 35 9.74 -4.83 1.91
C TYR A 35 9.11 -3.57 2.51
N THR A 36 9.88 -2.48 2.54
CA THR A 36 9.42 -1.22 3.13
C THR A 36 9.14 -0.16 2.05
N LEU A 37 7.87 0.17 1.85
CA LEU A 37 7.48 1.09 0.77
C LEU A 37 6.41 2.10 1.24
N PRO A 38 6.34 3.27 0.58
CA PRO A 38 5.33 4.30 0.89
C PRO A 38 3.94 3.95 0.33
N ALA A 39 2.90 4.23 1.11
CA ALA A 39 1.53 3.94 0.70
C ALA A 39 0.57 5.07 1.10
N TYR A 40 -0.40 5.35 0.24
CA TYR A 40 -1.41 6.38 0.51
C TYR A 40 -2.82 5.79 0.48
N ASP A 41 -3.71 6.29 1.34
CA ASP A 41 -5.10 5.82 1.37
C ASP A 41 -6.01 6.63 0.43
N GLU A 42 -7.30 6.33 0.44
CA GLU A 42 -8.28 7.01 -0.42
C GLU A 42 -8.37 8.52 -0.15
N ASP A 43 -7.93 8.96 1.04
CA ASP A 43 -7.85 10.39 1.36
C ASP A 43 -6.55 11.01 0.81
N GLY A 44 -5.51 10.18 0.68
CA GLY A 44 -4.21 10.66 0.22
C GLY A 44 -3.23 10.93 1.35
N VAL A 45 -3.46 10.29 2.49
CA VAL A 45 -2.58 10.45 3.66
C VAL A 45 -1.33 9.57 3.52
N LYS A 46 -0.16 10.16 3.81
CA LYS A 46 1.12 9.47 3.63
C LYS A 46 1.39 8.44 4.74
N LYS A 47 1.39 7.16 4.36
CA LYS A 47 1.67 6.05 5.28
C LYS A 47 2.96 5.31 4.87
N GLN A 48 3.59 4.63 5.82
CA GLN A 48 4.73 3.75 5.52
C GLN A 48 4.39 2.30 5.91
N ILE A 49 4.42 1.40 4.95
CA ILE A 49 4.04 0.00 5.18
C ILE A 49 5.18 -0.97 4.81
N THR A 50 5.56 -1.81 5.78
CA THR A 50 6.52 -2.89 5.53
C THR A 50 5.82 -4.25 5.50
N PHE A 51 5.82 -4.91 4.34
CA PHE A 51 5.10 -6.18 4.18
C PHE A 51 6.04 -7.38 4.00
N ARG A 52 5.60 -8.53 4.50
CA ARG A 52 6.35 -9.78 4.40
C ARG A 52 6.32 -10.34 2.96
N SER A 53 5.14 -10.80 2.53
CA SER A 53 4.94 -11.31 1.18
C SER A 53 3.48 -11.72 0.96
N THR A 54 3.21 -12.39 -0.17
CA THR A 54 1.86 -12.92 -0.46
C THR A 54 1.96 -14.36 -0.97
N LYS A 55 3.09 -15.01 -0.65
CA LYS A 55 3.38 -16.37 -1.13
C LYS A 55 4.57 -16.98 -0.38
N LYS A 56 4.57 -18.30 -0.23
CA LYS A 56 5.69 -19.01 0.41
C LYS A 56 6.76 -19.41 -0.62
N GLU A 57 6.38 -19.45 -1.88
CA GLU A 57 7.29 -19.87 -2.96
C GLU A 57 8.34 -18.79 -3.28
N ASN A 58 9.50 -19.23 -3.76
CA ASN A 58 10.57 -18.31 -4.15
C ASN A 58 10.22 -17.60 -5.47
N ASP A 59 9.56 -16.45 -5.35
CA ASP A 59 9.12 -15.68 -6.52
C ASP A 59 9.13 -14.17 -6.22
N HIS A 60 9.21 -13.36 -7.27
CA HIS A 60 9.14 -11.90 -7.13
C HIS A 60 8.57 -11.25 -8.40
N LYS A 61 7.29 -11.50 -8.65
CA LYS A 61 6.57 -10.92 -9.79
C LYS A 61 6.56 -9.37 -9.74
N LEU A 62 6.72 -8.83 -8.52
CA LEU A 62 6.76 -7.38 -8.32
C LEU A 62 7.83 -6.70 -9.20
N ASN A 63 7.39 -5.83 -10.12
CA ASN A 63 8.31 -5.08 -10.96
C ASN A 63 9.03 -3.98 -10.15
N LYS A 64 10.31 -3.77 -10.42
CA LYS A 64 11.15 -2.83 -9.63
C LYS A 64 10.54 -1.42 -9.55
N TYR A 65 9.61 -1.11 -10.46
CA TYR A 65 8.91 0.18 -10.47
C TYR A 65 7.47 0.00 -10.97
N ALA A 66 6.53 -0.11 -10.04
CA ALA A 66 5.10 -0.31 -10.39
C ALA A 66 4.18 0.13 -9.26
N PHE A 67 2.92 0.43 -9.60
CA PHE A 67 1.93 0.84 -8.61
C PHE A 67 1.07 -0.35 -8.15
N LEU A 68 0.72 -0.37 -6.87
CA LEU A 68 -0.08 -1.46 -6.27
C LEU A 68 -1.29 -0.92 -5.51
N ARG A 69 -2.37 -1.70 -5.51
CA ARG A 69 -3.56 -1.37 -4.74
C ARG A 69 -3.76 -2.43 -3.64
N LEU A 70 -3.66 -1.99 -2.38
CA LEU A 70 -3.65 -2.89 -1.24
C LEU A 70 -5.04 -3.07 -0.62
N TYR A 71 -5.38 -4.30 -0.27
CA TYR A 71 -6.67 -4.61 0.35
C TYR A 71 -6.49 -5.17 1.76
N VAL A 72 -7.09 -4.51 2.75
CA VAL A 72 -7.05 -4.94 4.15
C VAL A 72 -8.39 -5.56 4.55
N ASP A 73 -8.39 -6.47 5.52
CA ASP A 73 -9.61 -7.17 5.91
C ASP A 73 -10.18 -6.62 7.23
N GLN A 74 -11.48 -6.29 7.20
CA GLN A 74 -12.16 -5.78 8.39
C GLN A 74 -12.81 -6.93 9.17
N ASP A 75 -12.82 -6.83 10.49
CA ASP A 75 -13.52 -7.80 11.33
C ASP A 75 -15.03 -7.76 11.04
N ASP A 76 -15.53 -6.55 10.85
CA ASP A 76 -16.92 -6.30 10.48
C ASP A 76 -17.09 -6.40 8.95
N ASN A 77 -18.20 -5.86 8.41
CA ASN A 77 -18.43 -5.77 6.96
C ASN A 77 -18.66 -7.15 6.29
N SER A 78 -18.45 -8.25 7.03
CA SER A 78 -18.58 -9.59 6.46
C SER A 78 -18.71 -10.66 7.55
N LYS A 79 -19.14 -11.86 7.15
CA LYS A 79 -19.22 -13.00 8.07
C LYS A 79 -17.90 -13.79 8.07
N ASN A 80 -17.23 -13.84 9.23
CA ASN A 80 -15.90 -14.47 9.30
C ASN A 80 -15.50 -14.86 10.73
N GLU A 81 -14.51 -15.75 10.83
CA GLU A 81 -13.83 -16.06 12.09
C GLU A 81 -12.36 -15.62 12.00
N ILE A 82 -11.80 -15.71 10.79
CA ILE A 82 -10.40 -15.31 10.53
C ILE A 82 -10.34 -13.90 9.91
N SER A 83 -9.78 -12.96 10.66
CA SER A 83 -9.62 -11.58 10.19
C SER A 83 -8.24 -11.03 10.59
N SER A 84 -7.78 -9.97 9.92
CA SER A 84 -6.49 -9.35 10.26
C SER A 84 -6.35 -7.94 9.68
N ILE A 85 -5.59 -7.10 10.38
CA ILE A 85 -5.26 -5.75 9.92
C ILE A 85 -4.17 -5.76 8.83
N GLU A 86 -3.77 -6.96 8.42
CA GLU A 86 -2.72 -7.14 7.41
C GLU A 86 -3.28 -7.01 5.98
N VAL A 87 -2.40 -6.79 5.01
CA VAL A 87 -2.79 -6.73 3.61
C VAL A 87 -2.99 -8.14 3.03
N LYS A 88 -4.24 -8.61 3.06
CA LYS A 88 -4.56 -9.97 2.62
C LYS A 88 -4.31 -10.18 1.11
N SER A 89 -4.35 -9.09 0.34
CA SER A 89 -4.09 -9.15 -1.11
C SER A 89 -3.84 -7.76 -1.71
N TYR A 90 -3.24 -7.73 -2.89
CA TYR A 90 -2.97 -6.46 -3.59
C TYR A 90 -2.91 -6.68 -5.12
N GLU A 91 -3.22 -5.63 -5.87
CA GLU A 91 -3.23 -5.70 -7.34
C GLU A 91 -2.20 -4.71 -7.94
N GLU A 92 -1.64 -5.04 -9.10
CA GLU A 92 -0.70 -4.15 -9.79
C GLU A 92 -1.47 -3.22 -10.75
N ILE A 93 -1.55 -1.95 -10.38
CA ILE A 93 -2.38 -0.97 -11.10
C ILE A 93 -1.55 0.13 -11.77
N GLN A 94 -2.25 1.02 -12.47
CA GLN A 94 -1.62 2.16 -13.16
C GLN A 94 -2.10 3.50 -12.57
N LYS A 95 -1.42 4.59 -12.93
CA LYS A 95 -1.74 5.92 -12.39
C LYS A 95 -3.22 6.31 -12.63
N ALA A 96 -3.80 5.80 -13.70
CA ALA A 96 -5.20 6.05 -14.02
C ALA A 96 -6.17 5.44 -12.99
N ASP A 97 -5.75 4.36 -12.34
CA ASP A 97 -6.59 3.68 -11.33
C ASP A 97 -6.52 4.42 -9.98
N LEU A 98 -5.49 5.24 -9.80
CA LEU A 98 -5.32 6.02 -8.58
C LEU A 98 -6.34 7.18 -8.49
N PRO A 99 -6.87 7.48 -7.29
CA PRO A 99 -7.68 8.68 -7.08
C PRO A 99 -6.83 9.96 -7.23
N GLU A 100 -7.47 11.07 -7.59
CA GLU A 100 -6.75 12.29 -7.98
C GLU A 100 -5.76 12.78 -6.91
N LYS A 101 -6.17 12.79 -5.65
CA LYS A 101 -5.30 13.33 -4.60
C LYS A 101 -4.11 12.41 -4.29
N VAL A 102 -4.28 11.11 -4.51
CA VAL A 102 -3.20 10.15 -4.32
C VAL A 102 -2.11 10.30 -5.41
N LYS A 103 -2.54 10.44 -6.66
CA LYS A 103 -1.59 10.66 -7.76
C LYS A 103 -0.86 12.01 -7.60
N ASP A 104 -1.55 13.01 -7.03
CA ASP A 104 -0.90 14.27 -6.65
C ASP A 104 0.22 14.05 -5.60
N LYS A 105 -0.07 13.22 -4.60
CA LYS A 105 0.90 12.92 -3.53
C LYS A 105 2.15 12.19 -4.08
N PHE A 106 1.95 11.31 -5.06
CA PHE A 106 3.06 10.58 -5.69
C PHE A 106 3.89 11.48 -6.64
N THR A 107 3.20 12.26 -7.46
CA THR A 107 3.89 13.10 -8.47
C THR A 107 4.47 14.36 -7.84
N ILE A 108 3.66 15.07 -7.05
CA ILE A 108 4.08 16.30 -6.33
C ILE A 108 4.19 17.52 -7.27
N LYS A 109 4.43 17.26 -8.56
CA LYS A 109 4.40 18.29 -9.58
C LYS A 109 2.95 18.72 -9.88
N LEU A 110 2.48 19.74 -9.16
CA LEU A 110 1.10 20.21 -9.26
C LEU A 110 1.00 21.73 -9.06
N GLU A 111 -0.16 22.30 -9.41
CA GLU A 111 -0.41 23.73 -9.24
C GLU A 111 -1.06 24.05 -7.88
N MET A 1 -9.85 20.92 -14.61
CA MET A 1 -11.11 20.79 -13.81
C MET A 1 -10.99 19.65 -12.79
N GLU A 2 -11.54 19.85 -11.59
CA GLU A 2 -11.54 18.80 -10.57
C GLU A 2 -12.81 17.93 -10.67
N ARG A 3 -12.61 16.62 -10.71
CA ARG A 3 -13.72 15.66 -10.89
C ARG A 3 -14.01 14.88 -9.61
N ALA A 4 -13.31 15.21 -8.51
CA ALA A 4 -13.51 14.52 -7.24
C ALA A 4 -14.92 14.76 -6.66
N SER A 5 -15.87 13.93 -7.08
CA SER A 5 -17.25 14.01 -6.59
C SER A 5 -17.49 12.97 -5.49
N LEU A 6 -18.74 12.84 -5.03
CA LEU A 6 -19.08 11.95 -3.91
C LEU A 6 -19.29 10.50 -4.36
N ASN A 7 -18.54 10.09 -5.37
CA ASN A 7 -18.60 8.71 -5.90
C ASN A 7 -17.19 8.15 -6.11
N ARG A 8 -17.08 6.84 -6.37
CA ARG A 8 -15.78 6.14 -6.46
C ARG A 8 -15.10 6.03 -5.08
N ILE A 9 -15.83 6.35 -4.01
CA ILE A 9 -15.27 6.36 -2.65
C ILE A 9 -15.25 4.95 -2.04
N GLY A 10 -14.29 4.69 -1.16
CA GLY A 10 -14.21 3.43 -0.44
C GLY A 10 -13.52 3.59 0.91
N LYS A 11 -12.94 2.51 1.42
CA LYS A 11 -12.15 2.55 2.66
C LYS A 11 -11.18 1.34 2.74
N ASP A 12 -10.19 1.46 3.64
CA ASP A 12 -9.18 0.40 3.86
C ASP A 12 -8.26 0.19 2.64
N VAL A 13 -8.33 1.09 1.66
CA VAL A 13 -7.53 0.97 0.43
C VAL A 13 -6.32 1.92 0.46
N TYR A 14 -5.12 1.35 0.33
CA TYR A 14 -3.87 2.13 0.32
C TYR A 14 -3.16 2.02 -1.03
N TYR A 15 -2.30 2.98 -1.32
CA TYR A 15 -1.59 3.05 -2.61
C TYR A 15 -0.09 3.27 -2.42
N MET A 16 0.74 2.33 -2.90
CA MET A 16 2.19 2.39 -2.69
C MET A 16 2.95 2.22 -4.01
N GLN A 17 3.93 3.09 -4.26
CA GLN A 17 4.82 2.96 -5.43
C GLN A 17 6.12 2.24 -5.02
N ILE A 18 6.28 1.00 -5.48
CA ILE A 18 7.45 0.21 -5.12
C ILE A 18 8.70 0.68 -5.88
N LYS A 19 9.67 1.19 -5.14
CA LYS A 19 10.93 1.69 -5.73
C LYS A 19 12.15 1.00 -5.07
N GLY A 20 11.92 -0.23 -4.60
CA GLY A 20 12.99 -0.99 -3.95
C GLY A 20 13.35 -2.29 -4.68
N GLU A 21 14.45 -2.92 -4.28
CA GLU A 21 14.95 -4.13 -4.95
C GLU A 21 14.65 -5.42 -4.16
N GLY A 22 14.20 -5.27 -2.91
CA GLY A 22 13.89 -6.44 -2.09
C GLY A 22 14.91 -6.65 -0.96
N THR A 23 14.57 -6.21 0.25
CA THR A 23 15.47 -6.31 1.41
C THR A 23 15.27 -7.61 2.20
N ILE A 24 16.33 -8.08 2.86
CA ILE A 24 16.28 -9.24 3.75
C ILE A 24 16.56 -8.82 5.20
N GLU A 25 15.78 -9.34 6.14
CA GLU A 25 16.02 -9.07 7.56
C GLU A 25 16.18 -10.39 8.34
N LYS A 26 17.40 -10.64 8.81
CA LYS A 26 17.70 -11.84 9.59
C LYS A 26 17.22 -11.68 11.04
N VAL A 27 16.11 -12.35 11.38
CA VAL A 27 15.53 -12.28 12.73
C VAL A 27 15.54 -13.65 13.41
N ASP A 28 15.92 -13.67 14.70
CA ASP A 28 16.02 -14.92 15.47
C ASP A 28 17.05 -15.89 14.84
N GLY A 29 17.99 -15.33 14.08
CA GLY A 29 19.01 -16.13 13.42
C GLY A 29 18.55 -16.80 12.12
N ARG A 30 17.42 -16.35 11.58
CA ARG A 30 16.91 -16.86 10.29
C ARG A 30 16.56 -15.70 9.34
N ASN A 31 16.87 -15.87 8.06
CA ASN A 31 16.63 -14.83 7.05
C ASN A 31 15.14 -14.71 6.68
N LEU A 32 14.52 -13.60 7.07
CA LEU A 32 13.11 -13.34 6.77
C LEU A 32 12.97 -12.21 5.72
N ARG A 33 11.85 -12.22 5.01
CA ARG A 33 11.56 -11.17 4.02
C ARG A 33 10.52 -10.17 4.54
N ASN A 34 10.93 -8.90 4.62
CA ASN A 34 10.05 -7.81 5.02
C ASN A 34 10.21 -6.63 4.06
N TYR A 35 9.09 -6.00 3.68
CA TYR A 35 9.12 -4.85 2.76
C TYR A 35 8.45 -3.63 3.38
N THR A 36 9.18 -2.52 3.46
CA THR A 36 8.67 -1.29 4.09
C THR A 36 8.87 -0.07 3.17
N LEU A 37 7.76 0.50 2.69
CA LEU A 37 7.79 1.68 1.81
C LEU A 37 6.63 2.64 2.11
N PRO A 38 6.78 3.94 1.74
CA PRO A 38 5.73 4.94 1.95
C PRO A 38 4.49 4.72 1.04
N ALA A 39 3.31 4.83 1.63
CA ALA A 39 2.06 4.68 0.89
C ALA A 39 1.10 5.82 1.21
N TYR A 40 0.06 5.96 0.39
CA TYR A 40 -0.99 6.98 0.62
C TYR A 40 -2.37 6.32 0.59
N ASP A 41 -3.24 6.70 1.52
CA ASP A 41 -4.64 6.25 1.45
C ASP A 41 -5.40 7.06 0.39
N GLU A 42 -6.62 6.65 0.09
CA GLU A 42 -7.43 7.30 -0.95
C GLU A 42 -7.74 8.78 -0.63
N ASP A 43 -7.48 9.21 0.61
CA ASP A 43 -7.64 10.62 0.99
C ASP A 43 -6.35 11.40 0.69
N GLY A 44 -5.21 10.72 0.78
CA GLY A 44 -3.93 11.34 0.44
C GLY A 44 -3.00 11.51 1.64
N VAL A 45 -3.23 10.75 2.70
CA VAL A 45 -2.38 10.81 3.88
C VAL A 45 -1.16 9.90 3.73
N LYS A 46 0.05 10.45 3.91
CA LYS A 46 1.28 9.69 3.72
C LYS A 46 1.58 8.78 4.92
N LYS A 47 1.33 7.49 4.74
CA LYS A 47 1.52 6.48 5.79
C LYS A 47 2.46 5.36 5.30
N GLN A 48 3.42 4.95 6.13
CA GLN A 48 4.40 3.94 5.71
C GLN A 48 3.99 2.53 6.15
N ILE A 49 3.91 1.61 5.19
CA ILE A 49 3.39 0.26 5.43
C ILE A 49 4.48 -0.81 5.31
N THR A 50 4.42 -1.82 6.18
CA THR A 50 5.32 -2.97 6.12
C THR A 50 4.55 -4.26 5.84
N PHE A 51 4.93 -4.98 4.79
CA PHE A 51 4.27 -6.23 4.41
C PHE A 51 5.29 -7.32 4.06
N ARG A 52 4.81 -8.57 3.97
CA ARG A 52 5.69 -9.71 3.66
C ARG A 52 5.19 -10.52 2.44
N SER A 53 4.47 -9.86 1.53
CA SER A 53 3.93 -10.51 0.32
C SER A 53 3.04 -11.72 0.67
N THR A 54 2.27 -11.58 1.75
CA THR A 54 1.41 -12.67 2.24
C THR A 54 0.28 -13.03 1.25
N LYS A 55 0.60 -13.92 0.31
CA LYS A 55 -0.41 -14.45 -0.62
C LYS A 55 -0.08 -15.89 -1.06
N LYS A 56 0.85 -16.03 -2.00
CA LYS A 56 1.22 -17.36 -2.54
C LYS A 56 2.45 -17.97 -1.82
N GLU A 57 3.51 -17.16 -1.66
CA GLU A 57 4.81 -17.63 -1.16
C GLU A 57 5.41 -18.68 -2.10
N ASN A 58 5.99 -18.22 -3.20
CA ASN A 58 6.66 -19.08 -4.18
C ASN A 58 7.50 -18.22 -5.14
N ASP A 59 6.88 -17.16 -5.66
CA ASP A 59 7.58 -16.18 -6.48
C ASP A 59 7.49 -14.78 -5.82
N HIS A 60 8.37 -13.87 -6.23
CA HIS A 60 8.37 -12.51 -5.68
C HIS A 60 7.40 -11.63 -6.48
N LYS A 61 6.14 -11.55 -6.03
CA LYS A 61 5.14 -10.75 -6.74
C LYS A 61 5.25 -9.26 -6.36
N LEU A 62 6.24 -8.60 -6.93
CA LEU A 62 6.48 -7.16 -6.70
C LEU A 62 7.02 -6.50 -7.97
N ASN A 63 6.61 -5.26 -8.22
CA ASN A 63 7.13 -4.51 -9.36
C ASN A 63 8.44 -3.78 -9.00
N LYS A 64 9.15 -3.28 -10.00
CA LYS A 64 10.48 -2.71 -9.80
C LYS A 64 10.44 -1.18 -9.61
N TYR A 65 9.46 -0.53 -10.25
CA TYR A 65 9.34 0.93 -10.15
C TYR A 65 7.88 1.38 -10.41
N ALA A 66 6.93 0.47 -10.26
CA ALA A 66 5.52 0.74 -10.59
C ALA A 66 4.64 0.87 -9.33
N PHE A 67 3.33 1.00 -9.54
CA PHE A 67 2.37 1.23 -8.45
C PHE A 67 1.68 -0.07 -8.00
N LEU A 68 1.35 -0.14 -6.71
CA LEU A 68 0.56 -1.23 -6.15
C LEU A 68 -0.62 -0.69 -5.33
N ARG A 69 -1.71 -1.45 -5.30
CA ARG A 69 -2.90 -1.07 -4.52
C ARG A 69 -3.09 -2.08 -3.39
N LEU A 70 -2.98 -1.62 -2.14
CA LEU A 70 -3.01 -2.49 -0.97
C LEU A 70 -4.38 -2.50 -0.32
N TYR A 71 -4.81 -3.67 0.17
CA TYR A 71 -6.11 -3.83 0.82
C TYR A 71 -5.98 -4.41 2.23
N VAL A 72 -6.45 -3.66 3.23
CA VAL A 72 -6.48 -4.13 4.61
C VAL A 72 -7.93 -4.37 5.06
N ASP A 73 -8.12 -5.29 6.01
CA ASP A 73 -9.46 -5.60 6.52
C ASP A 73 -9.57 -5.31 8.02
N GLN A 74 -10.46 -4.37 8.37
CA GLN A 74 -10.66 -3.99 9.77
C GLN A 74 -11.74 -4.87 10.43
N ASP A 75 -11.35 -5.55 11.51
CA ASP A 75 -12.23 -6.52 12.19
C ASP A 75 -13.53 -5.86 12.68
N ASP A 76 -13.41 -4.73 13.37
CA ASP A 76 -14.57 -4.00 13.89
C ASP A 76 -14.23 -2.54 14.18
N ASN A 77 -15.25 -1.73 14.44
CA ASN A 77 -15.05 -0.33 14.81
C ASN A 77 -14.76 -0.21 16.32
N SER A 78 -13.54 0.17 16.66
CA SER A 78 -13.12 0.32 18.07
C SER A 78 -13.22 1.79 18.50
N LYS A 79 -14.28 2.47 18.06
CA LYS A 79 -14.50 3.91 18.28
C LYS A 79 -13.60 4.73 17.33
N ASN A 80 -13.20 4.11 16.22
CA ASN A 80 -12.40 4.76 15.19
C ASN A 80 -13.15 4.76 13.84
N GLU A 81 -12.43 4.98 12.76
CA GLU A 81 -13.00 4.86 11.41
C GLU A 81 -12.22 3.83 10.57
N ILE A 82 -10.93 4.08 10.37
CA ILE A 82 -10.07 3.20 9.57
C ILE A 82 -8.83 2.75 10.37
N SER A 83 -8.37 1.52 10.15
CA SER A 83 -7.16 1.01 10.81
C SER A 83 -6.38 0.08 9.88
N SER A 84 -5.24 -0.41 10.33
CA SER A 84 -4.40 -1.30 9.51
C SER A 84 -3.59 -2.28 10.37
N ILE A 85 -3.90 -3.57 10.24
CA ILE A 85 -3.20 -4.63 10.98
C ILE A 85 -2.29 -5.47 10.04
N GLU A 86 -2.78 -5.71 8.81
CA GLU A 86 -2.05 -6.51 7.81
C GLU A 86 -2.60 -6.27 6.40
N VAL A 87 -1.72 -6.25 5.42
CA VAL A 87 -2.12 -6.14 4.02
C VAL A 87 -2.44 -7.54 3.46
N LYS A 88 -3.72 -7.91 3.48
CA LYS A 88 -4.13 -9.26 3.08
C LYS A 88 -3.89 -9.53 1.59
N SER A 89 -3.82 -8.46 0.79
CA SER A 89 -3.52 -8.59 -0.64
C SER A 89 -3.22 -7.23 -1.29
N TYR A 90 -2.53 -7.28 -2.42
CA TYR A 90 -2.18 -6.07 -3.19
C TYR A 90 -2.08 -6.41 -4.70
N GLU A 91 -2.40 -5.44 -5.55
CA GLU A 91 -2.38 -5.67 -7.01
C GLU A 91 -1.64 -4.54 -7.74
N GLU A 92 -1.20 -4.81 -8.97
CA GLU A 92 -0.38 -3.87 -9.73
C GLU A 92 -1.26 -2.93 -10.57
N ILE A 93 -1.29 -1.64 -10.19
CA ILE A 93 -2.16 -0.66 -10.85
C ILE A 93 -1.36 0.47 -11.53
N GLN A 94 -2.06 1.39 -12.17
CA GLN A 94 -1.43 2.51 -12.88
C GLN A 94 -1.94 3.86 -12.35
N LYS A 95 -1.29 4.95 -12.76
CA LYS A 95 -1.62 6.30 -12.25
C LYS A 95 -3.08 6.70 -12.56
N ALA A 96 -3.64 6.16 -13.63
CA ALA A 96 -5.04 6.46 -14.02
C ALA A 96 -6.06 5.79 -13.08
N ASP A 97 -5.61 4.78 -12.33
CA ASP A 97 -6.48 4.05 -11.40
C ASP A 97 -6.53 4.76 -10.02
N LEU A 98 -5.51 5.57 -9.74
CA LEU A 98 -5.42 6.31 -8.49
C LEU A 98 -6.55 7.36 -8.36
N PRO A 99 -7.22 7.45 -7.19
CA PRO A 99 -8.24 8.50 -6.95
C PRO A 99 -7.65 9.92 -7.02
N GLU A 100 -8.52 10.91 -7.21
CA GLU A 100 -8.08 12.30 -7.48
C GLU A 100 -7.35 12.96 -6.31
N LYS A 101 -7.19 12.24 -5.20
CA LYS A 101 -6.35 12.71 -4.09
C LYS A 101 -4.95 12.08 -4.20
N VAL A 102 -4.92 10.75 -4.30
CA VAL A 102 -3.68 9.97 -4.37
C VAL A 102 -2.81 10.36 -5.58
N LYS A 103 -3.43 10.46 -6.75
CA LYS A 103 -2.69 10.75 -7.98
C LYS A 103 -1.87 12.05 -7.85
N ASP A 104 -2.47 13.10 -7.30
CA ASP A 104 -1.78 14.37 -7.07
C ASP A 104 -0.72 14.26 -5.96
N LYS A 105 -0.94 13.35 -5.00
CA LYS A 105 0.06 13.09 -3.95
C LYS A 105 1.33 12.45 -4.53
N PHE A 106 1.19 11.72 -5.64
CA PHE A 106 2.34 11.11 -6.33
C PHE A 106 2.97 12.07 -7.36
N THR A 107 2.15 12.89 -8.02
CA THR A 107 2.66 13.86 -8.99
C THR A 107 3.49 14.97 -8.32
N ILE A 108 2.98 15.46 -7.17
CA ILE A 108 3.65 16.51 -6.38
C ILE A 108 3.57 17.89 -7.04
N LYS A 109 4.05 17.97 -8.27
CA LYS A 109 4.01 19.19 -9.06
C LYS A 109 2.68 19.29 -9.83
N LEU A 110 1.68 19.93 -9.23
CA LEU A 110 0.36 20.07 -9.85
C LEU A 110 0.35 21.15 -10.95
N GLU A 111 1.13 22.21 -10.73
CA GLU A 111 1.17 23.35 -11.67
C GLU A 111 2.61 23.86 -11.85
N MET A 1 -7.46 22.64 16.28
CA MET A 1 -8.87 23.16 16.23
C MET A 1 -9.23 23.71 14.85
N GLU A 2 -8.32 23.62 13.88
CA GLU A 2 -8.61 24.01 12.50
C GLU A 2 -9.44 22.92 11.81
N ARG A 3 -10.35 23.35 10.93
CA ARG A 3 -11.24 22.42 10.22
C ARG A 3 -10.53 21.77 9.03
N ALA A 4 -10.86 20.51 8.75
CA ALA A 4 -10.29 19.80 7.61
C ALA A 4 -11.29 19.75 6.42
N SER A 5 -10.77 19.95 5.21
CA SER A 5 -11.61 19.85 4.00
C SER A 5 -12.05 18.39 3.77
N LEU A 6 -11.21 17.45 4.15
CA LEU A 6 -11.56 16.02 4.08
C LEU A 6 -12.72 15.71 5.03
N ASN A 7 -13.78 15.10 4.49
CA ASN A 7 -15.03 14.88 5.24
C ASN A 7 -14.90 13.77 6.31
N ARG A 8 -13.69 13.53 6.82
CA ARG A 8 -13.44 12.50 7.83
C ARG A 8 -13.85 11.09 7.35
N ILE A 9 -14.02 10.95 6.03
CA ILE A 9 -14.39 9.67 5.42
C ILE A 9 -13.22 9.10 4.61
N GLY A 10 -12.78 7.90 4.98
CA GLY A 10 -11.70 7.23 4.25
C GLY A 10 -12.16 5.91 3.64
N LYS A 11 -11.23 5.14 3.09
CA LYS A 11 -11.57 3.86 2.47
C LYS A 11 -10.74 2.69 3.04
N ASP A 12 -11.03 1.51 2.52
CA ASP A 12 -10.27 0.29 2.82
C ASP A 12 -9.35 -0.07 1.64
N VAL A 13 -9.10 0.93 0.77
CA VAL A 13 -8.24 0.77 -0.40
C VAL A 13 -7.03 1.72 -0.31
N TYR A 14 -5.83 1.16 -0.19
CA TYR A 14 -4.62 1.97 -0.01
C TYR A 14 -3.63 1.77 -1.17
N TYR A 15 -3.13 2.88 -1.70
CA TYR A 15 -2.21 2.86 -2.84
C TYR A 15 -0.75 3.02 -2.39
N MET A 16 0.16 2.28 -3.02
CA MET A 16 1.58 2.30 -2.63
C MET A 16 2.52 2.30 -3.85
N GLN A 17 3.71 2.89 -3.70
CA GLN A 17 4.73 2.88 -4.76
C GLN A 17 5.96 2.08 -4.31
N ILE A 18 6.49 1.25 -5.21
CA ILE A 18 7.66 0.42 -4.90
C ILE A 18 8.96 1.22 -4.85
N LYS A 19 9.60 1.25 -3.68
CA LYS A 19 10.92 1.86 -3.53
C LYS A 19 11.93 0.84 -2.99
N GLY A 20 12.61 0.16 -3.91
CA GLY A 20 13.61 -0.85 -3.54
C GLY A 20 13.87 -1.84 -4.68
N GLU A 21 14.09 -3.10 -4.33
CA GLU A 21 14.34 -4.15 -5.33
C GLU A 21 14.28 -5.55 -4.69
N GLY A 22 14.88 -5.70 -3.51
CA GLY A 22 14.85 -6.98 -2.81
C GLY A 22 15.88 -7.07 -1.69
N THR A 23 15.51 -6.66 -0.49
CA THR A 23 16.42 -6.69 0.67
C THR A 23 16.12 -7.86 1.61
N ILE A 24 17.15 -8.34 2.30
CA ILE A 24 17.03 -9.41 3.30
C ILE A 24 17.55 -8.92 4.67
N GLU A 25 16.74 -9.13 5.72
CA GLU A 25 17.15 -8.76 7.09
C GLU A 25 17.17 -10.00 7.99
N LYS A 26 18.26 -10.16 8.76
CA LYS A 26 18.46 -11.36 9.57
C LYS A 26 17.83 -11.21 10.96
N VAL A 27 16.69 -11.87 11.17
CA VAL A 27 15.92 -11.78 12.42
C VAL A 27 15.98 -13.10 13.22
N ASP A 28 16.44 -13.01 14.48
CA ASP A 28 16.57 -14.20 15.36
C ASP A 28 17.48 -15.28 14.75
N GLY A 29 18.46 -14.86 13.95
CA GLY A 29 19.34 -15.80 13.27
C GLY A 29 18.68 -16.44 12.05
N ARG A 30 17.61 -15.82 11.55
CA ARG A 30 16.88 -16.29 10.38
C ARG A 30 16.71 -15.17 9.34
N ASN A 31 17.17 -15.41 8.12
CA ASN A 31 17.12 -14.40 7.06
C ASN A 31 15.69 -14.26 6.50
N LEU A 32 15.01 -13.17 6.88
CA LEU A 32 13.64 -12.90 6.44
C LEU A 32 13.59 -11.72 5.47
N ARG A 33 12.51 -11.63 4.68
CA ARG A 33 12.33 -10.52 3.73
C ARG A 33 11.09 -9.67 4.08
N ASN A 34 11.33 -8.50 4.67
CA ASN A 34 10.25 -7.57 5.04
C ASN A 34 10.45 -6.20 4.37
N TYR A 35 9.35 -5.60 3.91
CA TYR A 35 9.42 -4.32 3.19
C TYR A 35 8.41 -3.30 3.75
N THR A 36 8.93 -2.14 4.16
CA THR A 36 8.10 -1.07 4.72
C THR A 36 8.01 0.13 3.77
N LEU A 37 6.83 0.37 3.23
CA LEU A 37 6.62 1.47 2.26
C LEU A 37 5.41 2.35 2.65
N PRO A 38 5.42 3.64 2.25
CA PRO A 38 4.32 4.56 2.52
C PRO A 38 3.11 4.32 1.59
N ALA A 39 1.90 4.49 2.12
CA ALA A 39 0.67 4.32 1.35
C ALA A 39 -0.20 5.58 1.38
N TYR A 40 -1.22 5.63 0.53
CA TYR A 40 -2.14 6.78 0.49
C TYR A 40 -3.59 6.33 0.24
N ASP A 41 -4.54 6.98 0.92
CA ASP A 41 -5.97 6.69 0.74
C ASP A 41 -6.50 7.39 -0.54
N GLU A 42 -7.80 7.33 -0.78
CA GLU A 42 -8.41 7.87 -2.01
C GLU A 42 -8.04 9.35 -2.30
N ASP A 43 -7.98 10.16 -1.25
CA ASP A 43 -7.65 11.59 -1.40
C ASP A 43 -6.16 11.86 -1.05
N GLY A 44 -5.39 10.80 -0.89
CA GLY A 44 -3.98 10.94 -0.59
C GLY A 44 -3.68 11.00 0.90
N VAL A 45 -4.60 10.53 1.72
CA VAL A 45 -4.38 10.44 3.17
C VAL A 45 -3.26 9.44 3.48
N LYS A 46 -2.12 9.94 3.93
CA LYS A 46 -0.92 9.13 4.09
C LYS A 46 -1.08 8.04 5.16
N LYS A 47 -0.73 6.81 4.78
CA LYS A 47 -0.73 5.65 5.66
C LYS A 47 0.67 5.00 5.67
N GLN A 48 0.92 4.07 6.58
CA GLN A 48 2.20 3.34 6.62
C GLN A 48 1.96 1.82 6.69
N ILE A 49 2.42 1.09 5.69
CA ILE A 49 2.15 -0.35 5.59
C ILE A 49 3.45 -1.16 5.39
N THR A 50 3.63 -2.18 6.23
CA THR A 50 4.77 -3.11 6.12
C THR A 50 4.31 -4.48 5.62
N PHE A 51 4.83 -4.91 4.48
CA PHE A 51 4.42 -6.18 3.88
C PHE A 51 5.63 -7.06 3.49
N ARG A 52 5.35 -8.30 3.11
CA ARG A 52 6.41 -9.21 2.65
C ARG A 52 5.95 -9.99 1.41
N SER A 53 6.90 -10.38 0.56
CA SER A 53 6.60 -11.27 -0.57
C SER A 53 6.16 -12.65 -0.05
N THR A 54 4.85 -12.91 -0.09
CA THR A 54 4.27 -14.10 0.57
C THR A 54 4.59 -15.40 -0.18
N LYS A 55 4.14 -15.52 -1.42
CA LYS A 55 4.37 -16.74 -2.20
C LYS A 55 5.87 -16.98 -2.50
N LYS A 56 6.26 -18.24 -2.50
CA LYS A 56 7.64 -18.62 -2.84
C LYS A 56 7.84 -18.70 -4.36
N GLU A 57 6.86 -19.26 -5.06
CA GLU A 57 6.90 -19.40 -6.52
C GLU A 57 6.35 -18.15 -7.23
N ASN A 58 5.69 -17.28 -6.48
CA ASN A 58 5.09 -16.05 -7.04
C ASN A 58 5.49 -14.83 -6.20
N ASP A 59 4.88 -13.66 -6.48
CA ASP A 59 5.05 -12.44 -5.67
C ASP A 59 6.43 -11.76 -5.85
N HIS A 60 7.49 -12.54 -5.92
CA HIS A 60 8.86 -12.01 -5.85
C HIS A 60 9.37 -11.42 -7.18
N LYS A 61 8.48 -10.87 -8.01
CA LYS A 61 8.91 -10.16 -9.22
C LYS A 61 9.24 -8.69 -8.90
N LEU A 62 8.19 -7.93 -8.57
CA LEU A 62 8.32 -6.53 -8.14
C LEU A 62 9.10 -5.65 -9.12
N ASN A 63 8.38 -4.87 -9.93
CA ASN A 63 9.02 -3.85 -10.76
C ASN A 63 9.64 -2.76 -9.86
N LYS A 64 10.88 -2.39 -10.16
CA LYS A 64 11.69 -1.55 -9.28
C LYS A 64 10.99 -0.23 -8.90
N TYR A 65 10.16 0.31 -9.79
CA TYR A 65 9.37 1.52 -9.51
C TYR A 65 7.96 1.42 -10.11
N ALA A 66 7.11 0.60 -9.49
CA ALA A 66 5.72 0.42 -9.94
C ALA A 66 4.72 0.82 -8.84
N PHE A 67 3.43 0.80 -9.19
CA PHE A 67 2.37 1.15 -8.24
C PHE A 67 1.52 -0.08 -7.88
N LEU A 68 1.15 -0.18 -6.60
CA LEU A 68 0.33 -1.31 -6.12
C LEU A 68 -1.00 -0.82 -5.53
N ARG A 69 -2.02 -1.66 -5.61
CA ARG A 69 -3.30 -1.40 -4.96
C ARG A 69 -3.54 -2.42 -3.85
N LEU A 70 -3.60 -1.95 -2.61
CA LEU A 70 -3.69 -2.82 -1.43
C LEU A 70 -5.10 -2.79 -0.81
N TYR A 71 -5.57 -3.96 -0.40
CA TYR A 71 -6.88 -4.09 0.26
C TYR A 71 -6.72 -4.58 1.70
N VAL A 72 -7.40 -3.91 2.63
CA VAL A 72 -7.31 -4.24 4.06
C VAL A 72 -8.57 -4.98 4.55
N ASP A 73 -8.43 -5.74 5.62
CA ASP A 73 -9.58 -6.43 6.22
C ASP A 73 -9.52 -6.38 7.76
N GLN A 74 -10.61 -5.98 8.38
CA GLN A 74 -10.73 -5.99 9.84
C GLN A 74 -11.86 -6.93 10.29
N ASP A 75 -11.48 -8.01 10.95
CA ASP A 75 -12.41 -9.06 11.37
C ASP A 75 -13.62 -8.51 12.15
N ASP A 76 -13.36 -7.60 13.09
CA ASP A 76 -14.42 -7.05 13.95
C ASP A 76 -14.94 -5.70 13.41
N ASN A 77 -16.17 -5.71 12.90
CA ASN A 77 -16.79 -4.49 12.32
C ASN A 77 -18.32 -4.55 12.40
N SER A 78 -18.92 -3.61 13.11
CA SER A 78 -20.39 -3.52 13.21
C SER A 78 -21.00 -2.65 12.11
N LYS A 79 -20.66 -1.35 12.13
CA LYS A 79 -21.20 -0.39 11.15
C LYS A 79 -20.21 0.77 10.90
N ASN A 80 -19.64 0.81 9.69
CA ASN A 80 -18.62 1.82 9.33
C ASN A 80 -17.44 1.82 10.32
N GLU A 81 -17.30 0.73 11.06
CA GLU A 81 -16.34 0.62 12.15
C GLU A 81 -15.02 -0.02 11.68
N ILE A 82 -14.88 -0.20 10.37
CA ILE A 82 -13.69 -0.82 9.79
C ILE A 82 -12.66 0.22 9.32
N SER A 83 -11.41 0.07 9.79
CA SER A 83 -10.28 0.90 9.34
C SER A 83 -8.97 0.38 9.95
N SER A 84 -8.06 -0.10 9.10
CA SER A 84 -6.81 -0.72 9.57
C SER A 84 -5.75 -0.74 8.45
N ILE A 85 -4.55 -1.24 8.79
CA ILE A 85 -3.46 -1.39 7.81
C ILE A 85 -3.20 -2.86 7.47
N GLU A 86 -4.01 -3.76 8.03
CA GLU A 86 -3.85 -5.21 7.79
C GLU A 86 -4.23 -5.58 6.35
N VAL A 87 -3.24 -5.49 5.45
CA VAL A 87 -3.47 -5.78 4.03
C VAL A 87 -3.58 -7.30 3.76
N LYS A 88 -4.74 -7.73 3.28
CA LYS A 88 -4.99 -9.14 2.95
C LYS A 88 -4.50 -9.51 1.55
N SER A 89 -4.44 -8.52 0.66
CA SER A 89 -4.01 -8.75 -0.73
C SER A 89 -3.58 -7.45 -1.43
N TYR A 90 -2.69 -7.57 -2.42
CA TYR A 90 -2.20 -6.43 -3.19
C TYR A 90 -2.00 -6.80 -4.66
N GLU A 91 -2.18 -5.85 -5.57
CA GLU A 91 -2.02 -6.09 -7.00
C GLU A 91 -1.21 -4.99 -7.69
N GLU A 92 -0.63 -5.29 -8.86
CA GLU A 92 0.16 -4.32 -9.61
C GLU A 92 -0.73 -3.53 -10.59
N ILE A 93 -0.78 -2.20 -10.42
CA ILE A 93 -1.68 -1.35 -11.20
C ILE A 93 -0.94 -0.26 -11.99
N GLN A 94 -1.71 0.53 -12.74
CA GLN A 94 -1.17 1.67 -13.51
C GLN A 94 -1.58 3.00 -12.83
N LYS A 95 -0.98 4.11 -13.26
CA LYS A 95 -1.26 5.41 -12.64
C LYS A 95 -2.74 5.82 -12.82
N ALA A 96 -3.42 5.19 -13.79
CA ALA A 96 -4.86 5.44 -14.01
C ALA A 96 -5.72 5.02 -12.81
N ASP A 97 -5.37 3.89 -12.19
CA ASP A 97 -6.10 3.41 -11.00
C ASP A 97 -5.91 4.36 -9.81
N LEU A 98 -4.82 5.11 -9.83
CA LEU A 98 -4.55 6.12 -8.79
C LEU A 98 -5.41 7.37 -9.00
N PRO A 99 -6.38 7.66 -8.12
CA PRO A 99 -7.24 8.85 -8.25
C PRO A 99 -6.40 10.15 -8.29
N GLU A 100 -7.04 11.26 -8.67
CA GLU A 100 -6.33 12.52 -8.93
C GLU A 100 -5.42 12.93 -7.76
N LYS A 101 -5.96 12.99 -6.55
CA LYS A 101 -5.17 13.50 -5.42
C LYS A 101 -4.03 12.55 -5.05
N VAL A 102 -4.18 11.27 -5.41
CA VAL A 102 -3.12 10.28 -5.18
C VAL A 102 -1.93 10.51 -6.14
N LYS A 103 -2.23 10.72 -7.43
CA LYS A 103 -1.16 11.01 -8.40
C LYS A 103 -0.46 12.34 -8.08
N ASP A 104 -1.18 13.29 -7.48
CA ASP A 104 -0.56 14.51 -6.94
C ASP A 104 0.45 14.18 -5.83
N LYS A 105 0.05 13.34 -4.87
CA LYS A 105 0.93 12.95 -3.76
C LYS A 105 2.19 12.25 -4.25
N PHE A 106 2.09 11.47 -5.32
CA PHE A 106 3.23 10.75 -5.88
C PHE A 106 4.12 11.65 -6.76
N THR A 107 3.53 12.62 -7.47
CA THR A 107 4.31 13.56 -8.28
C THR A 107 4.88 14.70 -7.42
N ILE A 108 4.32 14.85 -6.21
CA ILE A 108 4.80 15.83 -5.20
C ILE A 108 4.41 17.28 -5.55
N LYS A 109 4.25 17.57 -6.83
CA LYS A 109 3.81 18.89 -7.29
C LYS A 109 2.27 18.99 -7.32
N LEU A 110 1.72 20.06 -6.76
CA LEU A 110 0.26 20.27 -6.76
C LEU A 110 -0.10 21.69 -7.23
N GLU A 111 -1.36 21.90 -7.59
CA GLU A 111 -1.84 23.22 -8.05
C GLU A 111 -2.51 24.02 -6.91
N MET A 1 5.21 23.33 -3.88
CA MET A 1 5.26 21.84 -4.00
C MET A 1 4.66 21.17 -2.74
N GLU A 2 3.34 20.99 -2.72
CA GLU A 2 2.68 20.41 -1.56
C GLU A 2 1.29 19.84 -1.91
N ARG A 3 1.00 18.63 -1.39
CA ARG A 3 -0.33 18.02 -1.51
C ARG A 3 -0.80 17.53 -0.13
N ALA A 4 -1.40 18.42 0.63
CA ALA A 4 -1.81 18.13 2.01
C ALA A 4 -3.07 17.24 2.09
N SER A 5 -3.50 16.93 3.32
CA SER A 5 -4.69 16.11 3.55
C SER A 5 -5.61 16.78 4.59
N LEU A 6 -6.73 17.33 4.13
CA LEU A 6 -7.65 18.07 5.01
C LEU A 6 -8.83 17.20 5.46
N ASN A 7 -9.36 16.40 4.53
CA ASN A 7 -10.56 15.60 4.79
C ASN A 7 -10.35 14.54 5.88
N ARG A 8 -11.39 14.32 6.69
CA ARG A 8 -11.39 13.28 7.73
C ARG A 8 -11.92 11.94 7.17
N ILE A 9 -12.40 11.98 5.94
CA ILE A 9 -12.94 10.80 5.25
C ILE A 9 -11.82 9.92 4.68
N GLY A 10 -12.05 8.62 4.58
CA GLY A 10 -11.11 7.71 3.94
C GLY A 10 -11.74 6.41 3.46
N LYS A 11 -10.93 5.48 3.00
CA LYS A 11 -11.41 4.17 2.53
C LYS A 11 -10.52 3.01 2.99
N ASP A 12 -10.96 1.78 2.71
CA ASP A 12 -10.20 0.58 3.07
C ASP A 12 -9.29 0.11 1.93
N VAL A 13 -9.18 0.93 0.88
CA VAL A 13 -8.29 0.65 -0.25
C VAL A 13 -7.11 1.63 -0.27
N TYR A 14 -5.90 1.11 -0.06
CA TYR A 14 -4.69 1.94 0.00
C TYR A 14 -3.74 1.64 -1.16
N TYR A 15 -3.26 2.69 -1.81
CA TYR A 15 -2.35 2.57 -2.96
C TYR A 15 -0.89 2.79 -2.53
N MET A 16 -0.01 1.86 -2.89
CA MET A 16 1.40 1.94 -2.48
C MET A 16 2.34 1.57 -3.64
N GLN A 17 3.45 2.31 -3.76
CA GLN A 17 4.41 2.08 -4.86
C GLN A 17 5.65 1.31 -4.37
N ILE A 18 5.98 0.21 -5.07
CA ILE A 18 7.20 -0.55 -4.77
C ILE A 18 8.47 0.24 -5.15
N LYS A 19 9.39 0.36 -4.19
CA LYS A 19 10.65 1.07 -4.40
C LYS A 19 11.73 0.58 -3.42
N GLY A 20 12.69 -0.20 -3.93
CA GLY A 20 13.76 -0.72 -3.09
C GLY A 20 14.60 -1.80 -3.77
N GLU A 21 15.87 -1.89 -3.38
CA GLU A 21 16.80 -2.88 -3.95
C GLU A 21 16.46 -4.32 -3.50
N GLY A 22 16.13 -4.48 -2.23
CA GLY A 22 15.87 -5.80 -1.67
C GLY A 22 16.50 -5.98 -0.28
N THR A 23 15.78 -5.57 0.75
CA THR A 23 16.29 -5.58 2.12
C THR A 23 16.17 -6.97 2.78
N ILE A 24 17.30 -7.51 3.22
CA ILE A 24 17.34 -8.79 3.95
C ILE A 24 17.62 -8.53 5.45
N GLU A 25 16.65 -8.88 6.30
CA GLU A 25 16.80 -8.70 7.75
C GLU A 25 17.03 -10.06 8.44
N LYS A 26 18.20 -10.20 9.06
CA LYS A 26 18.62 -11.47 9.64
C LYS A 26 18.22 -11.57 11.13
N VAL A 27 17.17 -12.36 11.41
CA VAL A 27 16.65 -12.52 12.77
C VAL A 27 16.83 -13.98 13.26
N ASP A 28 17.35 -14.15 14.48
CA ASP A 28 17.63 -15.49 15.05
C ASP A 28 18.59 -16.30 14.16
N GLY A 29 19.39 -15.62 13.36
CA GLY A 29 20.25 -16.29 12.39
C GLY A 29 19.47 -16.80 11.17
N ARG A 30 18.35 -16.14 10.88
CA ARG A 30 17.50 -16.51 9.75
C ARG A 30 17.23 -15.31 8.83
N ASN A 31 17.34 -15.51 7.53
CA ASN A 31 17.09 -14.44 6.54
C ASN A 31 15.58 -14.16 6.39
N LEU A 32 15.12 -13.08 7.02
CA LEU A 32 13.73 -12.63 6.88
C LEU A 32 13.66 -11.27 6.14
N ARG A 33 13.17 -11.28 4.91
CA ARG A 33 13.13 -10.05 4.10
C ARG A 33 11.76 -9.35 4.21
N ASN A 34 11.78 -8.13 4.75
CA ASN A 34 10.56 -7.33 4.91
C ASN A 34 10.76 -5.90 4.37
N TYR A 35 9.72 -5.31 3.82
CA TYR A 35 9.83 -3.99 3.17
C TYR A 35 8.83 -2.98 3.76
N THR A 36 9.26 -1.73 3.89
CA THR A 36 8.43 -0.67 4.49
C THR A 36 8.23 0.49 3.52
N LEU A 37 7.01 0.65 3.00
CA LEU A 37 6.70 1.66 1.99
C LEU A 37 5.49 2.52 2.38
N PRO A 38 5.40 3.78 1.88
CA PRO A 38 4.26 4.66 2.15
C PRO A 38 3.02 4.37 1.28
N ALA A 39 1.83 4.42 1.89
CA ALA A 39 0.57 4.15 1.19
C ALA A 39 -0.43 5.30 1.38
N TYR A 40 -1.23 5.56 0.35
CA TYR A 40 -2.25 6.62 0.37
C TYR A 40 -3.61 6.07 -0.11
N ASP A 41 -4.69 6.41 0.59
CA ASP A 41 -6.04 5.96 0.19
C ASP A 41 -6.66 6.94 -0.82
N GLU A 42 -7.98 6.80 -1.07
CA GLU A 42 -8.69 7.62 -2.07
C GLU A 42 -8.36 9.12 -1.96
N ASP A 43 -8.46 9.68 -0.75
CA ASP A 43 -8.11 11.10 -0.53
C ASP A 43 -6.59 11.29 -0.47
N GLY A 44 -5.90 10.28 0.05
CA GLY A 44 -4.46 10.37 0.22
C GLY A 44 -4.04 10.64 1.67
N VAL A 45 -4.75 10.04 2.62
CA VAL A 45 -4.34 10.10 4.03
C VAL A 45 -3.05 9.29 4.23
N LYS A 46 -1.99 9.96 4.64
CA LYS A 46 -0.66 9.35 4.64
C LYS A 46 -0.49 8.24 5.70
N LYS A 47 -0.26 7.02 5.21
CA LYS A 47 0.09 5.89 6.06
C LYS A 47 1.38 5.24 5.54
N GLN A 48 1.99 4.37 6.33
CA GLN A 48 3.19 3.63 5.88
C GLN A 48 3.07 2.14 6.24
N ILE A 49 3.02 1.30 5.22
CA ILE A 49 2.78 -0.14 5.40
C ILE A 49 4.08 -0.96 5.34
N THR A 50 4.34 -1.73 6.38
CA THR A 50 5.45 -2.69 6.39
C THR A 50 4.94 -4.10 6.06
N PHE A 51 5.36 -4.66 4.93
CA PHE A 51 4.91 -5.99 4.53
C PHE A 51 6.06 -6.99 4.48
N ARG A 52 5.84 -8.15 5.09
CA ARG A 52 6.81 -9.25 5.07
C ARG A 52 6.78 -9.98 3.73
N SER A 53 7.87 -10.67 3.40
CA SER A 53 7.92 -11.48 2.19
C SER A 53 6.91 -12.62 2.23
N THR A 54 6.16 -12.79 1.14
CA THR A 54 5.15 -13.85 1.04
C THR A 54 5.80 -15.25 1.04
N LYS A 55 4.97 -16.29 1.02
CA LYS A 55 5.47 -17.68 1.09
C LYS A 55 4.92 -18.57 -0.04
N LYS A 56 4.03 -18.03 -0.87
CA LYS A 56 3.44 -18.81 -1.98
C LYS A 56 4.31 -18.72 -3.24
N GLU A 57 4.81 -17.53 -3.54
CA GLU A 57 5.68 -17.31 -4.69
C GLU A 57 7.15 -17.13 -4.26
N ASN A 58 8.06 -17.47 -5.16
CA ASN A 58 9.51 -17.45 -4.86
C ASN A 58 10.29 -16.51 -5.81
N ASP A 59 9.78 -16.32 -7.03
CA ASP A 59 10.50 -15.54 -8.06
C ASP A 59 10.35 -14.02 -7.85
N HIS A 60 11.27 -13.27 -8.44
CA HIS A 60 11.29 -11.80 -8.32
C HIS A 60 10.17 -11.14 -9.14
N LYS A 61 9.02 -10.94 -8.50
CA LYS A 61 7.90 -10.22 -9.15
C LYS A 61 7.94 -8.71 -8.86
N LEU A 62 8.39 -8.35 -7.66
CA LEU A 62 8.43 -6.94 -7.24
C LEU A 62 9.43 -6.11 -8.07
N ASN A 63 8.92 -5.33 -9.01
CA ASN A 63 9.74 -4.44 -9.83
C ASN A 63 10.49 -3.39 -8.98
N LYS A 64 11.48 -2.73 -9.55
CA LYS A 64 12.23 -1.68 -8.85
C LYS A 64 11.38 -0.40 -8.68
N TYR A 65 10.39 -0.23 -9.55
CA TYR A 65 9.45 0.88 -9.45
C TYR A 65 8.09 0.51 -10.07
N ALA A 66 7.11 0.17 -9.23
CA ALA A 66 5.79 -0.26 -9.69
C ALA A 66 4.68 0.18 -8.72
N PHE A 67 3.50 0.46 -9.26
CA PHE A 67 2.35 0.89 -8.44
C PHE A 67 1.45 -0.30 -8.06
N LEU A 68 1.06 -0.37 -6.79
CA LEU A 68 0.17 -1.44 -6.31
C LEU A 68 -1.11 -0.88 -5.67
N ARG A 69 -2.19 -1.64 -5.76
CA ARG A 69 -3.44 -1.32 -5.06
C ARG A 69 -3.71 -2.37 -3.97
N LEU A 70 -3.73 -1.92 -2.72
CA LEU A 70 -3.91 -2.84 -1.59
C LEU A 70 -5.31 -2.73 -0.97
N TYR A 71 -5.81 -3.85 -0.46
CA TYR A 71 -7.11 -3.89 0.22
C TYR A 71 -6.92 -4.40 1.66
N VAL A 72 -7.50 -3.68 2.63
CA VAL A 72 -7.40 -4.10 4.04
C VAL A 72 -8.71 -4.71 4.52
N ASP A 73 -8.64 -5.59 5.52
CA ASP A 73 -9.83 -6.27 6.03
C ASP A 73 -10.20 -5.79 7.45
N GLN A 74 -11.41 -5.26 7.60
CA GLN A 74 -11.90 -4.78 8.89
C GLN A 74 -12.80 -5.84 9.55
N ASP A 75 -12.57 -6.08 10.84
CA ASP A 75 -13.38 -7.05 11.59
C ASP A 75 -14.67 -6.41 12.13
N ASP A 76 -14.59 -5.13 12.49
CA ASP A 76 -15.72 -4.42 13.11
C ASP A 76 -16.22 -5.15 14.37
N ASN A 77 -15.33 -5.96 14.95
CA ASN A 77 -15.67 -6.83 16.07
C ASN A 77 -16.04 -6.05 17.35
N SER A 78 -15.31 -4.98 17.64
CA SER A 78 -15.55 -4.20 18.87
C SER A 78 -15.51 -2.69 18.59
N LYS A 79 -15.79 -1.90 19.63
CA LYS A 79 -15.87 -0.44 19.52
C LYS A 79 -14.56 0.25 19.96
N ASN A 80 -13.51 -0.55 20.19
CA ASN A 80 -12.25 -0.04 20.74
C ASN A 80 -11.51 0.91 19.77
N GLU A 81 -10.76 0.33 18.83
CA GLU A 81 -9.88 1.12 17.95
C GLU A 81 -9.86 0.57 16.52
N ILE A 82 -9.71 1.46 15.54
CA ILE A 82 -9.48 1.04 14.16
C ILE A 82 -7.98 1.12 13.84
N SER A 83 -7.32 -0.03 13.82
CA SER A 83 -5.87 -0.10 13.59
C SER A 83 -5.51 -1.31 12.72
N SER A 84 -6.47 -1.75 11.92
CA SER A 84 -6.31 -2.95 11.09
C SER A 84 -5.40 -2.69 9.88
N ILE A 85 -4.18 -3.24 9.93
CA ILE A 85 -3.26 -3.20 8.79
C ILE A 85 -3.32 -4.52 8.00
N GLU A 86 -4.22 -5.40 8.44
CA GLU A 86 -4.40 -6.73 7.84
C GLU A 86 -4.82 -6.62 6.36
N VAL A 87 -3.84 -6.60 5.46
CA VAL A 87 -4.11 -6.54 4.02
C VAL A 87 -4.69 -7.88 3.50
N LYS A 88 -5.94 -7.85 3.05
CA LYS A 88 -6.60 -9.07 2.55
C LYS A 88 -6.03 -9.51 1.20
N SER A 89 -5.55 -8.55 0.40
CA SER A 89 -4.94 -8.84 -0.91
C SER A 89 -4.39 -7.56 -1.58
N TYR A 90 -3.63 -7.73 -2.65
CA TYR A 90 -3.06 -6.60 -3.40
C TYR A 90 -2.91 -6.93 -4.90
N GLU A 91 -2.90 -5.89 -5.73
CA GLU A 91 -2.79 -6.05 -7.20
C GLU A 91 -1.83 -5.02 -7.80
N GLU A 92 -1.29 -5.30 -8.99
CA GLU A 92 -0.41 -4.37 -9.70
C GLU A 92 -1.22 -3.41 -10.59
N ILE A 93 -1.03 -2.12 -10.39
CA ILE A 93 -1.72 -1.09 -11.17
C ILE A 93 -0.72 -0.16 -11.87
N GLN A 94 -1.21 0.80 -12.64
CA GLN A 94 -0.35 1.74 -13.36
C GLN A 94 -0.56 3.19 -12.88
N LYS A 95 0.27 4.10 -13.38
CA LYS A 95 0.23 5.52 -12.97
C LYS A 95 -1.16 6.15 -13.20
N ALA A 96 -1.87 5.68 -14.23
CA ALA A 96 -3.21 6.19 -14.56
C ALA A 96 -4.29 5.67 -13.58
N ASP A 97 -4.01 4.55 -12.91
CA ASP A 97 -4.99 3.93 -12.01
C ASP A 97 -5.20 4.76 -10.73
N LEU A 98 -4.13 5.39 -10.26
CA LEU A 98 -4.19 6.22 -9.05
C LEU A 98 -5.30 7.27 -9.15
N PRO A 99 -6.27 7.29 -8.21
CA PRO A 99 -7.35 8.29 -8.20
C PRO A 99 -6.85 9.73 -8.42
N GLU A 100 -7.76 10.60 -8.86
CA GLU A 100 -7.41 12.00 -9.15
C GLU A 100 -6.91 12.76 -7.89
N LYS A 101 -6.90 12.08 -6.75
CA LYS A 101 -6.28 12.62 -5.54
C LYS A 101 -4.92 11.94 -5.27
N VAL A 102 -4.93 10.61 -5.25
CA VAL A 102 -3.74 9.80 -4.99
C VAL A 102 -2.57 10.16 -5.92
N LYS A 103 -2.87 10.30 -7.21
CA LYS A 103 -1.83 10.59 -8.20
C LYS A 103 -1.00 11.83 -7.82
N ASP A 104 -1.67 12.87 -7.33
CA ASP A 104 -0.97 14.08 -6.87
C ASP A 104 -0.24 13.86 -5.54
N LYS A 105 -0.80 13.01 -4.68
CA LYS A 105 -0.15 12.67 -3.40
C LYS A 105 1.23 12.01 -3.63
N PHE A 106 1.36 11.32 -4.76
CA PHE A 106 2.64 10.68 -5.13
C PHE A 106 3.52 11.60 -6.01
N THR A 107 2.94 12.18 -7.06
CA THR A 107 3.73 12.98 -8.03
C THR A 107 4.15 14.34 -7.45
N ILE A 108 3.22 15.00 -6.75
CA ILE A 108 3.46 16.34 -6.17
C ILE A 108 4.11 17.28 -7.21
N LYS A 109 3.49 17.34 -8.40
CA LYS A 109 3.97 18.15 -9.54
C LYS A 109 5.19 17.53 -10.25
N LEU A 110 6.12 16.96 -9.48
CA LEU A 110 7.36 16.40 -10.04
C LEU A 110 7.09 15.12 -10.86
N GLU A 111 7.55 15.12 -12.11
CA GLU A 111 7.33 13.98 -13.02
C GLU A 111 8.56 13.04 -13.10
N MET A 1 -14.44 -0.18 -22.27
CA MET A 1 -15.85 -0.43 -21.86
C MET A 1 -16.42 0.73 -21.03
N GLU A 2 -15.77 1.89 -21.08
CA GLU A 2 -16.18 3.06 -20.29
C GLU A 2 -17.48 3.68 -20.86
N ARG A 3 -18.61 3.07 -20.52
CA ARG A 3 -19.92 3.56 -20.99
C ARG A 3 -20.31 4.89 -20.34
N ALA A 4 -20.06 5.03 -19.04
CA ALA A 4 -20.43 6.24 -18.29
C ALA A 4 -19.42 6.54 -17.18
N SER A 5 -19.56 7.69 -16.53
CA SER A 5 -18.69 8.06 -15.41
C SER A 5 -19.00 7.21 -14.18
N LEU A 6 -18.30 6.08 -14.07
CA LEU A 6 -18.51 5.13 -12.97
C LEU A 6 -17.42 5.32 -11.89
N ASN A 7 -17.86 5.59 -10.65
CA ASN A 7 -16.94 5.80 -9.53
C ASN A 7 -16.40 4.47 -8.97
N ARG A 8 -15.10 4.42 -8.69
CA ARG A 8 -14.47 3.25 -8.08
C ARG A 8 -13.87 3.61 -6.71
N ILE A 9 -14.73 4.05 -5.80
CA ILE A 9 -14.29 4.52 -4.47
C ILE A 9 -14.66 3.53 -3.36
N GLY A 10 -13.78 3.41 -2.37
CA GLY A 10 -14.03 2.55 -1.21
C GLY A 10 -13.33 3.05 0.04
N LYS A 11 -13.15 2.17 1.03
CA LYS A 11 -12.44 2.52 2.27
C LYS A 11 -11.48 1.39 2.69
N ASP A 12 -10.51 1.73 3.55
CA ASP A 12 -9.47 0.79 3.97
C ASP A 12 -8.61 0.37 2.77
N VAL A 13 -8.50 1.27 1.78
CA VAL A 13 -7.72 1.01 0.56
C VAL A 13 -6.51 1.95 0.46
N TYR A 14 -5.30 1.37 0.42
CA TYR A 14 -4.07 2.16 0.37
C TYR A 14 -3.39 2.05 -1.00
N TYR A 15 -2.53 3.03 -1.31
CA TYR A 15 -1.76 3.04 -2.56
C TYR A 15 -0.27 3.24 -2.27
N MET A 16 0.55 2.27 -2.66
CA MET A 16 1.98 2.30 -2.36
C MET A 16 2.85 2.25 -3.63
N GLN A 17 3.94 3.01 -3.62
CA GLN A 17 4.91 2.99 -4.73
C GLN A 17 6.11 2.10 -4.38
N ILE A 18 6.37 1.09 -5.20
CA ILE A 18 7.54 0.22 -5.00
C ILE A 18 8.82 0.94 -5.44
N LYS A 19 9.88 0.80 -4.65
CA LYS A 19 11.15 1.50 -4.92
C LYS A 19 12.34 0.78 -4.28
N GLY A 20 13.08 0.01 -5.08
CA GLY A 20 14.27 -0.66 -4.57
C GLY A 20 14.44 -2.09 -5.10
N GLU A 21 15.65 -2.63 -4.96
CA GLU A 21 15.95 -4.00 -5.42
C GLU A 21 15.48 -5.05 -4.39
N GLY A 22 15.71 -4.79 -3.11
CA GLY A 22 15.30 -5.72 -2.06
C GLY A 22 16.18 -5.65 -0.81
N THR A 23 15.55 -5.75 0.36
CA THR A 23 16.29 -5.72 1.65
C THR A 23 16.08 -7.02 2.44
N ILE A 24 17.13 -7.49 3.10
CA ILE A 24 17.07 -8.74 3.88
C ILE A 24 17.12 -8.47 5.39
N GLU A 25 16.17 -9.04 6.13
CA GLU A 25 16.12 -8.89 7.58
C GLU A 25 16.19 -10.27 8.28
N LYS A 26 17.30 -10.54 8.95
CA LYS A 26 17.46 -11.81 9.69
C LYS A 26 16.93 -11.71 11.12
N VAL A 27 15.82 -12.37 11.38
CA VAL A 27 15.25 -12.47 12.73
C VAL A 27 15.44 -13.89 13.28
N ASP A 28 16.13 -14.01 14.41
CA ASP A 28 16.50 -15.32 14.97
C ASP A 28 17.36 -16.13 13.97
N GLY A 29 18.13 -15.41 13.14
CA GLY A 29 18.98 -16.05 12.13
C GLY A 29 18.22 -16.41 10.85
N ARG A 30 16.94 -16.04 10.78
CA ARG A 30 16.11 -16.36 9.61
C ARG A 30 16.08 -15.17 8.64
N ASN A 31 16.54 -15.38 7.41
CA ASN A 31 16.55 -14.32 6.40
C ASN A 31 15.14 -14.11 5.82
N LEU A 32 14.47 -13.08 6.31
CA LEU A 32 13.08 -12.81 5.93
C LEU A 32 12.97 -11.64 4.93
N ARG A 33 12.21 -11.84 3.87
CA ARG A 33 11.99 -10.80 2.85
C ARG A 33 10.79 -9.91 3.19
N ASN A 34 11.05 -8.71 3.68
CA ASN A 34 9.98 -7.73 3.94
C ASN A 34 10.37 -6.34 3.41
N TYR A 35 9.38 -5.57 3.01
CA TYR A 35 9.60 -4.20 2.50
C TYR A 35 8.86 -3.17 3.35
N THR A 36 9.50 -2.03 3.60
CA THR A 36 8.87 -0.93 4.33
C THR A 36 8.79 0.33 3.45
N LEU A 37 7.58 0.66 3.01
CA LEU A 37 7.40 1.73 2.01
C LEU A 37 6.24 2.69 2.39
N PRO A 38 6.27 3.92 1.85
CA PRO A 38 5.19 4.91 2.08
C PRO A 38 3.95 4.64 1.19
N ALA A 39 2.78 4.61 1.83
CA ALA A 39 1.51 4.42 1.14
C ALA A 39 0.53 5.55 1.47
N TYR A 40 -0.48 5.73 0.62
CA TYR A 40 -1.49 6.78 0.84
C TYR A 40 -2.92 6.22 0.75
N ASP A 41 -3.79 6.66 1.66
CA ASP A 41 -5.23 6.37 1.54
C ASP A 41 -5.81 7.04 0.29
N GLU A 42 -7.09 6.76 0.00
CA GLU A 42 -7.77 7.34 -1.16
C GLU A 42 -7.72 8.89 -1.15
N ASP A 43 -7.74 9.47 0.05
CA ASP A 43 -7.63 10.94 0.20
C ASP A 43 -6.17 11.42 0.08
N GLY A 44 -5.23 10.49 0.15
CA GLY A 44 -3.82 10.83 0.09
C GLY A 44 -3.18 11.02 1.46
N VAL A 45 -3.58 10.20 2.42
CA VAL A 45 -3.04 10.26 3.79
C VAL A 45 -1.79 9.39 3.92
N LYS A 46 -0.71 9.97 4.44
CA LYS A 46 0.59 9.28 4.52
C LYS A 46 0.62 8.21 5.63
N LYS A 47 0.71 6.96 5.22
CA LYS A 47 0.94 5.82 6.13
C LYS A 47 2.12 4.98 5.64
N GLN A 48 3.08 4.71 6.51
CA GLN A 48 4.25 3.90 6.14
C GLN A 48 4.04 2.44 6.54
N ILE A 49 3.90 1.58 5.53
CA ILE A 49 3.52 0.17 5.73
C ILE A 49 4.67 -0.80 5.47
N THR A 50 4.83 -1.79 6.35
CA THR A 50 5.80 -2.88 6.16
C THR A 50 5.08 -4.17 5.77
N PHE A 51 5.32 -4.66 4.56
CA PHE A 51 4.64 -5.88 4.09
C PHE A 51 5.64 -7.01 3.78
N ARG A 52 5.18 -8.24 3.97
CA ARG A 52 5.99 -9.43 3.71
C ARG A 52 5.82 -9.90 2.26
N SER A 53 6.90 -9.88 1.48
CA SER A 53 6.81 -10.25 0.05
C SER A 53 6.45 -11.73 -0.12
N THR A 54 5.30 -11.99 -0.75
CA THR A 54 4.81 -13.36 -0.92
C THR A 54 5.64 -14.17 -1.92
N LYS A 55 5.68 -15.49 -1.70
CA LYS A 55 6.47 -16.40 -2.52
C LYS A 55 5.68 -16.88 -3.75
N LYS A 56 5.14 -15.91 -4.51
CA LYS A 56 4.33 -16.21 -5.69
C LYS A 56 5.09 -17.08 -6.71
N GLU A 57 6.32 -16.65 -7.04
CA GLU A 57 7.24 -17.32 -7.99
C GLU A 57 6.62 -17.63 -9.38
N ASN A 58 5.50 -18.35 -9.43
CA ASN A 58 4.75 -18.60 -10.69
C ASN A 58 4.82 -17.40 -11.66
N ASP A 59 4.65 -16.19 -11.14
CA ASP A 59 4.76 -14.98 -11.94
C ASP A 59 5.31 -13.82 -11.07
N HIS A 60 5.21 -12.58 -11.58
CA HIS A 60 5.75 -11.40 -10.90
C HIS A 60 5.11 -11.19 -9.51
N LYS A 61 5.96 -11.14 -8.48
CA LYS A 61 5.48 -10.88 -7.11
C LYS A 61 5.48 -9.38 -6.81
N LEU A 62 6.48 -8.67 -7.34
CA LEU A 62 6.65 -7.22 -7.16
C LEU A 62 7.45 -6.62 -8.32
N ASN A 63 6.96 -5.53 -8.91
CA ASN A 63 7.71 -4.80 -9.93
C ASN A 63 8.57 -3.71 -9.26
N LYS A 64 9.78 -3.49 -9.78
CA LYS A 64 10.76 -2.60 -9.14
C LYS A 64 10.26 -1.15 -9.00
N TYR A 65 9.71 -0.60 -10.07
CA TYR A 65 9.17 0.77 -10.04
C TYR A 65 7.72 0.80 -10.53
N ALA A 66 6.78 0.53 -9.64
CA ALA A 66 5.36 0.47 -9.99
C ALA A 66 4.46 0.91 -8.81
N PHE A 67 3.16 1.01 -9.09
CA PHE A 67 2.17 1.42 -8.09
C PHE A 67 1.21 0.26 -7.75
N LEU A 68 1.00 0.02 -6.46
CA LEU A 68 0.13 -1.07 -6.01
C LEU A 68 -1.07 -0.54 -5.20
N ARG A 69 -2.15 -1.31 -5.17
CA ARG A 69 -3.32 -1.00 -4.36
C ARG A 69 -3.47 -2.05 -3.25
N LEU A 70 -3.34 -1.61 -2.00
CA LEU A 70 -3.35 -2.52 -0.85
C LEU A 70 -4.73 -2.53 -0.16
N TYR A 71 -5.13 -3.69 0.32
CA TYR A 71 -6.40 -3.84 1.02
C TYR A 71 -6.19 -4.29 2.48
N VAL A 72 -6.94 -3.68 3.38
CA VAL A 72 -6.93 -4.07 4.79
C VAL A 72 -8.37 -4.07 5.35
N ASP A 73 -8.62 -4.87 6.36
CA ASP A 73 -9.93 -4.91 6.99
C ASP A 73 -9.82 -4.87 8.52
N GLN A 74 -10.56 -3.95 9.14
CA GLN A 74 -10.57 -3.81 10.60
C GLN A 74 -11.88 -4.36 11.17
N ASP A 75 -11.79 -5.42 11.97
CA ASP A 75 -12.96 -6.10 12.51
C ASP A 75 -13.69 -5.26 13.58
N ASP A 76 -12.94 -4.52 14.39
CA ASP A 76 -13.51 -3.70 15.47
C ASP A 76 -14.27 -4.56 16.51
N ASN A 77 -13.79 -5.79 16.70
CA ASN A 77 -14.43 -6.73 17.64
C ASN A 77 -14.05 -6.42 19.10
N SER A 78 -15.05 -6.43 19.99
CA SER A 78 -14.81 -6.13 21.40
C SER A 78 -14.14 -7.29 22.14
N LYS A 79 -14.59 -8.52 21.85
CA LYS A 79 -14.06 -9.72 22.50
C LYS A 79 -12.64 -10.05 22.04
N ASN A 80 -12.40 -9.98 20.72
CA ASN A 80 -11.10 -10.36 20.15
C ASN A 80 -10.02 -9.31 20.45
N GLU A 81 -8.78 -9.76 20.65
CA GLU A 81 -7.64 -8.87 20.94
C GLU A 81 -6.66 -8.86 19.75
N ILE A 82 -6.57 -9.99 19.05
CA ILE A 82 -5.63 -10.14 17.93
C ILE A 82 -6.30 -9.79 16.59
N SER A 83 -5.99 -8.61 16.07
CA SER A 83 -6.64 -8.10 14.86
C SER A 83 -5.67 -8.04 13.68
N SER A 84 -6.05 -8.62 12.54
CA SER A 84 -5.22 -8.56 11.34
C SER A 84 -5.36 -7.19 10.65
N ILE A 85 -4.76 -6.17 11.25
CA ILE A 85 -4.78 -4.81 10.70
C ILE A 85 -3.67 -4.61 9.66
N GLU A 86 -2.93 -5.68 9.38
CA GLU A 86 -1.90 -5.67 8.33
C GLU A 86 -2.52 -5.96 6.95
N VAL A 87 -1.74 -5.77 5.89
CA VAL A 87 -2.25 -5.93 4.52
C VAL A 87 -2.74 -7.36 4.24
N LYS A 88 -4.01 -7.51 3.88
CA LYS A 88 -4.59 -8.83 3.59
C LYS A 88 -4.44 -9.21 2.10
N SER A 89 -4.34 -8.20 1.23
CA SER A 89 -4.16 -8.42 -0.21
C SER A 89 -3.60 -7.17 -0.88
N TYR A 90 -2.89 -7.34 -2.00
CA TYR A 90 -2.41 -6.20 -2.79
C TYR A 90 -2.63 -6.43 -4.28
N GLU A 91 -2.84 -5.35 -5.02
CA GLU A 91 -3.17 -5.41 -6.45
C GLU A 91 -2.16 -4.60 -7.29
N GLU A 92 -1.84 -5.08 -8.49
CA GLU A 92 -0.95 -4.36 -9.40
C GLU A 92 -1.75 -3.41 -10.31
N ILE A 93 -1.58 -2.11 -10.12
CA ILE A 93 -2.40 -1.11 -10.83
C ILE A 93 -1.54 -0.15 -11.67
N GLN A 94 -2.22 0.71 -12.41
CA GLN A 94 -1.58 1.75 -13.21
C GLN A 94 -1.94 3.15 -12.67
N LYS A 95 -1.32 4.18 -13.21
CA LYS A 95 -1.52 5.56 -12.74
C LYS A 95 -3.01 5.96 -12.76
N ALA A 96 -3.79 5.33 -13.64
CA ALA A 96 -5.23 5.57 -13.75
C ALA A 96 -5.99 5.21 -12.46
N ASP A 97 -5.54 4.15 -11.78
CA ASP A 97 -6.18 3.70 -10.53
C ASP A 97 -5.87 4.63 -9.35
N LEU A 98 -4.94 5.57 -9.55
CA LEU A 98 -4.58 6.54 -8.50
C LEU A 98 -5.54 7.74 -8.51
N PRO A 99 -6.45 7.84 -7.53
CA PRO A 99 -7.46 8.92 -7.46
C PRO A 99 -6.82 10.32 -7.48
N GLU A 100 -7.63 11.32 -7.84
CA GLU A 100 -7.15 12.71 -8.03
C GLU A 100 -6.28 13.22 -6.86
N LYS A 101 -6.59 12.79 -5.64
CA LYS A 101 -5.78 13.16 -4.48
C LYS A 101 -4.44 12.40 -4.46
N VAL A 102 -4.51 11.08 -4.55
CA VAL A 102 -3.31 10.22 -4.50
C VAL A 102 -2.30 10.55 -5.61
N LYS A 103 -2.77 10.67 -6.85
CA LYS A 103 -1.90 10.95 -7.99
C LYS A 103 -1.02 12.19 -7.73
N ASP A 104 -1.61 13.24 -7.18
CA ASP A 104 -0.88 14.47 -6.86
C ASP A 104 0.04 14.30 -5.64
N LYS A 105 -0.35 13.44 -4.70
CA LYS A 105 0.48 13.16 -3.52
C LYS A 105 1.76 12.38 -3.90
N PHE A 106 1.76 11.72 -5.06
CA PHE A 106 2.96 11.05 -5.58
C PHE A 106 3.82 11.99 -6.45
N THR A 107 3.18 12.82 -7.28
CA THR A 107 3.93 13.74 -8.17
C THR A 107 4.19 15.10 -7.51
N ILE A 108 3.54 15.36 -6.36
CA ILE A 108 3.70 16.62 -5.62
C ILE A 108 3.40 17.85 -6.51
N LYS A 109 2.51 17.68 -7.50
CA LYS A 109 2.23 18.76 -8.45
C LYS A 109 1.00 19.58 -8.06
N LEU A 110 1.24 20.67 -7.33
CA LEU A 110 0.18 21.64 -7.01
C LEU A 110 0.17 22.77 -8.04
N GLU A 111 1.33 23.06 -8.61
CA GLU A 111 1.49 24.13 -9.60
C GLU A 111 1.96 23.57 -10.96
N MET A 1 -13.52 16.80 -12.56
CA MET A 1 -12.82 18.06 -12.16
C MET A 1 -13.69 18.95 -11.27
N GLU A 2 -14.85 19.37 -11.79
CA GLU A 2 -15.69 20.36 -11.08
C GLU A 2 -17.07 19.80 -10.69
N ARG A 3 -17.21 18.48 -10.72
CA ARG A 3 -18.42 17.82 -10.22
C ARG A 3 -18.06 16.75 -9.17
N ALA A 4 -18.26 17.07 -7.90
CA ALA A 4 -17.89 16.16 -6.81
C ALA A 4 -19.11 15.50 -6.17
N SER A 5 -19.26 14.19 -6.38
CA SER A 5 -20.33 13.41 -5.74
C SER A 5 -19.87 12.96 -4.35
N LEU A 6 -20.24 13.72 -3.33
CA LEU A 6 -19.81 13.44 -1.95
C LEU A 6 -20.41 12.15 -1.40
N ASN A 7 -19.71 11.04 -1.57
CA ASN A 7 -20.06 9.79 -0.89
C ASN A 7 -19.51 9.80 0.54
N ARG A 8 -20.40 9.77 1.52
CA ARG A 8 -20.01 9.94 2.93
C ARG A 8 -19.23 8.72 3.48
N ILE A 9 -19.20 7.64 2.71
CA ILE A 9 -18.48 6.42 3.11
C ILE A 9 -17.14 6.30 2.38
N GLY A 10 -16.08 5.99 3.12
CA GLY A 10 -14.76 5.81 2.51
C GLY A 10 -14.22 4.40 2.68
N LYS A 11 -12.97 4.19 2.27
CA LYS A 11 -12.36 2.85 2.34
C LYS A 11 -10.85 2.95 2.62
N ASP A 12 -10.34 2.09 3.50
CA ASP A 12 -8.91 2.03 3.79
C ASP A 12 -8.14 1.29 2.67
N VAL A 13 -8.24 1.82 1.46
CA VAL A 13 -7.51 1.28 0.31
C VAL A 13 -6.20 2.02 0.12
N TYR A 14 -5.09 1.31 0.14
CA TYR A 14 -3.75 1.93 0.12
C TYR A 14 -3.10 1.83 -1.27
N TYR A 15 -2.43 2.90 -1.67
CA TYR A 15 -1.73 2.94 -2.96
C TYR A 15 -0.23 3.12 -2.75
N MET A 16 0.53 2.11 -3.16
CA MET A 16 1.99 2.09 -2.93
C MET A 16 2.76 1.94 -4.24
N GLN A 17 3.75 2.80 -4.46
CA GLN A 17 4.65 2.66 -5.60
C GLN A 17 5.93 1.92 -5.17
N ILE A 18 6.18 0.76 -5.76
CA ILE A 18 7.33 -0.07 -5.38
C ILE A 18 8.67 0.67 -5.57
N LYS A 19 9.34 1.00 -4.47
CA LYS A 19 10.67 1.59 -4.54
C LYS A 19 11.74 0.49 -4.70
N GLY A 20 11.46 -0.68 -4.11
CA GLY A 20 12.35 -1.82 -4.25
C GLY A 20 13.10 -2.16 -2.97
N GLU A 21 14.27 -2.78 -3.12
CA GLU A 21 15.15 -3.16 -2.01
C GLU A 21 14.51 -4.21 -1.08
N GLY A 22 14.54 -5.47 -1.49
CA GLY A 22 14.18 -6.57 -0.60
C GLY A 22 15.26 -6.80 0.45
N THR A 23 15.22 -6.02 1.54
CA THR A 23 16.32 -5.98 2.50
C THR A 23 16.27 -7.14 3.51
N ILE A 24 17.42 -7.38 4.15
CA ILE A 24 17.56 -8.50 5.09
C ILE A 24 17.22 -8.07 6.53
N GLU A 25 16.51 -8.95 7.24
CA GLU A 25 16.16 -8.73 8.64
C GLU A 25 16.31 -10.05 9.42
N LYS A 26 17.31 -10.14 10.29
CA LYS A 26 17.59 -11.38 11.00
C LYS A 26 16.73 -11.49 12.28
N VAL A 27 15.69 -12.32 12.21
CA VAL A 27 14.77 -12.52 13.32
C VAL A 27 14.73 -14.00 13.71
N ASP A 28 14.76 -14.29 15.01
CA ASP A 28 14.80 -15.68 15.52
C ASP A 28 16.06 -16.41 15.02
N GLY A 29 17.06 -15.64 14.60
CA GLY A 29 18.28 -16.21 14.03
C GLY A 29 18.14 -16.60 12.56
N ARG A 30 17.07 -16.15 11.92
CA ARG A 30 16.84 -16.43 10.50
C ARG A 30 16.89 -15.13 9.67
N ASN A 31 17.58 -15.18 8.53
CA ASN A 31 17.67 -14.03 7.63
C ASN A 31 16.42 -13.92 6.74
N LEU A 32 15.53 -12.99 7.09
CA LEU A 32 14.28 -12.78 6.34
C LEU A 32 14.43 -11.59 5.37
N ARG A 33 13.56 -11.51 4.36
CA ARG A 33 13.56 -10.38 3.42
C ARG A 33 12.22 -9.64 3.44
N ASN A 34 12.24 -8.32 3.62
CA ASN A 34 11.02 -7.50 3.70
C ASN A 34 11.12 -6.25 2.83
N TYR A 35 9.96 -5.66 2.52
CA TYR A 35 9.89 -4.38 1.81
C TYR A 35 9.19 -3.32 2.66
N THR A 36 9.85 -2.19 2.89
CA THR A 36 9.25 -1.07 3.62
C THR A 36 9.07 0.14 2.69
N LEU A 37 7.82 0.44 2.33
CA LEU A 37 7.53 1.44 1.29
C LEU A 37 6.37 2.37 1.68
N PRO A 38 6.37 3.62 1.18
CA PRO A 38 5.29 4.59 1.46
C PRO A 38 3.99 4.28 0.67
N ALA A 39 2.85 4.65 1.27
CA ALA A 39 1.54 4.40 0.65
C ALA A 39 0.51 5.45 1.08
N TYR A 40 -0.45 5.76 0.20
CA TYR A 40 -1.50 6.75 0.50
C TYR A 40 -2.90 6.13 0.33
N ASP A 41 -3.87 6.60 1.11
CA ASP A 41 -5.26 6.13 0.96
C ASP A 41 -6.00 6.98 -0.09
N GLU A 42 -7.32 6.81 -0.20
CA GLU A 42 -8.10 7.57 -1.19
C GLU A 42 -7.98 9.09 -0.98
N ASP A 43 -7.81 9.52 0.27
CA ASP A 43 -7.63 10.95 0.57
C ASP A 43 -6.18 11.40 0.28
N GLY A 44 -5.23 10.48 0.43
CA GLY A 44 -3.83 10.81 0.15
C GLY A 44 -3.00 11.06 1.41
N VAL A 45 -3.40 10.48 2.54
CA VAL A 45 -2.63 10.59 3.77
C VAL A 45 -1.35 9.75 3.69
N LYS A 46 -0.22 10.33 4.10
CA LYS A 46 1.08 9.67 3.99
C LYS A 46 1.26 8.53 5.01
N LYS A 47 1.19 7.29 4.52
CA LYS A 47 1.46 6.11 5.33
C LYS A 47 2.76 5.44 4.87
N GLN A 48 3.29 4.53 5.69
CA GLN A 48 4.46 3.73 5.29
C GLN A 48 4.29 2.28 5.76
N ILE A 49 4.15 1.38 4.78
CA ILE A 49 3.81 -0.03 5.05
C ILE A 49 5.00 -0.97 4.84
N THR A 50 5.28 -1.81 5.85
CA THR A 50 6.29 -2.87 5.72
C THR A 50 5.61 -4.22 5.47
N PHE A 51 5.86 -4.82 4.32
CA PHE A 51 5.21 -6.08 3.94
C PHE A 51 6.22 -7.10 3.40
N ARG A 52 5.79 -8.36 3.34
CA ARG A 52 6.59 -9.43 2.76
C ARG A 52 5.85 -10.07 1.57
N SER A 53 6.53 -10.21 0.44
CA SER A 53 5.92 -10.78 -0.77
C SER A 53 5.55 -12.26 -0.57
N THR A 54 4.41 -12.49 0.08
CA THR A 54 3.95 -13.86 0.40
C THR A 54 3.60 -14.69 -0.84
N LYS A 55 2.64 -14.21 -1.63
CA LYS A 55 2.08 -15.01 -2.73
C LYS A 55 2.96 -15.00 -4.00
N LYS A 56 3.43 -13.82 -4.41
CA LYS A 56 4.27 -13.70 -5.62
C LYS A 56 5.74 -14.02 -5.32
N GLU A 57 6.24 -13.54 -4.19
CA GLU A 57 7.63 -13.79 -3.73
C GLU A 57 8.70 -13.06 -4.57
N ASN A 58 8.91 -13.53 -5.80
CA ASN A 58 10.07 -13.14 -6.62
C ASN A 58 10.22 -11.62 -6.81
N ASP A 59 11.46 -11.14 -6.69
CA ASP A 59 11.80 -9.72 -6.86
C ASP A 59 11.37 -9.18 -8.24
N HIS A 60 11.59 -9.99 -9.28
CA HIS A 60 11.28 -9.57 -10.66
C HIS A 60 9.76 -9.48 -10.92
N LYS A 61 8.95 -9.84 -9.93
CA LYS A 61 7.49 -9.68 -10.04
C LYS A 61 7.06 -8.30 -9.49
N LEU A 62 7.89 -7.72 -8.61
CA LEU A 62 7.65 -6.37 -8.09
C LEU A 62 8.48 -5.35 -8.89
N ASN A 63 7.90 -4.83 -9.96
CA ASN A 63 8.58 -3.86 -10.82
C ASN A 63 8.75 -2.51 -10.11
N LYS A 64 10.00 -2.05 -9.99
CA LYS A 64 10.27 -0.74 -9.37
C LYS A 64 9.57 0.40 -10.13
N TYR A 65 9.03 1.35 -9.38
CA TYR A 65 8.29 2.49 -9.92
C TYR A 65 6.94 2.09 -10.55
N ALA A 66 6.43 0.92 -10.16
CA ALA A 66 5.07 0.51 -10.52
C ALA A 66 4.09 0.76 -9.37
N PHE A 67 2.82 1.02 -9.69
CA PHE A 67 1.80 1.33 -8.69
C PHE A 67 1.00 0.09 -8.27
N LEU A 68 0.86 -0.12 -6.95
CA LEU A 68 0.06 -1.23 -6.41
C LEU A 68 -1.09 -0.72 -5.52
N ARG A 69 -2.19 -1.48 -5.50
CA ARG A 69 -3.35 -1.16 -4.67
C ARG A 69 -3.55 -2.26 -3.60
N LEU A 70 -3.45 -1.88 -2.33
CA LEU A 70 -3.52 -2.84 -1.21
C LEU A 70 -4.88 -2.79 -0.50
N TYR A 71 -5.32 -3.93 0.03
CA TYR A 71 -6.62 -4.04 0.73
C TYR A 71 -6.46 -4.54 2.16
N VAL A 72 -7.22 -3.94 3.08
CA VAL A 72 -7.27 -4.34 4.49
C VAL A 72 -8.61 -5.01 4.82
N ASP A 73 -8.67 -5.78 5.91
CA ASP A 73 -9.92 -6.43 6.34
C ASP A 73 -10.16 -6.23 7.85
N GLN A 74 -11.41 -5.97 8.23
CA GLN A 74 -11.77 -5.78 9.63
C GLN A 74 -12.38 -7.05 10.24
N ASP A 75 -11.96 -7.38 11.46
CA ASP A 75 -12.36 -8.62 12.12
C ASP A 75 -13.80 -8.55 12.67
N ASP A 76 -14.09 -7.51 13.44
CA ASP A 76 -15.44 -7.28 14.02
C ASP A 76 -16.00 -8.49 14.81
N ASN A 77 -15.16 -9.45 15.17
CA ASN A 77 -15.61 -10.64 15.92
C ASN A 77 -15.40 -10.48 17.43
N SER A 78 -16.32 -11.04 18.22
CA SER A 78 -16.27 -10.90 19.69
C SER A 78 -15.05 -11.62 20.31
N LYS A 79 -14.34 -12.39 19.50
CA LYS A 79 -13.09 -13.04 19.94
C LYS A 79 -12.05 -11.99 20.37
N ASN A 80 -12.01 -10.88 19.63
CA ASN A 80 -11.15 -9.73 19.96
C ASN A 80 -9.67 -10.11 20.06
N GLU A 81 -9.28 -11.23 19.46
CA GLU A 81 -7.91 -11.74 19.58
C GLU A 81 -6.93 -10.99 18.66
N ILE A 82 -7.11 -11.12 17.35
CA ILE A 82 -6.21 -10.49 16.37
C ILE A 82 -6.89 -9.29 15.69
N SER A 83 -6.44 -8.08 16.03
CA SER A 83 -6.93 -6.85 15.38
C SER A 83 -6.29 -6.70 13.98
N SER A 84 -7.10 -6.88 12.94
CA SER A 84 -6.58 -6.87 11.57
C SER A 84 -6.55 -5.47 10.93
N ILE A 85 -5.38 -4.85 10.96
CA ILE A 85 -5.11 -3.64 10.17
C ILE A 85 -4.14 -4.00 9.02
N GLU A 86 -3.83 -5.29 8.91
CA GLU A 86 -2.87 -5.81 7.94
C GLU A 86 -3.44 -5.84 6.51
N VAL A 87 -2.56 -5.97 5.54
CA VAL A 87 -2.96 -6.08 4.13
C VAL A 87 -3.23 -7.55 3.74
N LYS A 88 -4.44 -7.83 3.26
CA LYS A 88 -4.81 -9.21 2.88
C LYS A 88 -4.56 -9.50 1.39
N SER A 89 -4.59 -8.46 0.56
CA SER A 89 -4.37 -8.62 -0.89
C SER A 89 -3.84 -7.33 -1.54
N TYR A 90 -3.20 -7.47 -2.69
CA TYR A 90 -2.68 -6.32 -3.44
C TYR A 90 -2.70 -6.58 -4.97
N GLU A 91 -3.10 -5.56 -5.73
CA GLU A 91 -3.22 -5.65 -7.20
C GLU A 91 -2.40 -4.56 -7.90
N GLU A 92 -1.97 -4.81 -9.14
CA GLU A 92 -1.17 -3.83 -9.87
C GLU A 92 -2.07 -2.88 -10.70
N ILE A 93 -1.86 -1.57 -10.53
CA ILE A 93 -2.66 -0.55 -11.22
C ILE A 93 -1.78 0.54 -11.84
N GLN A 94 -2.42 1.49 -12.53
CA GLN A 94 -1.71 2.63 -13.12
C GLN A 94 -2.15 3.95 -12.47
N LYS A 95 -1.48 5.05 -12.83
CA LYS A 95 -1.79 6.37 -12.24
C LYS A 95 -3.25 6.78 -12.48
N ALA A 96 -3.83 6.32 -13.58
CA ALA A 96 -5.24 6.59 -13.91
C ALA A 96 -6.19 6.09 -12.80
N ASP A 97 -5.84 4.96 -12.18
CA ASP A 97 -6.66 4.38 -11.11
C ASP A 97 -6.28 4.91 -9.72
N LEU A 98 -5.27 5.77 -9.66
CA LEU A 98 -4.94 6.49 -8.43
C LEU A 98 -5.88 7.68 -8.24
N PRO A 99 -6.58 7.78 -7.08
CA PRO A 99 -7.49 8.89 -6.78
C PRO A 99 -6.88 10.27 -7.09
N GLU A 100 -7.76 11.25 -7.31
CA GLU A 100 -7.35 12.56 -7.85
C GLU A 100 -6.30 13.28 -6.97
N LYS A 101 -6.22 12.90 -5.69
CA LYS A 101 -5.16 13.42 -4.81
C LYS A 101 -3.87 12.58 -4.94
N VAL A 102 -4.01 11.27 -4.79
CA VAL A 102 -2.88 10.33 -4.81
C VAL A 102 -2.01 10.46 -6.07
N LYS A 103 -2.64 10.60 -7.23
CA LYS A 103 -1.90 10.73 -8.50
C LYS A 103 -0.90 11.90 -8.45
N ASP A 104 -1.31 13.03 -7.88
CA ASP A 104 -0.41 14.19 -7.70
C ASP A 104 0.52 14.00 -6.49
N LYS A 105 0.17 13.09 -5.57
CA LYS A 105 1.03 12.78 -4.43
C LYS A 105 2.31 12.04 -4.87
N PHE A 106 2.19 11.17 -5.87
CA PHE A 106 3.34 10.44 -6.41
C PHE A 106 4.11 11.27 -7.45
N THR A 107 3.38 11.90 -8.38
CA THR A 107 4.01 12.69 -9.45
C THR A 107 4.53 14.05 -8.95
N ILE A 108 3.93 14.54 -7.86
CA ILE A 108 4.26 15.85 -7.28
C ILE A 108 4.03 16.98 -8.30
N LYS A 109 2.76 17.37 -8.46
CA LYS A 109 2.38 18.56 -9.25
C LYS A 109 2.65 18.41 -10.75
N LEU A 110 3.07 17.23 -11.20
CA LEU A 110 3.50 17.03 -12.59
C LEU A 110 2.46 16.30 -13.46
N GLU A 111 2.26 16.82 -14.68
CA GLU A 111 1.48 16.14 -15.72
C GLU A 111 2.42 15.31 -16.63
#